data_6AA4
# 
_entry.id   6AA4 
# 
_audit_conform.dict_name       mmcif_pdbx.dic 
_audit_conform.dict_version    5.397 
_audit_conform.dict_location   http://mmcif.pdb.org/dictionaries/ascii/mmcif_pdbx.dic 
# 
loop_
_database_2.database_id 
_database_2.database_code 
_database_2.pdbx_database_accession 
_database_2.pdbx_DOI 
PDB   6AA4         pdb_00006aa4 10.2210/pdb6aa4/pdb 
WWPDB D_1300008402 ?            ?                   
# 
loop_
_pdbx_audit_revision_history.ordinal 
_pdbx_audit_revision_history.data_content_type 
_pdbx_audit_revision_history.major_revision 
_pdbx_audit_revision_history.minor_revision 
_pdbx_audit_revision_history.revision_date 
1 'Structure model' 1 0 2019-03-06 
2 'Structure model' 1 1 2023-11-22 
3 'Structure model' 1 2 2024-10-23 
# 
_pdbx_audit_revision_details.ordinal             1 
_pdbx_audit_revision_details.revision_ordinal    1 
_pdbx_audit_revision_details.data_content_type   'Structure model' 
_pdbx_audit_revision_details.provider            repository 
_pdbx_audit_revision_details.type                'Initial release' 
_pdbx_audit_revision_details.description         ? 
_pdbx_audit_revision_details.details             ? 
# 
loop_
_pdbx_audit_revision_group.ordinal 
_pdbx_audit_revision_group.revision_ordinal 
_pdbx_audit_revision_group.data_content_type 
_pdbx_audit_revision_group.group 
1 2 'Structure model' 'Data collection'        
2 2 'Structure model' 'Database references'    
3 2 'Structure model' 'Derived calculations'   
4 2 'Structure model' 'Refinement description' 
5 3 'Structure model' 'Structure summary'      
# 
loop_
_pdbx_audit_revision_category.ordinal 
_pdbx_audit_revision_category.revision_ordinal 
_pdbx_audit_revision_category.data_content_type 
_pdbx_audit_revision_category.category 
1 2 'Structure model' chem_comp_atom                
2 2 'Structure model' chem_comp_bond                
3 2 'Structure model' database_2                    
4 2 'Structure model' pdbx_initial_refinement_model 
5 2 'Structure model' pdbx_struct_conn_angle        
6 2 'Structure model' struct_conn                   
7 3 'Structure model' pdbx_entry_details            
8 3 'Structure model' pdbx_modification_feature     
# 
loop_
_pdbx_audit_revision_item.ordinal 
_pdbx_audit_revision_item.revision_ordinal 
_pdbx_audit_revision_item.data_content_type 
_pdbx_audit_revision_item.item 
1  2 'Structure model' '_database_2.pdbx_DOI'                       
2  2 'Structure model' '_database_2.pdbx_database_accession'        
3  2 'Structure model' '_pdbx_struct_conn_angle.ptnr1_auth_seq_id'  
4  2 'Structure model' '_pdbx_struct_conn_angle.ptnr1_label_seq_id' 
5  2 'Structure model' '_pdbx_struct_conn_angle.ptnr3_auth_seq_id'  
6  2 'Structure model' '_pdbx_struct_conn_angle.ptnr3_label_seq_id' 
7  2 'Structure model' '_pdbx_struct_conn_angle.value'              
8  2 'Structure model' '_struct_conn.pdbx_dist_value'               
9  2 'Structure model' '_struct_conn.ptnr1_auth_seq_id'             
10 2 'Structure model' '_struct_conn.ptnr1_label_seq_id'            
11 2 'Structure model' '_struct_conn.ptnr2_symmetry'                
# 
_pdbx_database_status.status_code                     REL 
_pdbx_database_status.status_code_sf                  REL 
_pdbx_database_status.status_code_mr                  ? 
_pdbx_database_status.entry_id                        6AA4 
_pdbx_database_status.recvd_initial_deposition_date   2018-07-17 
_pdbx_database_status.SG_entry                        N 
_pdbx_database_status.deposit_site                    PDBJ 
_pdbx_database_status.process_site                    PDBJ 
_pdbx_database_status.status_code_cs                  ? 
_pdbx_database_status.methods_development_category    ? 
_pdbx_database_status.pdb_format_compatible           Y 
_pdbx_database_status.status_code_nmr_data            ? 
# 
loop_
_audit_author.name 
_audit_author.pdbx_ordinal 
_audit_author.identifier_ORCID 
'Yokoyama, T.'  1 ? 
'Kitakami, R.'  2 ? 
'Mizuguchi, M.' 3 ? 
# 
_citation.abstract                  ? 
_citation.abstract_id_CAS           ? 
_citation.book_id_ISBN              ? 
_citation.book_publisher            ? 
_citation.book_publisher_city       ? 
_citation.book_title                ? 
_citation.coordinate_linkage        ? 
_citation.country                   FR 
_citation.database_id_Medline       ? 
_citation.details                   ? 
_citation.id                        primary 
_citation.journal_abbrev            'Eur J Med Chem' 
_citation.journal_id_ASTM           EJMCA5 
_citation.journal_id_CSD            0493 
_citation.journal_id_ISSN           1768-3254 
_citation.journal_full              ? 
_citation.journal_issue             ? 
_citation.journal_volume            167 
_citation.language                  ? 
_citation.page_first                153 
_citation.page_last                 160 
_citation.title                     'Discovery of a new class of MTH1 inhibitor by X-ray crystallographic screening.' 
_citation.year                      2019 
_citation.database_id_CSD           ? 
_citation.pdbx_database_id_DOI      10.1016/j.ejmech.2019.02.011 
_citation.pdbx_database_id_PubMed   30771603 
_citation.unpublished_flag          ? 
# 
loop_
_citation_author.citation_id 
_citation_author.name 
_citation_author.ordinal 
_citation_author.identifier_ORCID 
primary 'Yokoyama, T.'  1 ? 
primary 'Kitakami, R.'  2 ? 
primary 'Mizuguchi, M.' 3 ? 
# 
loop_
_entity.id 
_entity.type 
_entity.src_method 
_entity.pdbx_description 
_entity.formula_weight 
_entity.pdbx_number_of_molecules 
_entity.pdbx_ec 
_entity.pdbx_mutation 
_entity.pdbx_fragment 
_entity.details 
1 polymer     man '7,8-dihydro-8-oxoguanine triphosphatase'                                    18985.562 1  3.6.1.55,3.6.1.56 ? ? 
? 
2 non-polymer syn 'ZINC ION'                                                                   65.409    2  ?                 ? ? 
? 
3 non-polymer syn '1,3,6-trihydroxy-7-methoxy-2,8-bis(3-methylbut-2-en-1-yl)-9H-xanthen-9-one' 410.460   1  ?                 ? ? 
? 
4 non-polymer syn 'SULFATE ION'                                                                96.063    1  ?                 ? ? 
? 
5 water       nat water                                                                        18.015    82 ?                 ? ? 
? 
# 
_entity_poly.entity_id                      1 
_entity_poly.type                           'polypeptide(L)' 
_entity_poly.nstd_linkage                   no 
_entity_poly.nstd_monomer                   no 
_entity_poly.pdbx_seq_one_letter_code       
;MASRLYTLVLVLQPQRVLLGMKKRGFGAGRWNGFGGKVQEGETIEDGARRELQEESGLTVDALHKVGQIVFEFVGEPELM
DVHVFCTDSIQGTPVESDEMRPCWFQLDQIPFKDMWPDDSYWFPLLLQKKKFHGYFKFQGQDTILDYTLREVDTVLEHHH
HHH
;
_entity_poly.pdbx_seq_one_letter_code_can   
;MASRLYTLVLVLQPQRVLLGMKKRGFGAGRWNGFGGKVQEGETIEDGARRELQEESGLTVDALHKVGQIVFEFVGEPELM
DVHVFCTDSIQGTPVESDEMRPCWFQLDQIPFKDMWPDDSYWFPLLLQKKKFHGYFKFQGQDTILDYTLREVDTVLEHHH
HHH
;
_entity_poly.pdbx_strand_id                 A 
_entity_poly.pdbx_target_identifier         ? 
# 
loop_
_pdbx_entity_nonpoly.entity_id 
_pdbx_entity_nonpoly.name 
_pdbx_entity_nonpoly.comp_id 
2 'ZINC ION'                                                                   ZN  
3 '1,3,6-trihydroxy-7-methoxy-2,8-bis(3-methylbut-2-en-1-yl)-9H-xanthen-9-one' MKS 
4 'SULFATE ION'                                                                SO4 
5 water                                                                        HOH 
# 
loop_
_entity_poly_seq.entity_id 
_entity_poly_seq.num 
_entity_poly_seq.mon_id 
_entity_poly_seq.hetero 
1 1   MET n 
1 2   ALA n 
1 3   SER n 
1 4   ARG n 
1 5   LEU n 
1 6   TYR n 
1 7   THR n 
1 8   LEU n 
1 9   VAL n 
1 10  LEU n 
1 11  VAL n 
1 12  LEU n 
1 13  GLN n 
1 14  PRO n 
1 15  GLN n 
1 16  ARG n 
1 17  VAL n 
1 18  LEU n 
1 19  LEU n 
1 20  GLY n 
1 21  MET n 
1 22  LYS n 
1 23  LYS n 
1 24  ARG n 
1 25  GLY n 
1 26  PHE n 
1 27  GLY n 
1 28  ALA n 
1 29  GLY n 
1 30  ARG n 
1 31  TRP n 
1 32  ASN n 
1 33  GLY n 
1 34  PHE n 
1 35  GLY n 
1 36  GLY n 
1 37  LYS n 
1 38  VAL n 
1 39  GLN n 
1 40  GLU n 
1 41  GLY n 
1 42  GLU n 
1 43  THR n 
1 44  ILE n 
1 45  GLU n 
1 46  ASP n 
1 47  GLY n 
1 48  ALA n 
1 49  ARG n 
1 50  ARG n 
1 51  GLU n 
1 52  LEU n 
1 53  GLN n 
1 54  GLU n 
1 55  GLU n 
1 56  SER n 
1 57  GLY n 
1 58  LEU n 
1 59  THR n 
1 60  VAL n 
1 61  ASP n 
1 62  ALA n 
1 63  LEU n 
1 64  HIS n 
1 65  LYS n 
1 66  VAL n 
1 67  GLY n 
1 68  GLN n 
1 69  ILE n 
1 70  VAL n 
1 71  PHE n 
1 72  GLU n 
1 73  PHE n 
1 74  VAL n 
1 75  GLY n 
1 76  GLU n 
1 77  PRO n 
1 78  GLU n 
1 79  LEU n 
1 80  MET n 
1 81  ASP n 
1 82  VAL n 
1 83  HIS n 
1 84  VAL n 
1 85  PHE n 
1 86  CYS n 
1 87  THR n 
1 88  ASP n 
1 89  SER n 
1 90  ILE n 
1 91  GLN n 
1 92  GLY n 
1 93  THR n 
1 94  PRO n 
1 95  VAL n 
1 96  GLU n 
1 97  SER n 
1 98  ASP n 
1 99  GLU n 
1 100 MET n 
1 101 ARG n 
1 102 PRO n 
1 103 CYS n 
1 104 TRP n 
1 105 PHE n 
1 106 GLN n 
1 107 LEU n 
1 108 ASP n 
1 109 GLN n 
1 110 ILE n 
1 111 PRO n 
1 112 PHE n 
1 113 LYS n 
1 114 ASP n 
1 115 MET n 
1 116 TRP n 
1 117 PRO n 
1 118 ASP n 
1 119 ASP n 
1 120 SER n 
1 121 TYR n 
1 122 TRP n 
1 123 PHE n 
1 124 PRO n 
1 125 LEU n 
1 126 LEU n 
1 127 LEU n 
1 128 GLN n 
1 129 LYS n 
1 130 LYS n 
1 131 LYS n 
1 132 PHE n 
1 133 HIS n 
1 134 GLY n 
1 135 TYR n 
1 136 PHE n 
1 137 LYS n 
1 138 PHE n 
1 139 GLN n 
1 140 GLY n 
1 141 GLN n 
1 142 ASP n 
1 143 THR n 
1 144 ILE n 
1 145 LEU n 
1 146 ASP n 
1 147 TYR n 
1 148 THR n 
1 149 LEU n 
1 150 ARG n 
1 151 GLU n 
1 152 VAL n 
1 153 ASP n 
1 154 THR n 
1 155 VAL n 
1 156 LEU n 
1 157 GLU n 
1 158 HIS n 
1 159 HIS n 
1 160 HIS n 
1 161 HIS n 
1 162 HIS n 
1 163 HIS n 
# 
_entity_src_gen.entity_id                          1 
_entity_src_gen.pdbx_src_id                        1 
_entity_src_gen.pdbx_alt_source_flag               sample 
_entity_src_gen.pdbx_seq_type                      'Biological sequence' 
_entity_src_gen.pdbx_beg_seq_num                   1 
_entity_src_gen.pdbx_end_seq_num                   163 
_entity_src_gen.gene_src_common_name               Human 
_entity_src_gen.gene_src_genus                     ? 
_entity_src_gen.pdbx_gene_src_gene                 'NUDT1, MTH1' 
_entity_src_gen.gene_src_species                   ? 
_entity_src_gen.gene_src_strain                    ? 
_entity_src_gen.gene_src_tissue                    ? 
_entity_src_gen.gene_src_tissue_fraction           ? 
_entity_src_gen.gene_src_details                   ? 
_entity_src_gen.pdbx_gene_src_fragment             ? 
_entity_src_gen.pdbx_gene_src_scientific_name      'Homo sapiens' 
_entity_src_gen.pdbx_gene_src_ncbi_taxonomy_id     9606 
_entity_src_gen.pdbx_gene_src_variant              ? 
_entity_src_gen.pdbx_gene_src_cell_line            ? 
_entity_src_gen.pdbx_gene_src_atcc                 ? 
_entity_src_gen.pdbx_gene_src_organ                ? 
_entity_src_gen.pdbx_gene_src_organelle            ? 
_entity_src_gen.pdbx_gene_src_cell                 ? 
_entity_src_gen.pdbx_gene_src_cellular_location    ? 
_entity_src_gen.host_org_common_name               ? 
_entity_src_gen.pdbx_host_org_scientific_name      'Escherichia coli' 
_entity_src_gen.pdbx_host_org_ncbi_taxonomy_id     562 
_entity_src_gen.host_org_genus                     ? 
_entity_src_gen.pdbx_host_org_gene                 ? 
_entity_src_gen.pdbx_host_org_organ                ? 
_entity_src_gen.host_org_species                   ? 
_entity_src_gen.pdbx_host_org_tissue               ? 
_entity_src_gen.pdbx_host_org_tissue_fraction      ? 
_entity_src_gen.pdbx_host_org_strain               ? 
_entity_src_gen.pdbx_host_org_variant              ? 
_entity_src_gen.pdbx_host_org_cell_line            ? 
_entity_src_gen.pdbx_host_org_atcc                 ? 
_entity_src_gen.pdbx_host_org_culture_collection   ? 
_entity_src_gen.pdbx_host_org_cell                 ? 
_entity_src_gen.pdbx_host_org_organelle            ? 
_entity_src_gen.pdbx_host_org_cellular_location    ? 
_entity_src_gen.pdbx_host_org_vector_type          ? 
_entity_src_gen.pdbx_host_org_vector               ? 
_entity_src_gen.host_org_details                   ? 
_entity_src_gen.expression_system_id               ? 
_entity_src_gen.plasmid_name                       ? 
_entity_src_gen.plasmid_details                    ? 
_entity_src_gen.pdbx_description                   ? 
# 
loop_
_chem_comp.id 
_chem_comp.type 
_chem_comp.mon_nstd_flag 
_chem_comp.name 
_chem_comp.pdbx_synonyms 
_chem_comp.formula 
_chem_comp.formula_weight 
ALA 'L-peptide linking' y ALANINE                                                                      ?               
'C3 H7 N O2'     89.093  
ARG 'L-peptide linking' y ARGININE                                                                     ?               
'C6 H15 N4 O2 1' 175.209 
ASN 'L-peptide linking' y ASPARAGINE                                                                   ?               
'C4 H8 N2 O3'    132.118 
ASP 'L-peptide linking' y 'ASPARTIC ACID'                                                              ?               
'C4 H7 N O4'     133.103 
CYS 'L-peptide linking' y CYSTEINE                                                                     ?               
'C3 H7 N O2 S'   121.158 
GLN 'L-peptide linking' y GLUTAMINE                                                                    ?               
'C5 H10 N2 O3'   146.144 
GLU 'L-peptide linking' y 'GLUTAMIC ACID'                                                              ?               
'C5 H9 N O4'     147.129 
GLY 'peptide linking'   y GLYCINE                                                                      ?               
'C2 H5 N O2'     75.067  
HIS 'L-peptide linking' y HISTIDINE                                                                    ?               
'C6 H10 N3 O2 1' 156.162 
HOH non-polymer         . WATER                                                                        ?               'H2 O' 
18.015  
ILE 'L-peptide linking' y ISOLEUCINE                                                                   ?               
'C6 H13 N O2'    131.173 
LEU 'L-peptide linking' y LEUCINE                                                                      ?               
'C6 H13 N O2'    131.173 
LYS 'L-peptide linking' y LYSINE                                                                       ?               
'C6 H15 N2 O2 1' 147.195 
MET 'L-peptide linking' y METHIONINE                                                                   ?               
'C5 H11 N O2 S'  149.211 
MKS non-polymer         . '1,3,6-trihydroxy-7-methoxy-2,8-bis(3-methylbut-2-en-1-yl)-9H-xanthen-9-one' alpha-Mangostin 
'C24 H26 O6'     410.460 
PHE 'L-peptide linking' y PHENYLALANINE                                                                ?               
'C9 H11 N O2'    165.189 
PRO 'L-peptide linking' y PROLINE                                                                      ?               
'C5 H9 N O2'     115.130 
SER 'L-peptide linking' y SERINE                                                                       ?               
'C3 H7 N O3'     105.093 
SO4 non-polymer         . 'SULFATE ION'                                                                ?               'O4 S -2' 
96.063  
THR 'L-peptide linking' y THREONINE                                                                    ?               
'C4 H9 N O3'     119.119 
TRP 'L-peptide linking' y TRYPTOPHAN                                                                   ?               
'C11 H12 N2 O2'  204.225 
TYR 'L-peptide linking' y TYROSINE                                                                     ?               
'C9 H11 N O3'    181.189 
VAL 'L-peptide linking' y VALINE                                                                       ?               
'C5 H11 N O2'    117.146 
ZN  non-polymer         . 'ZINC ION'                                                                   ?               'Zn 2' 
65.409  
# 
loop_
_pdbx_poly_seq_scheme.asym_id 
_pdbx_poly_seq_scheme.entity_id 
_pdbx_poly_seq_scheme.seq_id 
_pdbx_poly_seq_scheme.mon_id 
_pdbx_poly_seq_scheme.ndb_seq_num 
_pdbx_poly_seq_scheme.pdb_seq_num 
_pdbx_poly_seq_scheme.auth_seq_num 
_pdbx_poly_seq_scheme.pdb_mon_id 
_pdbx_poly_seq_scheme.auth_mon_id 
_pdbx_poly_seq_scheme.pdb_strand_id 
_pdbx_poly_seq_scheme.pdb_ins_code 
_pdbx_poly_seq_scheme.hetero 
A 1 1   MET 1   2   ?   ?   ?   A . n 
A 1 2   ALA 2   3   3   ALA ALA A . n 
A 1 3   SER 3   4   4   SER SER A . n 
A 1 4   ARG 4   5   5   ARG ARG A . n 
A 1 5   LEU 5   6   6   LEU LEU A . n 
A 1 6   TYR 6   7   7   TYR TYR A . n 
A 1 7   THR 7   8   8   THR THR A . n 
A 1 8   LEU 8   9   9   LEU LEU A . n 
A 1 9   VAL 9   10  10  VAL VAL A . n 
A 1 10  LEU 10  11  11  LEU LEU A . n 
A 1 11  VAL 11  12  12  VAL VAL A . n 
A 1 12  LEU 12  13  13  LEU LEU A . n 
A 1 13  GLN 13  14  14  GLN GLN A . n 
A 1 14  PRO 14  15  15  PRO PRO A . n 
A 1 15  GLN 15  16  16  GLN GLN A . n 
A 1 16  ARG 16  17  17  ARG ARG A . n 
A 1 17  VAL 17  18  18  VAL VAL A . n 
A 1 18  LEU 18  19  19  LEU LEU A . n 
A 1 19  LEU 19  20  20  LEU LEU A . n 
A 1 20  GLY 20  21  21  GLY GLY A . n 
A 1 21  MET 21  22  22  MET MET A . n 
A 1 22  LYS 22  23  23  LYS LYS A . n 
A 1 23  LYS 23  24  24  LYS LYS A . n 
A 1 24  ARG 24  25  25  ARG ARG A . n 
A 1 25  GLY 25  26  26  GLY GLY A . n 
A 1 26  PHE 26  27  27  PHE PHE A . n 
A 1 27  GLY 27  28  28  GLY GLY A . n 
A 1 28  ALA 28  29  29  ALA ALA A . n 
A 1 29  GLY 29  30  30  GLY GLY A . n 
A 1 30  ARG 30  31  31  ARG ARG A . n 
A 1 31  TRP 31  32  32  TRP TRP A . n 
A 1 32  ASN 32  33  33  ASN ASN A . n 
A 1 33  GLY 33  34  34  GLY GLY A . n 
A 1 34  PHE 34  35  35  PHE PHE A . n 
A 1 35  GLY 35  36  36  GLY GLY A . n 
A 1 36  GLY 36  37  37  GLY GLY A . n 
A 1 37  LYS 37  38  38  LYS LYS A . n 
A 1 38  VAL 38  39  39  VAL VAL A . n 
A 1 39  GLN 39  40  40  GLN GLN A . n 
A 1 40  GLU 40  41  41  GLU GLU A . n 
A 1 41  GLY 41  42  42  GLY GLY A . n 
A 1 42  GLU 42  43  43  GLU GLU A . n 
A 1 43  THR 43  44  44  THR THR A . n 
A 1 44  ILE 44  45  45  ILE ILE A . n 
A 1 45  GLU 45  46  46  GLU GLU A . n 
A 1 46  ASP 46  47  47  ASP ASP A . n 
A 1 47  GLY 47  48  48  GLY GLY A . n 
A 1 48  ALA 48  49  49  ALA ALA A . n 
A 1 49  ARG 49  50  50  ARG ARG A . n 
A 1 50  ARG 50  51  51  ARG ARG A . n 
A 1 51  GLU 51  52  52  GLU GLU A . n 
A 1 52  LEU 52  53  53  LEU LEU A . n 
A 1 53  GLN 53  54  54  GLN GLN A . n 
A 1 54  GLU 54  55  55  GLU GLU A . n 
A 1 55  GLU 55  56  56  GLU GLU A . n 
A 1 56  SER 56  57  57  SER SER A . n 
A 1 57  GLY 57  58  58  GLY GLY A . n 
A 1 58  LEU 58  59  59  LEU LEU A . n 
A 1 59  THR 59  60  60  THR THR A . n 
A 1 60  VAL 60  61  61  VAL VAL A . n 
A 1 61  ASP 61  62  62  ASP ASP A . n 
A 1 62  ALA 62  63  63  ALA ALA A . n 
A 1 63  LEU 63  64  64  LEU LEU A . n 
A 1 64  HIS 64  65  65  HIS HIS A . n 
A 1 65  LYS 65  66  66  LYS LYS A . n 
A 1 66  VAL 66  67  67  VAL VAL A . n 
A 1 67  GLY 67  68  68  GLY GLY A . n 
A 1 68  GLN 68  69  69  GLN GLN A . n 
A 1 69  ILE 69  70  70  ILE ILE A . n 
A 1 70  VAL 70  71  71  VAL VAL A . n 
A 1 71  PHE 71  72  72  PHE PHE A . n 
A 1 72  GLU 72  73  73  GLU GLU A . n 
A 1 73  PHE 73  74  74  PHE PHE A . n 
A 1 74  VAL 74  75  75  VAL VAL A . n 
A 1 75  GLY 75  76  76  GLY GLY A . n 
A 1 76  GLU 76  77  77  GLU GLU A . n 
A 1 77  PRO 77  78  78  PRO PRO A . n 
A 1 78  GLU 78  79  79  GLU GLU A . n 
A 1 79  LEU 79  80  80  LEU LEU A . n 
A 1 80  MET 80  81  81  MET MET A . n 
A 1 81  ASP 81  82  82  ASP ASP A . n 
A 1 82  VAL 82  83  83  VAL VAL A . n 
A 1 83  HIS 83  84  84  HIS HIS A . n 
A 1 84  VAL 84  85  85  VAL VAL A . n 
A 1 85  PHE 85  86  86  PHE PHE A . n 
A 1 86  CYS 86  87  87  CYS CYS A . n 
A 1 87  THR 87  88  88  THR THR A . n 
A 1 88  ASP 88  89  89  ASP ASP A . n 
A 1 89  SER 89  90  90  SER SER A . n 
A 1 90  ILE 90  91  91  ILE ILE A . n 
A 1 91  GLN 91  92  92  GLN GLN A . n 
A 1 92  GLY 92  93  93  GLY GLY A . n 
A 1 93  THR 93  94  94  THR THR A . n 
A 1 94  PRO 94  95  95  PRO PRO A . n 
A 1 95  VAL 95  96  96  VAL VAL A . n 
A 1 96  GLU 96  97  97  GLU GLU A . n 
A 1 97  SER 97  98  98  SER SER A . n 
A 1 98  ASP 98  99  99  ASP ASP A . n 
A 1 99  GLU 99  100 100 GLU GLU A . n 
A 1 100 MET 100 101 101 MET MET A . n 
A 1 101 ARG 101 102 102 ARG ARG A . n 
A 1 102 PRO 102 103 103 PRO PRO A . n 
A 1 103 CYS 103 104 104 CYS CYS A . n 
A 1 104 TRP 104 105 105 TRP TRP A . n 
A 1 105 PHE 105 106 106 PHE PHE A . n 
A 1 106 GLN 106 107 107 GLN GLN A . n 
A 1 107 LEU 107 108 108 LEU LEU A . n 
A 1 108 ASP 108 109 109 ASP ASP A . n 
A 1 109 GLN 109 110 110 GLN GLN A . n 
A 1 110 ILE 110 111 111 ILE ILE A . n 
A 1 111 PRO 111 112 112 PRO PRO A . n 
A 1 112 PHE 112 113 113 PHE PHE A . n 
A 1 113 LYS 113 114 114 LYS LYS A . n 
A 1 114 ASP 114 115 115 ASP ASP A . n 
A 1 115 MET 115 116 116 MET MET A . n 
A 1 116 TRP 116 117 117 TRP TRP A . n 
A 1 117 PRO 117 118 118 PRO PRO A . n 
A 1 118 ASP 118 119 119 ASP ASP A . n 
A 1 119 ASP 119 120 120 ASP ASP A . n 
A 1 120 SER 120 121 121 SER SER A . n 
A 1 121 TYR 121 122 122 TYR TYR A . n 
A 1 122 TRP 122 123 123 TRP TRP A . n 
A 1 123 PHE 123 124 124 PHE PHE A . n 
A 1 124 PRO 124 125 125 PRO PRO A . n 
A 1 125 LEU 125 126 126 LEU LEU A . n 
A 1 126 LEU 126 127 127 LEU LEU A . n 
A 1 127 LEU 127 128 128 LEU LEU A . n 
A 1 128 GLN 128 129 129 GLN GLN A . n 
A 1 129 LYS 129 130 130 LYS LYS A . n 
A 1 130 LYS 130 131 131 LYS LYS A . n 
A 1 131 LYS 131 132 132 LYS LYS A . n 
A 1 132 PHE 132 133 133 PHE PHE A . n 
A 1 133 HIS 133 134 134 HIS HIS A . n 
A 1 134 GLY 134 135 135 GLY GLY A . n 
A 1 135 TYR 135 136 136 TYR TYR A . n 
A 1 136 PHE 136 137 137 PHE PHE A . n 
A 1 137 LYS 137 138 138 LYS LYS A . n 
A 1 138 PHE 138 139 139 PHE PHE A . n 
A 1 139 GLN 139 140 140 GLN GLN A . n 
A 1 140 GLY 140 141 141 GLY GLY A . n 
A 1 141 GLN 141 142 142 GLN GLN A . n 
A 1 142 ASP 142 143 143 ASP ASP A . n 
A 1 143 THR 143 144 144 THR THR A . n 
A 1 144 ILE 144 145 145 ILE ILE A . n 
A 1 145 LEU 145 146 146 LEU LEU A . n 
A 1 146 ASP 146 147 147 ASP ASP A . n 
A 1 147 TYR 147 148 148 TYR TYR A . n 
A 1 148 THR 148 149 149 THR THR A . n 
A 1 149 LEU 149 150 150 LEU LEU A . n 
A 1 150 ARG 150 151 151 ARG ARG A . n 
A 1 151 GLU 151 152 152 GLU GLU A . n 
A 1 152 VAL 152 153 153 VAL VAL A . n 
A 1 153 ASP 153 154 154 ASP ASP A . n 
A 1 154 THR 154 155 155 THR THR A . n 
A 1 155 VAL 155 156 156 VAL VAL A . n 
A 1 156 LEU 156 157 157 LEU LEU A . n 
A 1 157 GLU 157 158 158 GLU GLU A . n 
A 1 158 HIS 158 159 159 HIS HIS A . n 
A 1 159 HIS 159 160 160 HIS HIS A . n 
A 1 160 HIS 160 161 161 HIS HIS A . n 
A 1 161 HIS 161 162 162 HIS HIS A . n 
A 1 162 HIS 162 163 163 HIS HIS A . n 
A 1 163 HIS 163 164 164 HIS HIS A . n 
# 
_pdbx_entity_instance_feature.ordinal        1 
_pdbx_entity_instance_feature.comp_id        MKS 
_pdbx_entity_instance_feature.asym_id        ? 
_pdbx_entity_instance_feature.seq_num        ? 
_pdbx_entity_instance_feature.auth_comp_id   MKS 
_pdbx_entity_instance_feature.auth_asym_id   ? 
_pdbx_entity_instance_feature.auth_seq_num   ? 
_pdbx_entity_instance_feature.feature_type   'SUBJECT OF INVESTIGATION' 
_pdbx_entity_instance_feature.details        ? 
# 
loop_
_pdbx_nonpoly_scheme.asym_id 
_pdbx_nonpoly_scheme.entity_id 
_pdbx_nonpoly_scheme.mon_id 
_pdbx_nonpoly_scheme.ndb_seq_num 
_pdbx_nonpoly_scheme.pdb_seq_num 
_pdbx_nonpoly_scheme.auth_seq_num 
_pdbx_nonpoly_scheme.pdb_mon_id 
_pdbx_nonpoly_scheme.auth_mon_id 
_pdbx_nonpoly_scheme.pdb_strand_id 
_pdbx_nonpoly_scheme.pdb_ins_code 
B 2 ZN  1  201 2   ZN  ZN  A . 
C 2 ZN  1  202 3   ZN  ZN  A . 
D 3 MKS 1  203 999 MKS DRG A . 
E 4 SO4 1  204 1   SO4 SO4 A . 
F 5 HOH 1  301 10  HOH HOH A . 
F 5 HOH 2  302 38  HOH HOH A . 
F 5 HOH 3  303 2   HOH HOH A . 
F 5 HOH 4  304 31  HOH HOH A . 
F 5 HOH 5  305 25  HOH HOH A . 
F 5 HOH 6  306 34  HOH HOH A . 
F 5 HOH 7  307 9   HOH HOH A . 
F 5 HOH 8  308 56  HOH HOH A . 
F 5 HOH 9  309 46  HOH HOH A . 
F 5 HOH 10 310 77  HOH HOH A . 
F 5 HOH 11 311 13  HOH HOH A . 
F 5 HOH 12 312 17  HOH HOH A . 
F 5 HOH 13 313 82  HOH HOH A . 
F 5 HOH 14 314 15  HOH HOH A . 
F 5 HOH 15 315 40  HOH HOH A . 
F 5 HOH 16 316 63  HOH HOH A . 
F 5 HOH 17 317 1   HOH HOH A . 
F 5 HOH 18 318 35  HOH HOH A . 
F 5 HOH 19 319 55  HOH HOH A . 
F 5 HOH 20 320 59  HOH HOH A . 
F 5 HOH 21 321 24  HOH HOH A . 
F 5 HOH 22 322 61  HOH HOH A . 
F 5 HOH 23 323 57  HOH HOH A . 
F 5 HOH 24 324 5   HOH HOH A . 
F 5 HOH 25 325 29  HOH HOH A . 
F 5 HOH 26 326 12  HOH HOH A . 
F 5 HOH 27 327 8   HOH HOH A . 
F 5 HOH 28 328 41  HOH HOH A . 
F 5 HOH 29 329 81  HOH HOH A . 
F 5 HOH 30 330 42  HOH HOH A . 
F 5 HOH 31 331 39  HOH HOH A . 
F 5 HOH 32 332 14  HOH HOH A . 
F 5 HOH 33 333 76  HOH HOH A . 
F 5 HOH 34 334 11  HOH HOH A . 
F 5 HOH 35 335 4   HOH HOH A . 
F 5 HOH 36 336 16  HOH HOH A . 
F 5 HOH 37 337 60  HOH HOH A . 
F 5 HOH 38 338 3   HOH HOH A . 
F 5 HOH 39 339 6   HOH HOH A . 
F 5 HOH 40 340 50  HOH HOH A . 
F 5 HOH 41 341 23  HOH HOH A . 
F 5 HOH 42 342 45  HOH HOH A . 
F 5 HOH 43 343 28  HOH HOH A . 
F 5 HOH 44 344 30  HOH HOH A . 
F 5 HOH 45 345 26  HOH HOH A . 
F 5 HOH 46 346 78  HOH HOH A . 
F 5 HOH 47 347 67  HOH HOH A . 
F 5 HOH 48 348 66  HOH HOH A . 
F 5 HOH 49 349 33  HOH HOH A . 
F 5 HOH 50 350 74  HOH HOH A . 
F 5 HOH 51 351 58  HOH HOH A . 
F 5 HOH 52 352 18  HOH HOH A . 
F 5 HOH 53 353 80  HOH HOH A . 
F 5 HOH 54 354 48  HOH HOH A . 
F 5 HOH 55 355 22  HOH HOH A . 
F 5 HOH 56 356 62  HOH HOH A . 
F 5 HOH 57 357 54  HOH HOH A . 
F 5 HOH 58 358 20  HOH HOH A . 
F 5 HOH 59 359 7   HOH HOH A . 
F 5 HOH 60 360 19  HOH HOH A . 
F 5 HOH 61 361 70  HOH HOH A . 
F 5 HOH 62 362 72  HOH HOH A . 
F 5 HOH 63 363 52  HOH HOH A . 
F 5 HOH 64 364 69  HOH HOH A . 
F 5 HOH 65 365 53  HOH HOH A . 
F 5 HOH 66 366 73  HOH HOH A . 
F 5 HOH 67 367 64  HOH HOH A . 
F 5 HOH 68 368 51  HOH HOH A . 
F 5 HOH 69 369 79  HOH HOH A . 
F 5 HOH 70 370 32  HOH HOH A . 
F 5 HOH 71 371 21  HOH HOH A . 
F 5 HOH 72 372 71  HOH HOH A . 
F 5 HOH 73 373 27  HOH HOH A . 
F 5 HOH 74 374 47  HOH HOH A . 
F 5 HOH 75 375 65  HOH HOH A . 
F 5 HOH 76 376 68  HOH HOH A . 
F 5 HOH 77 377 37  HOH HOH A . 
F 5 HOH 78 378 75  HOH HOH A . 
F 5 HOH 79 379 44  HOH HOH A . 
F 5 HOH 80 380 49  HOH HOH A . 
F 5 HOH 81 381 43  HOH HOH A . 
F 5 HOH 82 382 36  HOH HOH A . 
# 
loop_
_pdbx_unobs_or_zero_occ_atoms.id 
_pdbx_unobs_or_zero_occ_atoms.PDB_model_num 
_pdbx_unobs_or_zero_occ_atoms.polymer_flag 
_pdbx_unobs_or_zero_occ_atoms.occupancy_flag 
_pdbx_unobs_or_zero_occ_atoms.auth_asym_id 
_pdbx_unobs_or_zero_occ_atoms.auth_comp_id 
_pdbx_unobs_or_zero_occ_atoms.auth_seq_id 
_pdbx_unobs_or_zero_occ_atoms.PDB_ins_code 
_pdbx_unobs_or_zero_occ_atoms.auth_atom_id 
_pdbx_unobs_or_zero_occ_atoms.label_alt_id 
_pdbx_unobs_or_zero_occ_atoms.label_asym_id 
_pdbx_unobs_or_zero_occ_atoms.label_comp_id 
_pdbx_unobs_or_zero_occ_atoms.label_seq_id 
_pdbx_unobs_or_zero_occ_atoms.label_atom_id 
1 1 Y 1 A GLU 100 ? CG  ? A GLU 99  CG  
2 1 Y 1 A GLU 100 ? CD  ? A GLU 99  CD  
3 1 Y 1 A GLU 100 ? OE1 ? A GLU 99  OE1 
4 1 Y 1 A GLU 100 ? OE2 ? A GLU 99  OE2 
5 1 Y 1 A ARG 151 ? CZ  ? A ARG 150 CZ  
6 1 Y 1 A ARG 151 ? NH1 ? A ARG 150 NH1 
7 1 Y 1 A ARG 151 ? NH2 ? A ARG 150 NH2 
# 
loop_
_software.citation_id 
_software.classification 
_software.compiler_name 
_software.compiler_version 
_software.contact_author 
_software.contact_author_email 
_software.date 
_software.description 
_software.dependencies 
_software.hardware 
_software.language 
_software.location 
_software.mods 
_software.name 
_software.os 
_software.os_version 
_software.type 
_software.version 
_software.pdbx_ordinal 
? refinement       ? ? ? ? ? ? ? ? ? ? ? PHENIX ? ? ? '(1.10.1-2155_1069: ???)' 1 
? 'data reduction' ? ? ? ? ? ? ? ? ? ? ? XDS    ? ? ? .                         2 
? 'data scaling'   ? ? ? ? ? ? ? ? ? ? ? XSCALE ? ? ? .                         3 
? phasing          ? ? ? ? ? ? ? ? ? ? ? PHENIX ? ? ? .                         4 
# 
_cell.angle_alpha                  90.00 
_cell.angle_alpha_esd              ? 
_cell.angle_beta                   90.00 
_cell.angle_beta_esd               ? 
_cell.angle_gamma                  90.00 
_cell.angle_gamma_esd              ? 
_cell.entry_id                     6AA4 
_cell.details                      ? 
_cell.formula_units_Z              ? 
_cell.length_a                     66.796 
_cell.length_a_esd                 ? 
_cell.length_b                     66.796 
_cell.length_b_esd                 ? 
_cell.length_c                     140.598 
_cell.length_c_esd                 ? 
_cell.volume                       ? 
_cell.volume_esd                   ? 
_cell.Z_PDB                        16 
_cell.reciprocal_angle_alpha       ? 
_cell.reciprocal_angle_beta        ? 
_cell.reciprocal_angle_gamma       ? 
_cell.reciprocal_angle_alpha_esd   ? 
_cell.reciprocal_angle_beta_esd    ? 
_cell.reciprocal_angle_gamma_esd   ? 
_cell.reciprocal_length_a          ? 
_cell.reciprocal_length_b          ? 
_cell.reciprocal_length_c          ? 
_cell.reciprocal_length_a_esd      ? 
_cell.reciprocal_length_b_esd      ? 
_cell.reciprocal_length_c_esd      ? 
_cell.pdbx_unique_axis             ? 
# 
_symmetry.entry_id                         6AA4 
_symmetry.cell_setting                     ? 
_symmetry.Int_Tables_number                97 
_symmetry.space_group_name_Hall            ? 
_symmetry.space_group_name_H-M             'I 4 2 2' 
_symmetry.pdbx_full_space_group_name_H-M   ? 
# 
_exptl.absorpt_coefficient_mu     ? 
_exptl.absorpt_correction_T_max   ? 
_exptl.absorpt_correction_T_min   ? 
_exptl.absorpt_correction_type    ? 
_exptl.absorpt_process_details    ? 
_exptl.entry_id                   6AA4 
_exptl.crystals_number            1 
_exptl.details                    ? 
_exptl.method                     'X-RAY DIFFRACTION' 
_exptl.method_details             ? 
# 
_exptl_crystal.colour                      ? 
_exptl_crystal.density_diffrn              ? 
_exptl_crystal.density_Matthews            2.07 
_exptl_crystal.density_method              ? 
_exptl_crystal.density_percent_sol         40.44 
_exptl_crystal.description                 ? 
_exptl_crystal.F_000                       ? 
_exptl_crystal.id                          1 
_exptl_crystal.preparation                 ? 
_exptl_crystal.size_max                    ? 
_exptl_crystal.size_mid                    ? 
_exptl_crystal.size_min                    ? 
_exptl_crystal.size_rad                    ? 
_exptl_crystal.colour_lustre               ? 
_exptl_crystal.colour_modifier             ? 
_exptl_crystal.colour_primary              ? 
_exptl_crystal.density_meas                ? 
_exptl_crystal.density_meas_esd            ? 
_exptl_crystal.density_meas_gt             ? 
_exptl_crystal.density_meas_lt             ? 
_exptl_crystal.density_meas_temp           ? 
_exptl_crystal.density_meas_temp_esd       ? 
_exptl_crystal.density_meas_temp_gt        ? 
_exptl_crystal.density_meas_temp_lt        ? 
_exptl_crystal.pdbx_crystal_image_url      ? 
_exptl_crystal.pdbx_crystal_image_format   ? 
_exptl_crystal.pdbx_mosaicity              ? 
_exptl_crystal.pdbx_mosaicity_esd          ? 
# 
_exptl_crystal_grow.apparatus       ? 
_exptl_crystal_grow.atmosphere      ? 
_exptl_crystal_grow.crystal_id      1 
_exptl_crystal_grow.details         ? 
_exptl_crystal_grow.method          'VAPOR DIFFUSION, SITTING DROP' 
_exptl_crystal_grow.method_ref      ? 
_exptl_crystal_grow.pH              ? 
_exptl_crystal_grow.pressure        ? 
_exptl_crystal_grow.pressure_esd    ? 
_exptl_crystal_grow.seeding         ? 
_exptl_crystal_grow.seeding_ref     ? 
_exptl_crystal_grow.temp            293 
_exptl_crystal_grow.temp_details    ? 
_exptl_crystal_grow.temp_esd        ? 
_exptl_crystal_grow.time            ? 
_exptl_crystal_grow.pdbx_details    '25% PEG3350, 1.8mM ZnSO4, 6% sucrose, 0.1M Bis-Tris pH 6.1' 
_exptl_crystal_grow.pdbx_pH_range   ? 
# 
_diffrn.ambient_environment    ? 
_diffrn.ambient_temp           100 
_diffrn.ambient_temp_details   ? 
_diffrn.ambient_temp_esd       ? 
_diffrn.crystal_id             1 
_diffrn.crystal_support        ? 
_diffrn.crystal_treatment      ? 
_diffrn.details                ? 
_diffrn.id                     1 
_diffrn.ambient_pressure       ? 
_diffrn.ambient_pressure_esd   ? 
_diffrn.ambient_pressure_gt    ? 
_diffrn.ambient_pressure_lt    ? 
_diffrn.ambient_temp_gt        ? 
_diffrn.ambient_temp_lt        ? 
# 
_diffrn_detector.details                      ? 
_diffrn_detector.detector                     CCD 
_diffrn_detector.diffrn_id                    1 
_diffrn_detector.type                         'MARMOSAIC 300 mm CCD' 
_diffrn_detector.area_resol_mean              ? 
_diffrn_detector.dtime                        ? 
_diffrn_detector.pdbx_frames_total            ? 
_diffrn_detector.pdbx_collection_time_total   ? 
_diffrn_detector.pdbx_collection_date         2017-04-16 
# 
_diffrn_radiation.collimation                      ? 
_diffrn_radiation.diffrn_id                        1 
_diffrn_radiation.filter_edge                      ? 
_diffrn_radiation.inhomogeneity                    ? 
_diffrn_radiation.monochromator                    ? 
_diffrn_radiation.polarisn_norm                    ? 
_diffrn_radiation.polarisn_ratio                   ? 
_diffrn_radiation.probe                            ? 
_diffrn_radiation.type                             ? 
_diffrn_radiation.xray_symbol                      ? 
_diffrn_radiation.wavelength_id                    1 
_diffrn_radiation.pdbx_monochromatic_or_laue_m_l   M 
_diffrn_radiation.pdbx_wavelength_list             ? 
_diffrn_radiation.pdbx_wavelength                  ? 
_diffrn_radiation.pdbx_diffrn_protocol             'SINGLE WAVELENGTH' 
_diffrn_radiation.pdbx_analyzer                    ? 
_diffrn_radiation.pdbx_scattering_type             x-ray 
# 
_diffrn_radiation_wavelength.id           1 
_diffrn_radiation_wavelength.wavelength   1.0 
_diffrn_radiation_wavelength.wt           1.0 
# 
_diffrn_source.current                     ? 
_diffrn_source.details                     ? 
_diffrn_source.diffrn_id                   1 
_diffrn_source.power                       ? 
_diffrn_source.size                        ? 
_diffrn_source.source                      SYNCHROTRON 
_diffrn_source.target                      ? 
_diffrn_source.type                        'PHOTON FACTORY BEAMLINE BL-5A' 
_diffrn_source.voltage                     ? 
_diffrn_source.take-off_angle              ? 
_diffrn_source.pdbx_wavelength_list        1.0 
_diffrn_source.pdbx_wavelength             ? 
_diffrn_source.pdbx_synchrotron_beamline   BL-5A 
_diffrn_source.pdbx_synchrotron_site       'Photon Factory' 
# 
_reflns.B_iso_Wilson_estimate            ? 
_reflns.entry_id                         6AA4 
_reflns.data_reduction_details           ? 
_reflns.data_reduction_method            ? 
_reflns.d_resolution_high                1.9 
_reflns.d_resolution_low                 47.2 
_reflns.details                          ? 
_reflns.limit_h_max                      ? 
_reflns.limit_h_min                      ? 
_reflns.limit_k_max                      ? 
_reflns.limit_k_min                      ? 
_reflns.limit_l_max                      ? 
_reflns.limit_l_min                      ? 
_reflns.number_all                       ? 
_reflns.number_obs                       12983 
_reflns.observed_criterion               ? 
_reflns.observed_criterion_F_max         ? 
_reflns.observed_criterion_F_min         ? 
_reflns.observed_criterion_I_max         ? 
_reflns.observed_criterion_I_min         ? 
_reflns.observed_criterion_sigma_F       ? 
_reflns.observed_criterion_sigma_I       ? 
_reflns.percent_possible_obs             99.8 
_reflns.R_free_details                   ? 
_reflns.Rmerge_F_all                     ? 
_reflns.Rmerge_F_obs                     ? 
_reflns.Friedel_coverage                 ? 
_reflns.number_gt                        ? 
_reflns.threshold_expression             ? 
_reflns.pdbx_redundancy                  9.4 
_reflns.pdbx_Rmerge_I_obs                ? 
_reflns.pdbx_Rmerge_I_all                ? 
_reflns.pdbx_Rsym_value                  ? 
_reflns.pdbx_netI_over_av_sigmaI         ? 
_reflns.pdbx_netI_over_sigmaI            23.2 
_reflns.pdbx_res_netI_over_av_sigmaI_2   ? 
_reflns.pdbx_res_netI_over_sigmaI_2      ? 
_reflns.pdbx_chi_squared                 ? 
_reflns.pdbx_scaling_rejects             ? 
_reflns.pdbx_d_res_high_opt              ? 
_reflns.pdbx_d_res_low_opt               ? 
_reflns.pdbx_d_res_opt_method            ? 
_reflns.phase_calculation_details        ? 
_reflns.pdbx_Rrim_I_all                  ? 
_reflns.pdbx_Rpim_I_all                  0.021 
_reflns.pdbx_d_opt                       ? 
_reflns.pdbx_number_measured_all         ? 
_reflns.pdbx_diffrn_id                   1 
_reflns.pdbx_ordinal                     1 
_reflns.pdbx_CC_half                     ? 
_reflns.pdbx_R_split                     ? 
# 
_reflns_shell.d_res_high                  1.9 
_reflns_shell.d_res_low                   1.97 
_reflns_shell.meanI_over_sigI_all         ? 
_reflns_shell.meanI_over_sigI_obs         ? 
_reflns_shell.number_measured_all         ? 
_reflns_shell.number_measured_obs         ? 
_reflns_shell.number_possible             ? 
_reflns_shell.number_unique_all           ? 
_reflns_shell.number_unique_obs           1254 
_reflns_shell.percent_possible_all        ? 
_reflns_shell.percent_possible_obs        ? 
_reflns_shell.Rmerge_F_all                ? 
_reflns_shell.Rmerge_F_obs                ? 
_reflns_shell.Rmerge_I_all                ? 
_reflns_shell.Rmerge_I_obs                ? 
_reflns_shell.meanI_over_sigI_gt          ? 
_reflns_shell.meanI_over_uI_all           ? 
_reflns_shell.meanI_over_uI_gt            ? 
_reflns_shell.number_measured_gt          ? 
_reflns_shell.number_unique_gt            ? 
_reflns_shell.percent_possible_gt         ? 
_reflns_shell.Rmerge_F_gt                 ? 
_reflns_shell.Rmerge_I_gt                 ? 
_reflns_shell.pdbx_redundancy             ? 
_reflns_shell.pdbx_Rsym_value             ? 
_reflns_shell.pdbx_chi_squared            ? 
_reflns_shell.pdbx_netI_over_sigmaI_all   ? 
_reflns_shell.pdbx_netI_over_sigmaI_obs   ? 
_reflns_shell.pdbx_Rrim_I_all             ? 
_reflns_shell.pdbx_Rpim_I_all             0.331 
_reflns_shell.pdbx_rejects                ? 
_reflns_shell.pdbx_ordinal                1 
_reflns_shell.pdbx_diffrn_id              1 
_reflns_shell.pdbx_CC_half                ? 
_reflns_shell.pdbx_R_split                ? 
# 
_refine.aniso_B[1][1]                            ? 
_refine.aniso_B[1][2]                            ? 
_refine.aniso_B[1][3]                            ? 
_refine.aniso_B[2][2]                            ? 
_refine.aniso_B[2][3]                            ? 
_refine.aniso_B[3][3]                            ? 
_refine.B_iso_max                                ? 
_refine.B_iso_mean                               ? 
_refine.B_iso_min                                ? 
_refine.correlation_coeff_Fo_to_Fc               ? 
_refine.correlation_coeff_Fo_to_Fc_free          ? 
_refine.details                                  ? 
_refine.diff_density_max                         ? 
_refine.diff_density_max_esd                     ? 
_refine.diff_density_min                         ? 
_refine.diff_density_min_esd                     ? 
_refine.diff_density_rms                         ? 
_refine.diff_density_rms_esd                     ? 
_refine.entry_id                                 6AA4 
_refine.pdbx_refine_id                           'X-RAY DIFFRACTION' 
_refine.ls_abs_structure_details                 ? 
_refine.ls_abs_structure_Flack                   ? 
_refine.ls_abs_structure_Flack_esd               ? 
_refine.ls_abs_structure_Rogers                  ? 
_refine.ls_abs_structure_Rogers_esd              ? 
_refine.ls_d_res_high                            1.9 
_refine.ls_d_res_low                             38.365 
_refine.ls_extinction_coef                       ? 
_refine.ls_extinction_coef_esd                   ? 
_refine.ls_extinction_expression                 ? 
_refine.ls_extinction_method                     ? 
_refine.ls_goodness_of_fit_all                   ? 
_refine.ls_goodness_of_fit_all_esd               ? 
_refine.ls_goodness_of_fit_obs                   ? 
_refine.ls_goodness_of_fit_obs_esd               ? 
_refine.ls_hydrogen_treatment                    ? 
_refine.ls_matrix_type                           ? 
_refine.ls_number_constraints                    ? 
_refine.ls_number_parameters                     ? 
_refine.ls_number_reflns_all                     ? 
_refine.ls_number_reflns_obs                     12979 
_refine.ls_number_reflns_R_free                  649 
_refine.ls_number_reflns_R_work                  ? 
_refine.ls_number_restraints                     ? 
_refine.ls_percent_reflns_obs                    99.78 
_refine.ls_percent_reflns_R_free                 5.00 
_refine.ls_R_factor_all                          ? 
_refine.ls_R_factor_obs                          0.2076 
_refine.ls_R_factor_R_free                       0.2436 
_refine.ls_R_factor_R_free_error                 ? 
_refine.ls_R_factor_R_free_error_details         ? 
_refine.ls_R_factor_R_work                       0.2056 
_refine.ls_R_Fsqd_factor_obs                     ? 
_refine.ls_R_I_factor_obs                        ? 
_refine.ls_redundancy_reflns_all                 ? 
_refine.ls_redundancy_reflns_obs                 ? 
_refine.ls_restrained_S_all                      ? 
_refine.ls_restrained_S_obs                      ? 
_refine.ls_shift_over_esd_max                    ? 
_refine.ls_shift_over_esd_mean                   ? 
_refine.ls_structure_factor_coef                 ? 
_refine.ls_weighting_details                     ? 
_refine.ls_weighting_scheme                      ? 
_refine.ls_wR_factor_all                         ? 
_refine.ls_wR_factor_obs                         ? 
_refine.ls_wR_factor_R_free                      ? 
_refine.ls_wR_factor_R_work                      ? 
_refine.occupancy_max                            ? 
_refine.occupancy_min                            ? 
_refine.solvent_model_details                    ? 
_refine.solvent_model_param_bsol                 ? 
_refine.solvent_model_param_ksol                 ? 
_refine.ls_R_factor_gt                           ? 
_refine.ls_goodness_of_fit_gt                    ? 
_refine.ls_goodness_of_fit_ref                   ? 
_refine.ls_shift_over_su_max                     ? 
_refine.ls_shift_over_su_max_lt                  ? 
_refine.ls_shift_over_su_mean                    ? 
_refine.ls_shift_over_su_mean_lt                 ? 
_refine.pdbx_ls_sigma_I                          ? 
_refine.pdbx_ls_sigma_F                          1.36 
_refine.pdbx_ls_sigma_Fsqd                       ? 
_refine.pdbx_data_cutoff_high_absF               ? 
_refine.pdbx_data_cutoff_high_rms_absF           ? 
_refine.pdbx_data_cutoff_low_absF                ? 
_refine.pdbx_isotropic_thermal_model             ? 
_refine.pdbx_ls_cross_valid_method               'FREE R-VALUE' 
_refine.pdbx_method_to_determine_struct          'MOLECULAR REPLACEMENT' 
_refine.pdbx_starting_model                      6AA3 
_refine.pdbx_stereochemistry_target_values       ? 
_refine.pdbx_R_Free_selection_details            ? 
_refine.pdbx_stereochem_target_val_spec_case     ? 
_refine.pdbx_overall_ESU_R                       ? 
_refine.pdbx_overall_ESU_R_Free                  ? 
_refine.pdbx_solvent_vdw_probe_radii             1.11 
_refine.pdbx_solvent_ion_probe_radii             ? 
_refine.pdbx_solvent_shrinkage_radii             0.90 
_refine.pdbx_real_space_R                        ? 
_refine.pdbx_density_correlation                 ? 
_refine.pdbx_pd_number_of_powder_patterns        ? 
_refine.pdbx_pd_number_of_points                 ? 
_refine.pdbx_pd_meas_number_of_points            ? 
_refine.pdbx_pd_proc_ls_prof_R_factor            ? 
_refine.pdbx_pd_proc_ls_prof_wR_factor           ? 
_refine.pdbx_pd_Marquardt_correlation_coeff      ? 
_refine.pdbx_pd_Fsqrd_R_factor                   ? 
_refine.pdbx_pd_ls_matrix_band_width             ? 
_refine.pdbx_overall_phase_error                 25.82 
_refine.pdbx_overall_SU_R_free_Cruickshank_DPI   ? 
_refine.pdbx_overall_SU_R_free_Blow_DPI          ? 
_refine.pdbx_overall_SU_R_Blow_DPI               ? 
_refine.pdbx_TLS_residual_ADP_flag               ? 
_refine.pdbx_diffrn_id                           1 
_refine.overall_SU_B                             ? 
_refine.overall_SU_ML                            0.19 
_refine.overall_SU_R_Cruickshank_DPI             ? 
_refine.overall_SU_R_free                        ? 
_refine.overall_FOM_free_R_set                   ? 
_refine.overall_FOM_work_R_set                   ? 
_refine.pdbx_average_fsc_overall                 ? 
_refine.pdbx_average_fsc_work                    ? 
_refine.pdbx_average_fsc_free                    ? 
# 
_refine_hist.pdbx_refine_id                   'X-RAY DIFFRACTION' 
_refine_hist.cycle_id                         LAST 
_refine_hist.pdbx_number_atoms_protein        1324 
_refine_hist.pdbx_number_atoms_nucleic_acid   0 
_refine_hist.pdbx_number_atoms_ligand         37 
_refine_hist.number_atoms_solvent             82 
_refine_hist.number_atoms_total               1443 
_refine_hist.d_res_high                       1.9 
_refine_hist.d_res_low                        38.365 
# 
loop_
_refine_ls_restr.pdbx_refine_id 
_refine_ls_restr.criterion 
_refine_ls_restr.dev_ideal 
_refine_ls_restr.dev_ideal_target 
_refine_ls_restr.number 
_refine_ls_restr.rejects 
_refine_ls_restr.type 
_refine_ls_restr.weight 
_refine_ls_restr.pdbx_restraint_function 
'X-RAY DIFFRACTION' ? 0.008  ? 1409 ? f_bond_d           ? ? 
'X-RAY DIFFRACTION' ? 0.811  ? 1902 ? f_angle_d          ? ? 
'X-RAY DIFFRACTION' ? 19.635 ? 511  ? f_dihedral_angle_d ? ? 
'X-RAY DIFFRACTION' ? 0.084  ? 191  ? f_chiral_restr     ? ? 
'X-RAY DIFFRACTION' ? 0.006  ? 245  ? f_plane_restr      ? ? 
# 
loop_
_refine_ls_shell.pdbx_refine_id 
_refine_ls_shell.d_res_high 
_refine_ls_shell.d_res_low 
_refine_ls_shell.number_reflns_all 
_refine_ls_shell.number_reflns_obs 
_refine_ls_shell.number_reflns_R_free 
_refine_ls_shell.number_reflns_R_work 
_refine_ls_shell.percent_reflns_obs 
_refine_ls_shell.percent_reflns_R_free 
_refine_ls_shell.R_factor_all 
_refine_ls_shell.R_factor_obs 
_refine_ls_shell.R_factor_R_free 
_refine_ls_shell.R_factor_R_free_error 
_refine_ls_shell.R_factor_R_work 
_refine_ls_shell.redundancy_reflns_all 
_refine_ls_shell.redundancy_reflns_obs 
_refine_ls_shell.wR_factor_all 
_refine_ls_shell.wR_factor_obs 
_refine_ls_shell.wR_factor_R_free 
_refine_ls_shell.wR_factor_R_work 
_refine_ls_shell.pdbx_total_number_of_bins_used 
_refine_ls_shell.pdbx_phase_error 
_refine_ls_shell.pdbx_fsc_work 
_refine_ls_shell.pdbx_fsc_free 
'X-RAY DIFFRACTION' 1.8984 2.0449  . . 126 2387 100.00 . . . 0.3009 . 0.2451 . . . . . . . . . . 
'X-RAY DIFFRACTION' 2.0449 2.2507  . . 128 2427 100.00 . . . 0.2527 . 0.2414 . . . . . . . . . . 
'X-RAY DIFFRACTION' 2.2507 2.5763  . . 128 2441 100.00 . . . 0.2536 . 0.2225 . . . . . . . . . . 
'X-RAY DIFFRACTION' 2.5763 3.2456  . . 131 2481 100.00 . . . 0.2643 . 0.2253 . . . . . . . . . . 
'X-RAY DIFFRACTION' 3.2456 38.3726 . . 136 2594 99.00  . . . 0.2248 . 0.1832 . . . . . . . . . . 
# 
_struct.entry_id                     6AA4 
_struct.title                        'Crystal structure of MTH1 in complex with alpha-mangostin (cocktail No. 9)' 
_struct.pdbx_model_details           ? 
_struct.pdbx_formula_weight          ? 
_struct.pdbx_formula_weight_method   ? 
_struct.pdbx_model_type_details      ? 
_struct.pdbx_CASP_flag               N 
# 
_struct_keywords.entry_id        6AA4 
_struct_keywords.text            'HYDROLASE, NUDT1, ANTITUMOR PROTEIN' 
_struct_keywords.pdbx_keywords   'ANTITUMOR PROTEIN' 
# 
loop_
_struct_asym.id 
_struct_asym.pdbx_blank_PDB_chainid_flag 
_struct_asym.pdbx_modified 
_struct_asym.entity_id 
_struct_asym.details 
A N N 1 ? 
B N N 2 ? 
C N N 2 ? 
D N N 3 ? 
E N N 4 ? 
F N N 5 ? 
# 
_struct_ref.id                         1 
_struct_ref.db_name                    UNP 
_struct_ref.db_code                    8ODP_HUMAN 
_struct_ref.pdbx_db_accession          P36639 
_struct_ref.pdbx_db_isoform            ? 
_struct_ref.entity_id                  1 
_struct_ref.pdbx_seq_one_letter_code   
;ASRLYTLVLVLQPQRVLLGMKKRGFGAGRWNGFGGKVQEGETIEDGARRELQEESGLTVDALHKVGQIVFEFVGEPELMD
VHVFCTDSIQGTPVESDEMRPCWFQLDQIPFKDMWPDDSYWFPLLLQKKKFHGYFKFQGQDTILDYTLREVDTV
;
_struct_ref.pdbx_align_begin           44 
# 
_struct_ref_seq.align_id                      1 
_struct_ref_seq.ref_id                        1 
_struct_ref_seq.pdbx_PDB_id_code              6AA4 
_struct_ref_seq.pdbx_strand_id                A 
_struct_ref_seq.seq_align_beg                 2 
_struct_ref_seq.pdbx_seq_align_beg_ins_code   ? 
_struct_ref_seq.seq_align_end                 155 
_struct_ref_seq.pdbx_seq_align_end_ins_code   ? 
_struct_ref_seq.pdbx_db_accession             P36639 
_struct_ref_seq.db_align_beg                  44 
_struct_ref_seq.pdbx_db_align_beg_ins_code    ? 
_struct_ref_seq.db_align_end                  197 
_struct_ref_seq.pdbx_db_align_end_ins_code    ? 
_struct_ref_seq.pdbx_auth_seq_align_beg       3 
_struct_ref_seq.pdbx_auth_seq_align_end       156 
# 
loop_
_struct_ref_seq_dif.align_id 
_struct_ref_seq_dif.pdbx_pdb_id_code 
_struct_ref_seq_dif.mon_id 
_struct_ref_seq_dif.pdbx_pdb_strand_id 
_struct_ref_seq_dif.seq_num 
_struct_ref_seq_dif.pdbx_pdb_ins_code 
_struct_ref_seq_dif.pdbx_seq_db_name 
_struct_ref_seq_dif.pdbx_seq_db_accession_code 
_struct_ref_seq_dif.db_mon_id 
_struct_ref_seq_dif.pdbx_seq_db_seq_num 
_struct_ref_seq_dif.details 
_struct_ref_seq_dif.pdbx_auth_seq_num 
_struct_ref_seq_dif.pdbx_ordinal 
1 6AA4 MET A 1   ? UNP P36639 ? ? 'initiating methionine' 2   1 
1 6AA4 LEU A 156 ? UNP P36639 ? ? 'expression tag'        157 2 
1 6AA4 GLU A 157 ? UNP P36639 ? ? 'expression tag'        158 3 
1 6AA4 HIS A 158 ? UNP P36639 ? ? 'expression tag'        159 4 
1 6AA4 HIS A 159 ? UNP P36639 ? ? 'expression tag'        160 5 
1 6AA4 HIS A 160 ? UNP P36639 ? ? 'expression tag'        161 6 
1 6AA4 HIS A 161 ? UNP P36639 ? ? 'expression tag'        162 7 
1 6AA4 HIS A 162 ? UNP P36639 ? ? 'expression tag'        163 8 
1 6AA4 HIS A 163 ? UNP P36639 ? ? 'expression tag'        164 9 
# 
loop_
_pdbx_struct_assembly.id 
_pdbx_struct_assembly.details 
_pdbx_struct_assembly.method_details 
_pdbx_struct_assembly.oligomeric_details 
_pdbx_struct_assembly.oligomeric_count 
1 author_defined_assembly   ?    monomeric 1 
2 software_defined_assembly PISA dimeric   2 
# 
loop_
_pdbx_struct_assembly_prop.biol_id 
_pdbx_struct_assembly_prop.type 
_pdbx_struct_assembly_prop.value 
_pdbx_struct_assembly_prop.details 
1 'ABSA (A^2)' 190   ? 
1 MORE         -28   ? 
1 'SSA (A^2)'  8440  ? 
2 'ABSA (A^2)' 2290  ? 
2 MORE         -138  ? 
2 'SSA (A^2)'  15170 ? 
# 
loop_
_pdbx_struct_assembly_gen.assembly_id 
_pdbx_struct_assembly_gen.oper_expression 
_pdbx_struct_assembly_gen.asym_id_list 
1 1   A,B,C,D,E,F 
2 1,2 A,B,C,D,E,F 
# 
_pdbx_struct_assembly_auth_evidence.id                     1 
_pdbx_struct_assembly_auth_evidence.assembly_id            1 
_pdbx_struct_assembly_auth_evidence.experimental_support   'gel filtration' 
_pdbx_struct_assembly_auth_evidence.details                ? 
# 
loop_
_pdbx_struct_oper_list.id 
_pdbx_struct_oper_list.type 
_pdbx_struct_oper_list.name 
_pdbx_struct_oper_list.symmetry_operation 
_pdbx_struct_oper_list.matrix[1][1] 
_pdbx_struct_oper_list.matrix[1][2] 
_pdbx_struct_oper_list.matrix[1][3] 
_pdbx_struct_oper_list.vector[1] 
_pdbx_struct_oper_list.matrix[2][1] 
_pdbx_struct_oper_list.matrix[2][2] 
_pdbx_struct_oper_list.matrix[2][3] 
_pdbx_struct_oper_list.vector[2] 
_pdbx_struct_oper_list.matrix[3][1] 
_pdbx_struct_oper_list.matrix[3][2] 
_pdbx_struct_oper_list.matrix[3][3] 
_pdbx_struct_oper_list.vector[3] 
1 'identity operation'         1_555 x,y,z    1.0000000000  0.0000000000 0.0000000000 0.0000000000 0.0000000000 1.0000000000 0.0000000000 0.0000000000   0.0000000000 0.0000000000 1.0000000000  0.0000000000  
2 'crystal symmetry operation' 8_555 -y,-x,-z -0.8419899062 0.4474423361 0.3014106067 3.6579581106 0.4474423361 0.2670370560 0.8535142451 -20.4086187769 0.3014106067 0.8535142451 -0.4250471498 28.3788478849 
# 
loop_
_struct_conf.conf_type_id 
_struct_conf.id 
_struct_conf.pdbx_PDB_helix_id 
_struct_conf.beg_label_comp_id 
_struct_conf.beg_label_asym_id 
_struct_conf.beg_label_seq_id 
_struct_conf.pdbx_beg_PDB_ins_code 
_struct_conf.end_label_comp_id 
_struct_conf.end_label_asym_id 
_struct_conf.end_label_seq_id 
_struct_conf.pdbx_end_PDB_ins_code 
_struct_conf.beg_auth_comp_id 
_struct_conf.beg_auth_asym_id 
_struct_conf.beg_auth_seq_id 
_struct_conf.end_auth_comp_id 
_struct_conf.end_auth_asym_id 
_struct_conf.end_auth_seq_id 
_struct_conf.pdbx_PDB_helix_class 
_struct_conf.details 
_struct_conf.pdbx_PDB_helix_length 
HELX_P HELX_P1 AA1 THR A 43  ? GLY A 57  ? THR A 44  GLY A 58  1 ? 15 
HELX_P HELX_P2 AA2 ASP A 108 ? ILE A 110 ? ASP A 109 ILE A 111 5 ? 3  
HELX_P HELX_P3 AA3 PRO A 111 ? MET A 115 ? PRO A 112 MET A 116 5 ? 5  
HELX_P HELX_P4 AA4 TRP A 116 ? PRO A 117 ? TRP A 117 PRO A 118 5 ? 2  
HELX_P HELX_P5 AA5 ASP A 118 ? GLN A 128 ? ASP A 119 GLN A 129 1 ? 11 
# 
_struct_conf_type.id          HELX_P 
_struct_conf_type.criteria    ? 
_struct_conf_type.reference   ? 
# 
loop_
_struct_conn.id 
_struct_conn.conn_type_id 
_struct_conn.pdbx_leaving_atom_flag 
_struct_conn.pdbx_PDB_id 
_struct_conn.ptnr1_label_asym_id 
_struct_conn.ptnr1_label_comp_id 
_struct_conn.ptnr1_label_seq_id 
_struct_conn.ptnr1_label_atom_id 
_struct_conn.pdbx_ptnr1_label_alt_id 
_struct_conn.pdbx_ptnr1_PDB_ins_code 
_struct_conn.pdbx_ptnr1_standard_comp_id 
_struct_conn.ptnr1_symmetry 
_struct_conn.ptnr2_label_asym_id 
_struct_conn.ptnr2_label_comp_id 
_struct_conn.ptnr2_label_seq_id 
_struct_conn.ptnr2_label_atom_id 
_struct_conn.pdbx_ptnr2_label_alt_id 
_struct_conn.pdbx_ptnr2_PDB_ins_code 
_struct_conn.ptnr1_auth_asym_id 
_struct_conn.ptnr1_auth_comp_id 
_struct_conn.ptnr1_auth_seq_id 
_struct_conn.ptnr2_auth_asym_id 
_struct_conn.ptnr2_auth_comp_id 
_struct_conn.ptnr2_auth_seq_id 
_struct_conn.ptnr2_symmetry 
_struct_conn.pdbx_ptnr3_label_atom_id 
_struct_conn.pdbx_ptnr3_label_seq_id 
_struct_conn.pdbx_ptnr3_label_comp_id 
_struct_conn.pdbx_ptnr3_label_asym_id 
_struct_conn.pdbx_ptnr3_label_alt_id 
_struct_conn.pdbx_ptnr3_PDB_ins_code 
_struct_conn.details 
_struct_conn.pdbx_dist_value 
_struct_conn.pdbx_value_order 
_struct_conn.pdbx_role 
disulf1 disulf ? ? A CYS 103 SG  A ? ? 1_555 A CYS 103 SG A ? A CYS 104 A CYS 104 15_545 ? ? ? ? ? ? ? 2.053 ? ? 
disulf2 disulf ? ? A CYS 103 SG  B ? ? 1_555 A CYS 103 SG B ? A CYS 104 A CYS 104 15_545 ? ? ? ? ? ? ? 2.053 ? ? 
metalc1 metalc ? ? A GLU 40  OE1 ? ? ? 1_555 C ZN  .   ZN ? ? A GLU 41  A ZN  202 1_555  ? ? ? ? ? ? ? 2.023 ? ? 
metalc2 metalc ? ? A GLU 40  OE2 ? ? ? 1_555 C ZN  .   ZN ? ? A GLU 41  A ZN  202 1_555  ? ? ? ? ? ? ? 2.182 ? ? 
metalc3 metalc ? ? A ASP 81  OD2 ? ? ? 1_555 B ZN  .   ZN ? ? A ASP 82  A ZN  201 1_555  ? ? ? ? ? ? ? 1.955 ? ? 
metalc4 metalc ? ? A HIS 83  NE2 ? ? ? 1_555 B ZN  .   ZN ? ? A HIS 84  A ZN  201 1_555  ? ? ? ? ? ? ? 2.018 ? ? 
metalc5 metalc ? ? A HIS 158 ND1 ? ? ? 1_555 B ZN  .   ZN ? ? A HIS 159 A ZN  201 1_555  ? ? ? ? ? ? ? 2.034 ? ? 
metalc6 metalc ? ? A HIS 160 NE2 ? ? ? 1_555 B ZN  .   ZN ? ? A HIS 161 A ZN  201 1_555  ? ? ? ? ? ? ? 2.043 ? ? 
metalc7 metalc ? ? A HIS 161 NE2 ? ? ? 1_555 C ZN  .   ZN ? ? A HIS 162 A ZN  202 8_555  ? ? ? ? ? ? ? 1.984 ? ? 
metalc8 metalc ? ? A HIS 162 NE2 ? ? ? 1_555 C ZN  .   ZN ? ? A HIS 163 A ZN  202 8_555  ? ? ? ? ? ? ? 2.022 ? ? 
metalc9 metalc ? ? A HIS 163 NE2 ? ? ? 1_555 C ZN  .   ZN ? ? A HIS 164 A ZN  202 1_555  ? ? ? ? ? ? ? 2.001 ? ? 
# 
loop_
_struct_conn_type.id 
_struct_conn_type.criteria 
_struct_conn_type.reference 
disulf ? ? 
metalc ? ? 
# 
loop_
_pdbx_struct_conn_angle.id 
_pdbx_struct_conn_angle.ptnr1_label_atom_id 
_pdbx_struct_conn_angle.ptnr1_label_alt_id 
_pdbx_struct_conn_angle.ptnr1_label_asym_id 
_pdbx_struct_conn_angle.ptnr1_label_comp_id 
_pdbx_struct_conn_angle.ptnr1_label_seq_id 
_pdbx_struct_conn_angle.ptnr1_auth_atom_id 
_pdbx_struct_conn_angle.ptnr1_auth_asym_id 
_pdbx_struct_conn_angle.ptnr1_auth_comp_id 
_pdbx_struct_conn_angle.ptnr1_auth_seq_id 
_pdbx_struct_conn_angle.ptnr1_PDB_ins_code 
_pdbx_struct_conn_angle.ptnr1_symmetry 
_pdbx_struct_conn_angle.ptnr2_label_atom_id 
_pdbx_struct_conn_angle.ptnr2_label_alt_id 
_pdbx_struct_conn_angle.ptnr2_label_asym_id 
_pdbx_struct_conn_angle.ptnr2_label_comp_id 
_pdbx_struct_conn_angle.ptnr2_label_seq_id 
_pdbx_struct_conn_angle.ptnr2_auth_atom_id 
_pdbx_struct_conn_angle.ptnr2_auth_asym_id 
_pdbx_struct_conn_angle.ptnr2_auth_comp_id 
_pdbx_struct_conn_angle.ptnr2_auth_seq_id 
_pdbx_struct_conn_angle.ptnr2_PDB_ins_code 
_pdbx_struct_conn_angle.ptnr2_symmetry 
_pdbx_struct_conn_angle.ptnr3_label_atom_id 
_pdbx_struct_conn_angle.ptnr3_label_alt_id 
_pdbx_struct_conn_angle.ptnr3_label_asym_id 
_pdbx_struct_conn_angle.ptnr3_label_comp_id 
_pdbx_struct_conn_angle.ptnr3_label_seq_id 
_pdbx_struct_conn_angle.ptnr3_auth_atom_id 
_pdbx_struct_conn_angle.ptnr3_auth_asym_id 
_pdbx_struct_conn_angle.ptnr3_auth_comp_id 
_pdbx_struct_conn_angle.ptnr3_auth_seq_id 
_pdbx_struct_conn_angle.ptnr3_PDB_ins_code 
_pdbx_struct_conn_angle.ptnr3_symmetry 
_pdbx_struct_conn_angle.value 
_pdbx_struct_conn_angle.value_esd 
1  OE1 ? A GLU 40  ? A GLU 41  ? 1_555 ZN ? C ZN . ? A ZN 202 ? 1_555 OE2 ? A GLU 40  ? A GLU 41  ? 1_555 61.8  ? 
2  OE1 ? A GLU 40  ? A GLU 41  ? 1_555 ZN ? C ZN . ? A ZN 202 ? 1_555 NE2 ? A HIS 161 ? A HIS 162 ? 1_555 155.2 ? 
3  OE2 ? A GLU 40  ? A GLU 41  ? 1_555 ZN ? C ZN . ? A ZN 202 ? 1_555 NE2 ? A HIS 161 ? A HIS 162 ? 1_555 95.8  ? 
4  OE1 ? A GLU 40  ? A GLU 41  ? 1_555 ZN ? C ZN . ? A ZN 202 ? 1_555 NE2 ? A HIS 162 ? A HIS 163 ? 1_555 141.0 ? 
5  OE2 ? A GLU 40  ? A GLU 41  ? 1_555 ZN ? C ZN . ? A ZN 202 ? 1_555 NE2 ? A HIS 162 ? A HIS 163 ? 1_555 84.9  ? 
6  NE2 ? A HIS 161 ? A HIS 162 ? 1_555 ZN ? C ZN . ? A ZN 202 ? 1_555 NE2 ? A HIS 162 ? A HIS 163 ? 1_555 14.7  ? 
7  OE1 ? A GLU 40  ? A GLU 41  ? 1_555 ZN ? C ZN . ? A ZN 202 ? 1_555 NE2 ? A HIS 163 ? A HIS 164 ? 1_555 105.1 ? 
8  OE2 ? A GLU 40  ? A GLU 41  ? 1_555 ZN ? C ZN . ? A ZN 202 ? 1_555 NE2 ? A HIS 163 ? A HIS 164 ? 1_555 92.2  ? 
9  NE2 ? A HIS 161 ? A HIS 162 ? 1_555 ZN ? C ZN . ? A ZN 202 ? 1_555 NE2 ? A HIS 163 ? A HIS 164 ? 1_555 85.1  ? 
10 NE2 ? A HIS 162 ? A HIS 163 ? 1_555 ZN ? C ZN . ? A ZN 202 ? 1_555 NE2 ? A HIS 163 ? A HIS 164 ? 1_555 95.3  ? 
11 OD2 ? A ASP 81  ? A ASP 82  ? 1_555 ZN ? B ZN . ? A ZN 201 ? 1_555 NE2 ? A HIS 83  ? A HIS 84  ? 1_555 115.2 ? 
12 OD2 ? A ASP 81  ? A ASP 82  ? 1_555 ZN ? B ZN . ? A ZN 201 ? 1_555 ND1 ? A HIS 158 ? A HIS 159 ? 1_555 112.3 ? 
13 NE2 ? A HIS 83  ? A HIS 84  ? 1_555 ZN ? B ZN . ? A ZN 201 ? 1_555 ND1 ? A HIS 158 ? A HIS 159 ? 1_555 105.9 ? 
14 OD2 ? A ASP 81  ? A ASP 82  ? 1_555 ZN ? B ZN . ? A ZN 201 ? 1_555 NE2 ? A HIS 160 ? A HIS 161 ? 1_555 101.4 ? 
15 NE2 ? A HIS 83  ? A HIS 84  ? 1_555 ZN ? B ZN . ? A ZN 201 ? 1_555 NE2 ? A HIS 160 ? A HIS 161 ? 1_555 111.1 ? 
16 ND1 ? A HIS 158 ? A HIS 159 ? 1_555 ZN ? B ZN . ? A ZN 201 ? 1_555 NE2 ? A HIS 160 ? A HIS 161 ? 1_555 111.0 ? 
# 
loop_
_pdbx_modification_feature.ordinal 
_pdbx_modification_feature.label_comp_id 
_pdbx_modification_feature.label_asym_id 
_pdbx_modification_feature.label_seq_id 
_pdbx_modification_feature.label_alt_id 
_pdbx_modification_feature.modified_residue_label_comp_id 
_pdbx_modification_feature.modified_residue_label_asym_id 
_pdbx_modification_feature.modified_residue_label_seq_id 
_pdbx_modification_feature.modified_residue_label_alt_id 
_pdbx_modification_feature.auth_comp_id 
_pdbx_modification_feature.auth_asym_id 
_pdbx_modification_feature.auth_seq_id 
_pdbx_modification_feature.PDB_ins_code 
_pdbx_modification_feature.symmetry 
_pdbx_modification_feature.modified_residue_auth_comp_id 
_pdbx_modification_feature.modified_residue_auth_asym_id 
_pdbx_modification_feature.modified_residue_auth_seq_id 
_pdbx_modification_feature.modified_residue_PDB_ins_code 
_pdbx_modification_feature.modified_residue_symmetry 
_pdbx_modification_feature.comp_id_linking_atom 
_pdbx_modification_feature.modified_residue_id_linking_atom 
_pdbx_modification_feature.modified_residue_id 
_pdbx_modification_feature.ref_pcm_id 
_pdbx_modification_feature.ref_comp_id 
_pdbx_modification_feature.type 
_pdbx_modification_feature.category 
1 CYS A 103 A CYS A 103 A CYS A 104 ? 1_555 CYS A 104 ? 15_545 SG SG . . . None 'Disulfide bridge' 
2 CYS A 103 B CYS A 103 B CYS A 104 ? 1_555 CYS A 104 ? 15_545 SG SG . . . None 'Disulfide bridge' 
# 
loop_
_struct_sheet.id 
_struct_sheet.type 
_struct_sheet.number_strands 
_struct_sheet.details 
AA1 ? 4 ? 
AA2 ? 7 ? 
AA3 ? 2 ? 
# 
loop_
_struct_sheet_order.sheet_id 
_struct_sheet_order.range_id_1 
_struct_sheet_order.range_id_2 
_struct_sheet_order.offset 
_struct_sheet_order.sense 
AA1 1 2 ? anti-parallel 
AA1 2 3 ? anti-parallel 
AA2 1 2 ? anti-parallel 
AA2 2 3 ? anti-parallel 
AA2 4 5 ? anti-parallel 
AA2 5 6 ? parallel      
AA2 6 7 ? anti-parallel 
AA3 1 2 ? anti-parallel 
# 
loop_
_struct_sheet_range.sheet_id 
_struct_sheet_range.id 
_struct_sheet_range.beg_label_comp_id 
_struct_sheet_range.beg_label_asym_id 
_struct_sheet_range.beg_label_seq_id 
_struct_sheet_range.pdbx_beg_PDB_ins_code 
_struct_sheet_range.end_label_comp_id 
_struct_sheet_range.end_label_asym_id 
_struct_sheet_range.end_label_seq_id 
_struct_sheet_range.pdbx_end_PDB_ins_code 
_struct_sheet_range.beg_auth_comp_id 
_struct_sheet_range.beg_auth_asym_id 
_struct_sheet_range.beg_auth_seq_id 
_struct_sheet_range.end_auth_comp_id 
_struct_sheet_range.end_auth_asym_id 
_struct_sheet_range.end_auth_seq_id 
AA1 1 TRP A 31  ? ASN A 32  ? TRP A 32  ASN A 33  
AA1 2 ARG A 16  ? LYS A 22  ? ARG A 17  LYS A 23  
AA1 3 SER A 3   ? LEU A 12  ? SER A 4   LEU A 13  
AA1 4 MET A 100 ? GLN A 106 ? MET A 101 GLN A 107 
AA2 1 PHE A 34  ? LYS A 37  ? PHE A 35  LYS A 38  
AA2 2 SER A 3   ? LEU A 12  ? SER A 4   LEU A 13  
AA2 3 ARG A 16  ? LYS A 22  ? ARG A 17  LYS A 23  
AA2 4 GLU A 76  ? THR A 87  ? GLU A 77  THR A 88  
AA2 5 HIS A 64  ? PHE A 73  ? HIS A 65  PHE A 74  
AA2 6 LYS A 131 ? GLN A 139 ? LYS A 132 GLN A 140 
AA2 7 THR A 143 ? VAL A 152 ? THR A 144 VAL A 153 
AA3 1 THR A 59  ? VAL A 60  ? THR A 60  VAL A 61  
AA3 2 ILE A 90  ? GLN A 91  ? ILE A 91  GLN A 92  
# 
loop_
_pdbx_struct_sheet_hbond.sheet_id 
_pdbx_struct_sheet_hbond.range_id_1 
_pdbx_struct_sheet_hbond.range_id_2 
_pdbx_struct_sheet_hbond.range_1_label_atom_id 
_pdbx_struct_sheet_hbond.range_1_label_comp_id 
_pdbx_struct_sheet_hbond.range_1_label_asym_id 
_pdbx_struct_sheet_hbond.range_1_label_seq_id 
_pdbx_struct_sheet_hbond.range_1_PDB_ins_code 
_pdbx_struct_sheet_hbond.range_1_auth_atom_id 
_pdbx_struct_sheet_hbond.range_1_auth_comp_id 
_pdbx_struct_sheet_hbond.range_1_auth_asym_id 
_pdbx_struct_sheet_hbond.range_1_auth_seq_id 
_pdbx_struct_sheet_hbond.range_2_label_atom_id 
_pdbx_struct_sheet_hbond.range_2_label_comp_id 
_pdbx_struct_sheet_hbond.range_2_label_asym_id 
_pdbx_struct_sheet_hbond.range_2_label_seq_id 
_pdbx_struct_sheet_hbond.range_2_PDB_ins_code 
_pdbx_struct_sheet_hbond.range_2_auth_atom_id 
_pdbx_struct_sheet_hbond.range_2_auth_comp_id 
_pdbx_struct_sheet_hbond.range_2_auth_asym_id 
_pdbx_struct_sheet_hbond.range_2_auth_seq_id 
AA1 1 2 O ASN A 32  ? O ASN A 33  N GLY A 20  ? N GLY A 21  
AA1 2 3 O LEU A 18  ? O LEU A 19  N VAL A 11  ? N VAL A 12  
AA2 1 2 O PHE A 34  ? O PHE A 35  N VAL A 9   ? N VAL A 10  
AA2 2 3 N VAL A 11  ? N VAL A 12  O LEU A 18  ? O LEU A 19  
AA2 4 5 O VAL A 82  ? O VAL A 83  N ILE A 69  ? N ILE A 70  
AA2 5 6 N GLU A 72  ? N GLU A 73  O PHE A 138 ? O PHE A 139 
AA2 6 7 N LYS A 137 ? N LYS A 138 O LEU A 145 ? O LEU A 146 
AA3 1 2 N THR A 59  ? N THR A 60  O GLN A 91  ? O GLN A 92  
# 
loop_
_struct_site.id 
_struct_site.pdbx_evidence_code 
_struct_site.pdbx_auth_asym_id 
_struct_site.pdbx_auth_comp_id 
_struct_site.pdbx_auth_seq_id 
_struct_site.pdbx_auth_ins_code 
_struct_site.pdbx_num_residues 
_struct_site.details 
AC1 Software A ZN  201 ? 4  'binding site for residue ZN A 201'  
AC2 Software A ZN  202 ? 4  'binding site for residue ZN A 202'  
AC3 Software A MKS 203 ? 14 'binding site for residue MKS A 203' 
AC4 Software A SO4 204 ? 6  'binding site for residue SO4 A 204' 
# 
loop_
_struct_site_gen.id 
_struct_site_gen.site_id 
_struct_site_gen.pdbx_num_res 
_struct_site_gen.label_comp_id 
_struct_site_gen.label_asym_id 
_struct_site_gen.label_seq_id 
_struct_site_gen.pdbx_auth_ins_code 
_struct_site_gen.auth_comp_id 
_struct_site_gen.auth_asym_id 
_struct_site_gen.auth_seq_id 
_struct_site_gen.label_atom_id 
_struct_site_gen.label_alt_id 
_struct_site_gen.symmetry 
_struct_site_gen.details 
1  AC1 4  ASP A 81  ? ASP A 82  . ? 1_555 ? 
2  AC1 4  HIS A 83  ? HIS A 84  . ? 1_555 ? 
3  AC1 4  HIS A 158 ? HIS A 159 . ? 1_555 ? 
4  AC1 4  HIS A 160 ? HIS A 161 . ? 1_555 ? 
5  AC2 4  GLU A 40  ? GLU A 41  . ? 1_555 ? 
6  AC2 4  HIS A 161 ? HIS A 162 . ? 8_555 ? 
7  AC2 4  HIS A 162 ? HIS A 163 . ? 8_555 ? 
8  AC2 4  HIS A 163 ? HIS A 164 . ? 1_555 ? 
9  AC3 14 TYR A 6   ? TYR A 7   . ? 1_555 ? 
10 AC3 14 PHE A 26  ? PHE A 27  . ? 1_555 ? 
11 AC3 14 ASN A 32  ? ASN A 33  . ? 1_555 ? 
12 AC3 14 ARG A 49  ? ARG A 50  . ? 4_655 ? 
13 AC3 14 VAL A 60  ? VAL A 61  . ? 4_655 ? 
14 AC3 14 ASP A 61  ? ASP A 62  . ? 4_655 ? 
15 AC3 14 PHE A 71  ? PHE A 72  . ? 1_555 ? 
16 AC3 14 PHE A 73  ? PHE A 74  . ? 1_555 ? 
17 AC3 14 MET A 80  ? MET A 81  . ? 1_555 ? 
18 AC3 14 TRP A 116 ? TRP A 117 . ? 1_555 ? 
19 AC3 14 ASP A 118 ? ASP A 119 . ? 1_555 ? 
20 AC3 14 ASP A 119 ? ASP A 120 . ? 1_555 ? 
21 AC3 14 GLY A 140 ? GLY A 141 . ? 1_555 ? 
22 AC3 14 HOH F .   ? HOH A 303 . ? 1_555 ? 
23 AC4 6  HIS A 160 ? HIS A 161 . ? 8_555 ? 
24 AC4 6  HIS A 160 ? HIS A 161 . ? 1_555 ? 
25 AC4 6  HIS A 161 ? HIS A 162 . ? 8_555 ? 
26 AC4 6  HIS A 161 ? HIS A 162 . ? 1_555 ? 
27 AC4 6  HIS A 162 ? HIS A 163 . ? 8_555 ? 
28 AC4 6  HIS A 162 ? HIS A 163 . ? 1_555 ? 
# 
_pdbx_entry_details.entry_id                   6AA4 
_pdbx_entry_details.compound_details           ? 
_pdbx_entry_details.source_details             ? 
_pdbx_entry_details.nonpolymer_details         ? 
_pdbx_entry_details.sequence_details           ? 
_pdbx_entry_details.has_ligand_of_interest     ? 
_pdbx_entry_details.has_protein_modification   Y 
# 
_pdbx_validate_rmsd_bond.id                        1 
_pdbx_validate_rmsd_bond.PDB_model_num             1 
_pdbx_validate_rmsd_bond.auth_atom_id_1            C 
_pdbx_validate_rmsd_bond.auth_asym_id_1            A 
_pdbx_validate_rmsd_bond.auth_comp_id_1            ILE 
_pdbx_validate_rmsd_bond.auth_seq_id_1             111 
_pdbx_validate_rmsd_bond.PDB_ins_code_1            ? 
_pdbx_validate_rmsd_bond.label_alt_id_1            ? 
_pdbx_validate_rmsd_bond.auth_atom_id_2            N 
_pdbx_validate_rmsd_bond.auth_asym_id_2            A 
_pdbx_validate_rmsd_bond.auth_comp_id_2            PRO 
_pdbx_validate_rmsd_bond.auth_seq_id_2             112 
_pdbx_validate_rmsd_bond.PDB_ins_code_2            ? 
_pdbx_validate_rmsd_bond.label_alt_id_2            ? 
_pdbx_validate_rmsd_bond.bond_value                1.518 
_pdbx_validate_rmsd_bond.bond_target_value         1.338 
_pdbx_validate_rmsd_bond.bond_deviation            0.180 
_pdbx_validate_rmsd_bond.bond_standard_deviation   0.019 
_pdbx_validate_rmsd_bond.linker_flag               Y 
# 
_pdbx_struct_special_symmetry.id              1 
_pdbx_struct_special_symmetry.PDB_model_num   1 
_pdbx_struct_special_symmetry.auth_asym_id    A 
_pdbx_struct_special_symmetry.auth_comp_id    SO4 
_pdbx_struct_special_symmetry.auth_seq_id     204 
_pdbx_struct_special_symmetry.PDB_ins_code    ? 
_pdbx_struct_special_symmetry.label_asym_id   E 
_pdbx_struct_special_symmetry.label_comp_id   SO4 
_pdbx_struct_special_symmetry.label_seq_id    . 
# 
_pdbx_unobs_or_zero_occ_residues.id               1 
_pdbx_unobs_or_zero_occ_residues.PDB_model_num    1 
_pdbx_unobs_or_zero_occ_residues.polymer_flag     Y 
_pdbx_unobs_or_zero_occ_residues.occupancy_flag   1 
_pdbx_unobs_or_zero_occ_residues.auth_asym_id     A 
_pdbx_unobs_or_zero_occ_residues.auth_comp_id     MET 
_pdbx_unobs_or_zero_occ_residues.auth_seq_id      2 
_pdbx_unobs_or_zero_occ_residues.PDB_ins_code     ? 
_pdbx_unobs_or_zero_occ_residues.label_asym_id    A 
_pdbx_unobs_or_zero_occ_residues.label_comp_id    MET 
_pdbx_unobs_or_zero_occ_residues.label_seq_id     1 
# 
loop_
_chem_comp_atom.comp_id 
_chem_comp_atom.atom_id 
_chem_comp_atom.type_symbol 
_chem_comp_atom.pdbx_aromatic_flag 
_chem_comp_atom.pdbx_stereo_config 
_chem_comp_atom.pdbx_ordinal 
ALA N    N  N N 1   
ALA CA   C  N S 2   
ALA C    C  N N 3   
ALA O    O  N N 4   
ALA CB   C  N N 5   
ALA OXT  O  N N 6   
ALA H    H  N N 7   
ALA H2   H  N N 8   
ALA HA   H  N N 9   
ALA HB1  H  N N 10  
ALA HB2  H  N N 11  
ALA HB3  H  N N 12  
ALA HXT  H  N N 13  
ARG N    N  N N 14  
ARG CA   C  N S 15  
ARG C    C  N N 16  
ARG O    O  N N 17  
ARG CB   C  N N 18  
ARG CG   C  N N 19  
ARG CD   C  N N 20  
ARG NE   N  N N 21  
ARG CZ   C  N N 22  
ARG NH1  N  N N 23  
ARG NH2  N  N N 24  
ARG OXT  O  N N 25  
ARG H    H  N N 26  
ARG H2   H  N N 27  
ARG HA   H  N N 28  
ARG HB2  H  N N 29  
ARG HB3  H  N N 30  
ARG HG2  H  N N 31  
ARG HG3  H  N N 32  
ARG HD2  H  N N 33  
ARG HD3  H  N N 34  
ARG HE   H  N N 35  
ARG HH11 H  N N 36  
ARG HH12 H  N N 37  
ARG HH21 H  N N 38  
ARG HH22 H  N N 39  
ARG HXT  H  N N 40  
ASN N    N  N N 41  
ASN CA   C  N S 42  
ASN C    C  N N 43  
ASN O    O  N N 44  
ASN CB   C  N N 45  
ASN CG   C  N N 46  
ASN OD1  O  N N 47  
ASN ND2  N  N N 48  
ASN OXT  O  N N 49  
ASN H    H  N N 50  
ASN H2   H  N N 51  
ASN HA   H  N N 52  
ASN HB2  H  N N 53  
ASN HB3  H  N N 54  
ASN HD21 H  N N 55  
ASN HD22 H  N N 56  
ASN HXT  H  N N 57  
ASP N    N  N N 58  
ASP CA   C  N S 59  
ASP C    C  N N 60  
ASP O    O  N N 61  
ASP CB   C  N N 62  
ASP CG   C  N N 63  
ASP OD1  O  N N 64  
ASP OD2  O  N N 65  
ASP OXT  O  N N 66  
ASP H    H  N N 67  
ASP H2   H  N N 68  
ASP HA   H  N N 69  
ASP HB2  H  N N 70  
ASP HB3  H  N N 71  
ASP HD2  H  N N 72  
ASP HXT  H  N N 73  
CYS N    N  N N 74  
CYS CA   C  N R 75  
CYS C    C  N N 76  
CYS O    O  N N 77  
CYS CB   C  N N 78  
CYS SG   S  N N 79  
CYS OXT  O  N N 80  
CYS H    H  N N 81  
CYS H2   H  N N 82  
CYS HA   H  N N 83  
CYS HB2  H  N N 84  
CYS HB3  H  N N 85  
CYS HG   H  N N 86  
CYS HXT  H  N N 87  
GLN N    N  N N 88  
GLN CA   C  N S 89  
GLN C    C  N N 90  
GLN O    O  N N 91  
GLN CB   C  N N 92  
GLN CG   C  N N 93  
GLN CD   C  N N 94  
GLN OE1  O  N N 95  
GLN NE2  N  N N 96  
GLN OXT  O  N N 97  
GLN H    H  N N 98  
GLN H2   H  N N 99  
GLN HA   H  N N 100 
GLN HB2  H  N N 101 
GLN HB3  H  N N 102 
GLN HG2  H  N N 103 
GLN HG3  H  N N 104 
GLN HE21 H  N N 105 
GLN HE22 H  N N 106 
GLN HXT  H  N N 107 
GLU N    N  N N 108 
GLU CA   C  N S 109 
GLU C    C  N N 110 
GLU O    O  N N 111 
GLU CB   C  N N 112 
GLU CG   C  N N 113 
GLU CD   C  N N 114 
GLU OE1  O  N N 115 
GLU OE2  O  N N 116 
GLU OXT  O  N N 117 
GLU H    H  N N 118 
GLU H2   H  N N 119 
GLU HA   H  N N 120 
GLU HB2  H  N N 121 
GLU HB3  H  N N 122 
GLU HG2  H  N N 123 
GLU HG3  H  N N 124 
GLU HE2  H  N N 125 
GLU HXT  H  N N 126 
GLY N    N  N N 127 
GLY CA   C  N N 128 
GLY C    C  N N 129 
GLY O    O  N N 130 
GLY OXT  O  N N 131 
GLY H    H  N N 132 
GLY H2   H  N N 133 
GLY HA2  H  N N 134 
GLY HA3  H  N N 135 
GLY HXT  H  N N 136 
HIS N    N  N N 137 
HIS CA   C  N S 138 
HIS C    C  N N 139 
HIS O    O  N N 140 
HIS CB   C  N N 141 
HIS CG   C  Y N 142 
HIS ND1  N  Y N 143 
HIS CD2  C  Y N 144 
HIS CE1  C  Y N 145 
HIS NE2  N  Y N 146 
HIS OXT  O  N N 147 
HIS H    H  N N 148 
HIS H2   H  N N 149 
HIS HA   H  N N 150 
HIS HB2  H  N N 151 
HIS HB3  H  N N 152 
HIS HD1  H  N N 153 
HIS HD2  H  N N 154 
HIS HE1  H  N N 155 
HIS HE2  H  N N 156 
HIS HXT  H  N N 157 
HOH O    O  N N 158 
HOH H1   H  N N 159 
HOH H2   H  N N 160 
ILE N    N  N N 161 
ILE CA   C  N S 162 
ILE C    C  N N 163 
ILE O    O  N N 164 
ILE CB   C  N S 165 
ILE CG1  C  N N 166 
ILE CG2  C  N N 167 
ILE CD1  C  N N 168 
ILE OXT  O  N N 169 
ILE H    H  N N 170 
ILE H2   H  N N 171 
ILE HA   H  N N 172 
ILE HB   H  N N 173 
ILE HG12 H  N N 174 
ILE HG13 H  N N 175 
ILE HG21 H  N N 176 
ILE HG22 H  N N 177 
ILE HG23 H  N N 178 
ILE HD11 H  N N 179 
ILE HD12 H  N N 180 
ILE HD13 H  N N 181 
ILE HXT  H  N N 182 
LEU N    N  N N 183 
LEU CA   C  N S 184 
LEU C    C  N N 185 
LEU O    O  N N 186 
LEU CB   C  N N 187 
LEU CG   C  N N 188 
LEU CD1  C  N N 189 
LEU CD2  C  N N 190 
LEU OXT  O  N N 191 
LEU H    H  N N 192 
LEU H2   H  N N 193 
LEU HA   H  N N 194 
LEU HB2  H  N N 195 
LEU HB3  H  N N 196 
LEU HG   H  N N 197 
LEU HD11 H  N N 198 
LEU HD12 H  N N 199 
LEU HD13 H  N N 200 
LEU HD21 H  N N 201 
LEU HD22 H  N N 202 
LEU HD23 H  N N 203 
LEU HXT  H  N N 204 
LYS N    N  N N 205 
LYS CA   C  N S 206 
LYS C    C  N N 207 
LYS O    O  N N 208 
LYS CB   C  N N 209 
LYS CG   C  N N 210 
LYS CD   C  N N 211 
LYS CE   C  N N 212 
LYS NZ   N  N N 213 
LYS OXT  O  N N 214 
LYS H    H  N N 215 
LYS H2   H  N N 216 
LYS HA   H  N N 217 
LYS HB2  H  N N 218 
LYS HB3  H  N N 219 
LYS HG2  H  N N 220 
LYS HG3  H  N N 221 
LYS HD2  H  N N 222 
LYS HD3  H  N N 223 
LYS HE2  H  N N 224 
LYS HE3  H  N N 225 
LYS HZ1  H  N N 226 
LYS HZ2  H  N N 227 
LYS HZ3  H  N N 228 
LYS HXT  H  N N 229 
MET N    N  N N 230 
MET CA   C  N S 231 
MET C    C  N N 232 
MET O    O  N N 233 
MET CB   C  N N 234 
MET CG   C  N N 235 
MET SD   S  N N 236 
MET CE   C  N N 237 
MET OXT  O  N N 238 
MET H    H  N N 239 
MET H2   H  N N 240 
MET HA   H  N N 241 
MET HB2  H  N N 242 
MET HB3  H  N N 243 
MET HG2  H  N N 244 
MET HG3  H  N N 245 
MET HE1  H  N N 246 
MET HE2  H  N N 247 
MET HE3  H  N N 248 
MET HXT  H  N N 249 
MKS CAD  C  N N 250 
MKS CAS  C  N N 251 
MKS CAE  C  N N 252 
MKS CAK  C  N N 253 
MKS CAO  C  N N 254 
MKS CAX  C  Y N 255 
MKS CBD  C  Y N 256 
MKS CAZ  C  N N 257 
MKS OAF  O  N N 258 
MKS CBC  C  Y N 259 
MKS CAV  C  Y N 260 
MKS OAI  O  N N 261 
MKS CAW  C  Y N 262 
MKS CAN  C  N N 263 
MKS CAJ  C  N N 264 
MKS CAR  C  N N 265 
MKS CAC  C  N N 266 
MKS CAB  C  N N 267 
MKS CAT  C  Y N 268 
MKS OAG  O  N N 269 
MKS CAL  C  Y N 270 
MKS CBA  C  Y N 271 
MKS OAQ  O  N N 272 
MKS CBB  C  Y N 273 
MKS CAM  C  Y N 274 
MKS CAU  C  Y N 275 
MKS OAH  O  N N 276 
MKS CAY  C  Y N 277 
MKS OAP  O  N N 278 
MKS CAA  C  N N 279 
MKS H1   H  N N 280 
MKS H2   H  N N 281 
MKS H3   H  N N 282 
MKS H4   H  N N 283 
MKS H5   H  N N 284 
MKS H6   H  N N 285 
MKS H7   H  N N 286 
MKS H8   H  N N 287 
MKS H9   H  N N 288 
MKS H10  H  N N 289 
MKS H11  H  N N 290 
MKS H12  H  N N 291 
MKS H13  H  N N 292 
MKS H14  H  N N 293 
MKS H15  H  N N 294 
MKS H16  H  N N 295 
MKS H17  H  N N 296 
MKS H18  H  N N 297 
MKS H19  H  N N 298 
MKS H20  H  N N 299 
MKS H21  H  N N 300 
MKS H22  H  N N 301 
MKS H23  H  N N 302 
MKS H24  H  N N 303 
MKS H25  H  N N 304 
MKS H26  H  N N 305 
PHE N    N  N N 306 
PHE CA   C  N S 307 
PHE C    C  N N 308 
PHE O    O  N N 309 
PHE CB   C  N N 310 
PHE CG   C  Y N 311 
PHE CD1  C  Y N 312 
PHE CD2  C  Y N 313 
PHE CE1  C  Y N 314 
PHE CE2  C  Y N 315 
PHE CZ   C  Y N 316 
PHE OXT  O  N N 317 
PHE H    H  N N 318 
PHE H2   H  N N 319 
PHE HA   H  N N 320 
PHE HB2  H  N N 321 
PHE HB3  H  N N 322 
PHE HD1  H  N N 323 
PHE HD2  H  N N 324 
PHE HE1  H  N N 325 
PHE HE2  H  N N 326 
PHE HZ   H  N N 327 
PHE HXT  H  N N 328 
PRO N    N  N N 329 
PRO CA   C  N S 330 
PRO C    C  N N 331 
PRO O    O  N N 332 
PRO CB   C  N N 333 
PRO CG   C  N N 334 
PRO CD   C  N N 335 
PRO OXT  O  N N 336 
PRO H    H  N N 337 
PRO HA   H  N N 338 
PRO HB2  H  N N 339 
PRO HB3  H  N N 340 
PRO HG2  H  N N 341 
PRO HG3  H  N N 342 
PRO HD2  H  N N 343 
PRO HD3  H  N N 344 
PRO HXT  H  N N 345 
SER N    N  N N 346 
SER CA   C  N S 347 
SER C    C  N N 348 
SER O    O  N N 349 
SER CB   C  N N 350 
SER OG   O  N N 351 
SER OXT  O  N N 352 
SER H    H  N N 353 
SER H2   H  N N 354 
SER HA   H  N N 355 
SER HB2  H  N N 356 
SER HB3  H  N N 357 
SER HG   H  N N 358 
SER HXT  H  N N 359 
SO4 S    S  N N 360 
SO4 O1   O  N N 361 
SO4 O2   O  N N 362 
SO4 O3   O  N N 363 
SO4 O4   O  N N 364 
THR N    N  N N 365 
THR CA   C  N S 366 
THR C    C  N N 367 
THR O    O  N N 368 
THR CB   C  N R 369 
THR OG1  O  N N 370 
THR CG2  C  N N 371 
THR OXT  O  N N 372 
THR H    H  N N 373 
THR H2   H  N N 374 
THR HA   H  N N 375 
THR HB   H  N N 376 
THR HG1  H  N N 377 
THR HG21 H  N N 378 
THR HG22 H  N N 379 
THR HG23 H  N N 380 
THR HXT  H  N N 381 
TRP N    N  N N 382 
TRP CA   C  N S 383 
TRP C    C  N N 384 
TRP O    O  N N 385 
TRP CB   C  N N 386 
TRP CG   C  Y N 387 
TRP CD1  C  Y N 388 
TRP CD2  C  Y N 389 
TRP NE1  N  Y N 390 
TRP CE2  C  Y N 391 
TRP CE3  C  Y N 392 
TRP CZ2  C  Y N 393 
TRP CZ3  C  Y N 394 
TRP CH2  C  Y N 395 
TRP OXT  O  N N 396 
TRP H    H  N N 397 
TRP H2   H  N N 398 
TRP HA   H  N N 399 
TRP HB2  H  N N 400 
TRP HB3  H  N N 401 
TRP HD1  H  N N 402 
TRP HE1  H  N N 403 
TRP HE3  H  N N 404 
TRP HZ2  H  N N 405 
TRP HZ3  H  N N 406 
TRP HH2  H  N N 407 
TRP HXT  H  N N 408 
TYR N    N  N N 409 
TYR CA   C  N S 410 
TYR C    C  N N 411 
TYR O    O  N N 412 
TYR CB   C  N N 413 
TYR CG   C  Y N 414 
TYR CD1  C  Y N 415 
TYR CD2  C  Y N 416 
TYR CE1  C  Y N 417 
TYR CE2  C  Y N 418 
TYR CZ   C  Y N 419 
TYR OH   O  N N 420 
TYR OXT  O  N N 421 
TYR H    H  N N 422 
TYR H2   H  N N 423 
TYR HA   H  N N 424 
TYR HB2  H  N N 425 
TYR HB3  H  N N 426 
TYR HD1  H  N N 427 
TYR HD2  H  N N 428 
TYR HE1  H  N N 429 
TYR HE2  H  N N 430 
TYR HH   H  N N 431 
TYR HXT  H  N N 432 
VAL N    N  N N 433 
VAL CA   C  N S 434 
VAL C    C  N N 435 
VAL O    O  N N 436 
VAL CB   C  N N 437 
VAL CG1  C  N N 438 
VAL CG2  C  N N 439 
VAL OXT  O  N N 440 
VAL H    H  N N 441 
VAL H2   H  N N 442 
VAL HA   H  N N 443 
VAL HB   H  N N 444 
VAL HG11 H  N N 445 
VAL HG12 H  N N 446 
VAL HG13 H  N N 447 
VAL HG21 H  N N 448 
VAL HG22 H  N N 449 
VAL HG23 H  N N 450 
VAL HXT  H  N N 451 
ZN  ZN   ZN N N 452 
# 
loop_
_chem_comp_bond.comp_id 
_chem_comp_bond.atom_id_1 
_chem_comp_bond.atom_id_2 
_chem_comp_bond.value_order 
_chem_comp_bond.pdbx_aromatic_flag 
_chem_comp_bond.pdbx_stereo_config 
_chem_comp_bond.pdbx_ordinal 
ALA N   CA   sing N N 1   
ALA N   H    sing N N 2   
ALA N   H2   sing N N 3   
ALA CA  C    sing N N 4   
ALA CA  CB   sing N N 5   
ALA CA  HA   sing N N 6   
ALA C   O    doub N N 7   
ALA C   OXT  sing N N 8   
ALA CB  HB1  sing N N 9   
ALA CB  HB2  sing N N 10  
ALA CB  HB3  sing N N 11  
ALA OXT HXT  sing N N 12  
ARG N   CA   sing N N 13  
ARG N   H    sing N N 14  
ARG N   H2   sing N N 15  
ARG CA  C    sing N N 16  
ARG CA  CB   sing N N 17  
ARG CA  HA   sing N N 18  
ARG C   O    doub N N 19  
ARG C   OXT  sing N N 20  
ARG CB  CG   sing N N 21  
ARG CB  HB2  sing N N 22  
ARG CB  HB3  sing N N 23  
ARG CG  CD   sing N N 24  
ARG CG  HG2  sing N N 25  
ARG CG  HG3  sing N N 26  
ARG CD  NE   sing N N 27  
ARG CD  HD2  sing N N 28  
ARG CD  HD3  sing N N 29  
ARG NE  CZ   sing N N 30  
ARG NE  HE   sing N N 31  
ARG CZ  NH1  sing N N 32  
ARG CZ  NH2  doub N N 33  
ARG NH1 HH11 sing N N 34  
ARG NH1 HH12 sing N N 35  
ARG NH2 HH21 sing N N 36  
ARG NH2 HH22 sing N N 37  
ARG OXT HXT  sing N N 38  
ASN N   CA   sing N N 39  
ASN N   H    sing N N 40  
ASN N   H2   sing N N 41  
ASN CA  C    sing N N 42  
ASN CA  CB   sing N N 43  
ASN CA  HA   sing N N 44  
ASN C   O    doub N N 45  
ASN C   OXT  sing N N 46  
ASN CB  CG   sing N N 47  
ASN CB  HB2  sing N N 48  
ASN CB  HB3  sing N N 49  
ASN CG  OD1  doub N N 50  
ASN CG  ND2  sing N N 51  
ASN ND2 HD21 sing N N 52  
ASN ND2 HD22 sing N N 53  
ASN OXT HXT  sing N N 54  
ASP N   CA   sing N N 55  
ASP N   H    sing N N 56  
ASP N   H2   sing N N 57  
ASP CA  C    sing N N 58  
ASP CA  CB   sing N N 59  
ASP CA  HA   sing N N 60  
ASP C   O    doub N N 61  
ASP C   OXT  sing N N 62  
ASP CB  CG   sing N N 63  
ASP CB  HB2  sing N N 64  
ASP CB  HB3  sing N N 65  
ASP CG  OD1  doub N N 66  
ASP CG  OD2  sing N N 67  
ASP OD2 HD2  sing N N 68  
ASP OXT HXT  sing N N 69  
CYS N   CA   sing N N 70  
CYS N   H    sing N N 71  
CYS N   H2   sing N N 72  
CYS CA  C    sing N N 73  
CYS CA  CB   sing N N 74  
CYS CA  HA   sing N N 75  
CYS C   O    doub N N 76  
CYS C   OXT  sing N N 77  
CYS CB  SG   sing N N 78  
CYS CB  HB2  sing N N 79  
CYS CB  HB3  sing N N 80  
CYS SG  HG   sing N N 81  
CYS OXT HXT  sing N N 82  
GLN N   CA   sing N N 83  
GLN N   H    sing N N 84  
GLN N   H2   sing N N 85  
GLN CA  C    sing N N 86  
GLN CA  CB   sing N N 87  
GLN CA  HA   sing N N 88  
GLN C   O    doub N N 89  
GLN C   OXT  sing N N 90  
GLN CB  CG   sing N N 91  
GLN CB  HB2  sing N N 92  
GLN CB  HB3  sing N N 93  
GLN CG  CD   sing N N 94  
GLN CG  HG2  sing N N 95  
GLN CG  HG3  sing N N 96  
GLN CD  OE1  doub N N 97  
GLN CD  NE2  sing N N 98  
GLN NE2 HE21 sing N N 99  
GLN NE2 HE22 sing N N 100 
GLN OXT HXT  sing N N 101 
GLU N   CA   sing N N 102 
GLU N   H    sing N N 103 
GLU N   H2   sing N N 104 
GLU CA  C    sing N N 105 
GLU CA  CB   sing N N 106 
GLU CA  HA   sing N N 107 
GLU C   O    doub N N 108 
GLU C   OXT  sing N N 109 
GLU CB  CG   sing N N 110 
GLU CB  HB2  sing N N 111 
GLU CB  HB3  sing N N 112 
GLU CG  CD   sing N N 113 
GLU CG  HG2  sing N N 114 
GLU CG  HG3  sing N N 115 
GLU CD  OE1  doub N N 116 
GLU CD  OE2  sing N N 117 
GLU OE2 HE2  sing N N 118 
GLU OXT HXT  sing N N 119 
GLY N   CA   sing N N 120 
GLY N   H    sing N N 121 
GLY N   H2   sing N N 122 
GLY CA  C    sing N N 123 
GLY CA  HA2  sing N N 124 
GLY CA  HA3  sing N N 125 
GLY C   O    doub N N 126 
GLY C   OXT  sing N N 127 
GLY OXT HXT  sing N N 128 
HIS N   CA   sing N N 129 
HIS N   H    sing N N 130 
HIS N   H2   sing N N 131 
HIS CA  C    sing N N 132 
HIS CA  CB   sing N N 133 
HIS CA  HA   sing N N 134 
HIS C   O    doub N N 135 
HIS C   OXT  sing N N 136 
HIS CB  CG   sing N N 137 
HIS CB  HB2  sing N N 138 
HIS CB  HB3  sing N N 139 
HIS CG  ND1  sing Y N 140 
HIS CG  CD2  doub Y N 141 
HIS ND1 CE1  doub Y N 142 
HIS ND1 HD1  sing N N 143 
HIS CD2 NE2  sing Y N 144 
HIS CD2 HD2  sing N N 145 
HIS CE1 NE2  sing Y N 146 
HIS CE1 HE1  sing N N 147 
HIS NE2 HE2  sing N N 148 
HIS OXT HXT  sing N N 149 
HOH O   H1   sing N N 150 
HOH O   H2   sing N N 151 
ILE N   CA   sing N N 152 
ILE N   H    sing N N 153 
ILE N   H2   sing N N 154 
ILE CA  C    sing N N 155 
ILE CA  CB   sing N N 156 
ILE CA  HA   sing N N 157 
ILE C   O    doub N N 158 
ILE C   OXT  sing N N 159 
ILE CB  CG1  sing N N 160 
ILE CB  CG2  sing N N 161 
ILE CB  HB   sing N N 162 
ILE CG1 CD1  sing N N 163 
ILE CG1 HG12 sing N N 164 
ILE CG1 HG13 sing N N 165 
ILE CG2 HG21 sing N N 166 
ILE CG2 HG22 sing N N 167 
ILE CG2 HG23 sing N N 168 
ILE CD1 HD11 sing N N 169 
ILE CD1 HD12 sing N N 170 
ILE CD1 HD13 sing N N 171 
ILE OXT HXT  sing N N 172 
LEU N   CA   sing N N 173 
LEU N   H    sing N N 174 
LEU N   H2   sing N N 175 
LEU CA  C    sing N N 176 
LEU CA  CB   sing N N 177 
LEU CA  HA   sing N N 178 
LEU C   O    doub N N 179 
LEU C   OXT  sing N N 180 
LEU CB  CG   sing N N 181 
LEU CB  HB2  sing N N 182 
LEU CB  HB3  sing N N 183 
LEU CG  CD1  sing N N 184 
LEU CG  CD2  sing N N 185 
LEU CG  HG   sing N N 186 
LEU CD1 HD11 sing N N 187 
LEU CD1 HD12 sing N N 188 
LEU CD1 HD13 sing N N 189 
LEU CD2 HD21 sing N N 190 
LEU CD2 HD22 sing N N 191 
LEU CD2 HD23 sing N N 192 
LEU OXT HXT  sing N N 193 
LYS N   CA   sing N N 194 
LYS N   H    sing N N 195 
LYS N   H2   sing N N 196 
LYS CA  C    sing N N 197 
LYS CA  CB   sing N N 198 
LYS CA  HA   sing N N 199 
LYS C   O    doub N N 200 
LYS C   OXT  sing N N 201 
LYS CB  CG   sing N N 202 
LYS CB  HB2  sing N N 203 
LYS CB  HB3  sing N N 204 
LYS CG  CD   sing N N 205 
LYS CG  HG2  sing N N 206 
LYS CG  HG3  sing N N 207 
LYS CD  CE   sing N N 208 
LYS CD  HD2  sing N N 209 
LYS CD  HD3  sing N N 210 
LYS CE  NZ   sing N N 211 
LYS CE  HE2  sing N N 212 
LYS CE  HE3  sing N N 213 
LYS NZ  HZ1  sing N N 214 
LYS NZ  HZ2  sing N N 215 
LYS NZ  HZ3  sing N N 216 
LYS OXT HXT  sing N N 217 
MET N   CA   sing N N 218 
MET N   H    sing N N 219 
MET N   H2   sing N N 220 
MET CA  C    sing N N 221 
MET CA  CB   sing N N 222 
MET CA  HA   sing N N 223 
MET C   O    doub N N 224 
MET C   OXT  sing N N 225 
MET CB  CG   sing N N 226 
MET CB  HB2  sing N N 227 
MET CB  HB3  sing N N 228 
MET CG  SD   sing N N 229 
MET CG  HG2  sing N N 230 
MET CG  HG3  sing N N 231 
MET SD  CE   sing N N 232 
MET CE  HE1  sing N N 233 
MET CE  HE2  sing N N 234 
MET CE  HE3  sing N N 235 
MET OXT HXT  sing N N 236 
MKS CAD CAS  sing N N 237 
MKS CAE CAS  sing N N 238 
MKS CAS CAK  doub N N 239 
MKS CAA OAP  sing N N 240 
MKS CAK CAO  sing N N 241 
MKS OAP CAY  sing N N 242 
MKS CAO CAX  sing N N 243 
MKS CAY CAX  doub Y N 244 
MKS CAY CAU  sing Y N 245 
MKS CAX CBD  sing Y N 246 
MKS OAH CAU  sing N N 247 
MKS OAF CAZ  doub N N 248 
MKS CAU CAM  doub Y N 249 
MKS CBD CAZ  sing N N 250 
MKS CBD CBB  doub Y N 251 
MKS CAZ CBC  sing N N 252 
MKS CAM CBB  sing Y N 253 
MKS CBB OAQ  sing N N 254 
MKS OAI CAV  sing N N 255 
MKS CBC CAV  sing Y N 256 
MKS CBC CBA  doub Y N 257 
MKS CAV CAW  doub Y N 258 
MKS OAQ CBA  sing N N 259 
MKS CBA CAL  sing Y N 260 
MKS CAW CAN  sing N N 261 
MKS CAW CAT  sing Y N 262 
MKS CAN CAJ  sing N N 263 
MKS CAL CAT  doub Y N 264 
MKS CAJ CAR  doub N N 265 
MKS CAT OAG  sing N N 266 
MKS CAR CAB  sing N N 267 
MKS CAR CAC  sing N N 268 
MKS CAD H1   sing N N 269 
MKS CAD H2   sing N N 270 
MKS CAD H3   sing N N 271 
MKS CAE H4   sing N N 272 
MKS CAE H5   sing N N 273 
MKS CAE H6   sing N N 274 
MKS CAK H7   sing N N 275 
MKS CAO H8   sing N N 276 
MKS CAO H9   sing N N 277 
MKS OAI H10  sing N N 278 
MKS CAN H11  sing N N 279 
MKS CAN H12  sing N N 280 
MKS CAJ H13  sing N N 281 
MKS CAC H14  sing N N 282 
MKS CAC H15  sing N N 283 
MKS CAC H16  sing N N 284 
MKS CAB H17  sing N N 285 
MKS CAB H18  sing N N 286 
MKS CAB H19  sing N N 287 
MKS OAG H20  sing N N 288 
MKS CAL H21  sing N N 289 
MKS CAM H22  sing N N 290 
MKS OAH H23  sing N N 291 
MKS CAA H24  sing N N 292 
MKS CAA H25  sing N N 293 
MKS CAA H26  sing N N 294 
PHE N   CA   sing N N 295 
PHE N   H    sing N N 296 
PHE N   H2   sing N N 297 
PHE CA  C    sing N N 298 
PHE CA  CB   sing N N 299 
PHE CA  HA   sing N N 300 
PHE C   O    doub N N 301 
PHE C   OXT  sing N N 302 
PHE CB  CG   sing N N 303 
PHE CB  HB2  sing N N 304 
PHE CB  HB3  sing N N 305 
PHE CG  CD1  doub Y N 306 
PHE CG  CD2  sing Y N 307 
PHE CD1 CE1  sing Y N 308 
PHE CD1 HD1  sing N N 309 
PHE CD2 CE2  doub Y N 310 
PHE CD2 HD2  sing N N 311 
PHE CE1 CZ   doub Y N 312 
PHE CE1 HE1  sing N N 313 
PHE CE2 CZ   sing Y N 314 
PHE CE2 HE2  sing N N 315 
PHE CZ  HZ   sing N N 316 
PHE OXT HXT  sing N N 317 
PRO N   CA   sing N N 318 
PRO N   CD   sing N N 319 
PRO N   H    sing N N 320 
PRO CA  C    sing N N 321 
PRO CA  CB   sing N N 322 
PRO CA  HA   sing N N 323 
PRO C   O    doub N N 324 
PRO C   OXT  sing N N 325 
PRO CB  CG   sing N N 326 
PRO CB  HB2  sing N N 327 
PRO CB  HB3  sing N N 328 
PRO CG  CD   sing N N 329 
PRO CG  HG2  sing N N 330 
PRO CG  HG3  sing N N 331 
PRO CD  HD2  sing N N 332 
PRO CD  HD3  sing N N 333 
PRO OXT HXT  sing N N 334 
SER N   CA   sing N N 335 
SER N   H    sing N N 336 
SER N   H2   sing N N 337 
SER CA  C    sing N N 338 
SER CA  CB   sing N N 339 
SER CA  HA   sing N N 340 
SER C   O    doub N N 341 
SER C   OXT  sing N N 342 
SER CB  OG   sing N N 343 
SER CB  HB2  sing N N 344 
SER CB  HB3  sing N N 345 
SER OG  HG   sing N N 346 
SER OXT HXT  sing N N 347 
SO4 S   O1   doub N N 348 
SO4 S   O2   doub N N 349 
SO4 S   O3   sing N N 350 
SO4 S   O4   sing N N 351 
THR N   CA   sing N N 352 
THR N   H    sing N N 353 
THR N   H2   sing N N 354 
THR CA  C    sing N N 355 
THR CA  CB   sing N N 356 
THR CA  HA   sing N N 357 
THR C   O    doub N N 358 
THR C   OXT  sing N N 359 
THR CB  OG1  sing N N 360 
THR CB  CG2  sing N N 361 
THR CB  HB   sing N N 362 
THR OG1 HG1  sing N N 363 
THR CG2 HG21 sing N N 364 
THR CG2 HG22 sing N N 365 
THR CG2 HG23 sing N N 366 
THR OXT HXT  sing N N 367 
TRP N   CA   sing N N 368 
TRP N   H    sing N N 369 
TRP N   H2   sing N N 370 
TRP CA  C    sing N N 371 
TRP CA  CB   sing N N 372 
TRP CA  HA   sing N N 373 
TRP C   O    doub N N 374 
TRP C   OXT  sing N N 375 
TRP CB  CG   sing N N 376 
TRP CB  HB2  sing N N 377 
TRP CB  HB3  sing N N 378 
TRP CG  CD1  doub Y N 379 
TRP CG  CD2  sing Y N 380 
TRP CD1 NE1  sing Y N 381 
TRP CD1 HD1  sing N N 382 
TRP CD2 CE2  doub Y N 383 
TRP CD2 CE3  sing Y N 384 
TRP NE1 CE2  sing Y N 385 
TRP NE1 HE1  sing N N 386 
TRP CE2 CZ2  sing Y N 387 
TRP CE3 CZ3  doub Y N 388 
TRP CE3 HE3  sing N N 389 
TRP CZ2 CH2  doub Y N 390 
TRP CZ2 HZ2  sing N N 391 
TRP CZ3 CH2  sing Y N 392 
TRP CZ3 HZ3  sing N N 393 
TRP CH2 HH2  sing N N 394 
TRP OXT HXT  sing N N 395 
TYR N   CA   sing N N 396 
TYR N   H    sing N N 397 
TYR N   H2   sing N N 398 
TYR CA  C    sing N N 399 
TYR CA  CB   sing N N 400 
TYR CA  HA   sing N N 401 
TYR C   O    doub N N 402 
TYR C   OXT  sing N N 403 
TYR CB  CG   sing N N 404 
TYR CB  HB2  sing N N 405 
TYR CB  HB3  sing N N 406 
TYR CG  CD1  doub Y N 407 
TYR CG  CD2  sing Y N 408 
TYR CD1 CE1  sing Y N 409 
TYR CD1 HD1  sing N N 410 
TYR CD2 CE2  doub Y N 411 
TYR CD2 HD2  sing N N 412 
TYR CE1 CZ   doub Y N 413 
TYR CE1 HE1  sing N N 414 
TYR CE2 CZ   sing Y N 415 
TYR CE2 HE2  sing N N 416 
TYR CZ  OH   sing N N 417 
TYR OH  HH   sing N N 418 
TYR OXT HXT  sing N N 419 
VAL N   CA   sing N N 420 
VAL N   H    sing N N 421 
VAL N   H2   sing N N 422 
VAL CA  C    sing N N 423 
VAL CA  CB   sing N N 424 
VAL CA  HA   sing N N 425 
VAL C   O    doub N N 426 
VAL C   OXT  sing N N 427 
VAL CB  CG1  sing N N 428 
VAL CB  CG2  sing N N 429 
VAL CB  HB   sing N N 430 
VAL CG1 HG11 sing N N 431 
VAL CG1 HG12 sing N N 432 
VAL CG1 HG13 sing N N 433 
VAL CG2 HG21 sing N N 434 
VAL CG2 HG22 sing N N 435 
VAL CG2 HG23 sing N N 436 
VAL OXT HXT  sing N N 437 
# 
_pdbx_initial_refinement_model.id               1 
_pdbx_initial_refinement_model.entity_id_list   ? 
_pdbx_initial_refinement_model.type             'experimental model' 
_pdbx_initial_refinement_model.source_name      PDB 
_pdbx_initial_refinement_model.accession_code   6AA3 
_pdbx_initial_refinement_model.details          ? 
# 
_atom_sites.entry_id                    6AA4 
_atom_sites.fract_transf_matrix[1][1]   0.01298042 
_atom_sites.fract_transf_matrix[1][2]   0.00702284 
_atom_sites.fract_transf_matrix[1][3]   0.00251382 
_atom_sites.fract_transf_matrix[2][1]   0.00702937 
_atom_sites.fract_transf_matrix[2][2]   -0.00982893 
_atom_sites.fract_transf_matrix[2][3]   -0.00883804 
_atom_sites.fract_transf_matrix[3][1]   -0.00118548 
_atom_sites.fract_transf_matrix[3][2]   0.00420099 
_atom_sites.fract_transf_matrix[3][3]   -0.00561488 
_atom_sites.fract_transf_vector[1]      0.257564 
_atom_sites.fract_transf_vector[2]      -0.233059 
_atom_sites.fract_transf_vector[3]      0.124708 
# 
loop_
_atom_type.symbol 
C  
N  
O  
S  
ZN 
# 
loop_
_atom_site.group_PDB 
_atom_site.id 
_atom_site.type_symbol 
_atom_site.label_atom_id 
_atom_site.label_alt_id 
_atom_site.label_comp_id 
_atom_site.label_asym_id 
_atom_site.label_entity_id 
_atom_site.label_seq_id 
_atom_site.pdbx_PDB_ins_code 
_atom_site.Cartn_x 
_atom_site.Cartn_y 
_atom_site.Cartn_z 
_atom_site.occupancy 
_atom_site.B_iso_or_equiv 
_atom_site.pdbx_formal_charge 
_atom_site.auth_seq_id 
_atom_site.auth_comp_id 
_atom_site.auth_asym_id 
_atom_site.auth_atom_id 
_atom_site.pdbx_PDB_model_num 
ATOM   1    N  N   . ALA A 1 2   ? 13.571  -5.986  14.935  1.00 56.38 ? 3   ALA A N   1 
ATOM   2    C  CA  . ALA A 1 2   ? 13.964  -4.850  14.107  1.00 52.84 ? 3   ALA A CA  1 
ATOM   3    C  C   . ALA A 1 2   ? 13.013  -4.685  12.925  1.00 52.78 ? 3   ALA A C   1 
ATOM   4    O  O   . ALA A 1 2   ? 13.166  -5.348  11.894  1.00 50.86 ? 3   ALA A O   1 
ATOM   5    C  CB  . ALA A 1 2   ? 15.393  -5.024  13.616  1.00 55.24 ? 3   ALA A CB  1 
ATOM   6    N  N   . SER A 1 3   ? 12.033  -3.798  13.077  1.00 45.10 ? 4   SER A N   1 
ATOM   7    C  CA  . SER A 1 3   ? 11.065  -3.564  12.015  1.00 42.28 ? 4   SER A CA  1 
ATOM   8    C  C   . SER A 1 3   ? 10.487  -2.166  12.165  1.00 43.15 ? 4   SER A C   1 
ATOM   9    O  O   . SER A 1 3   ? 10.593  -1.539  13.223  1.00 45.00 ? 4   SER A O   1 
ATOM   10   C  CB  . SER A 1 3   ? 9.953   -4.619  12.021  1.00 41.79 ? 4   SER A CB  1 
ATOM   11   O  OG  . SER A 1 3   ? 9.236   -4.594  13.244  1.00 47.60 ? 4   SER A OG  1 
ATOM   12   N  N   . ARG A 1 4   ? 9.890   -1.679  11.080  1.00 42.02 ? 5   ARG A N   1 
ATOM   13   C  CA  . ARG A 1 4   ? 9.166   -0.419  11.072  1.00 37.71 ? 5   ARG A CA  1 
ATOM   14   C  C   . ARG A 1 4   ? 7.776   -0.661  10.502  1.00 35.79 ? 5   ARG A C   1 
ATOM   15   O  O   . ARG A 1 4   ? 7.589   -1.517  9.633   1.00 32.67 ? 5   ARG A O   1 
ATOM   16   C  CB  . ARG A 1 4   ? 9.891   0.648   10.252  1.00 44.13 ? 5   ARG A CB  1 
ATOM   17   C  CG  . ARG A 1 4   ? 10.883  0.088   9.250   1.00 47.19 ? 5   ARG A CG  1 
ATOM   18   C  CD  . ARG A 1 4   ? 12.283  0.077   9.833   1.00 52.05 ? 5   ARG A CD  1 
ATOM   19   N  NE  . ARG A 1 4   ? 12.912  1.391   9.764   1.00 56.02 ? 5   ARG A NE  1 
ATOM   20   C  CZ  . ARG A 1 4   ? 13.870  1.801   10.586  1.00 58.23 ? 5   ARG A CZ  1 
ATOM   21   N  NH1 . ARG A 1 4   ? 14.298  1.006   11.558  1.00 56.39 ? 5   ARG A NH1 1 
ATOM   22   N  NH2 . ARG A 1 4   ? 14.393  3.013   10.446  1.00 55.49 ? 5   ARG A NH2 1 
ATOM   23   N  N   . LEU A 1 5   ? 6.807   0.102   11.000  1.00 29.02 ? 6   LEU A N   1 
ATOM   24   C  CA  . LEU A 1 5   ? 5.390   -0.162  10.780  1.00 31.55 ? 6   LEU A CA  1 
ATOM   25   C  C   . LEU A 1 5   ? 4.839   0.830   9.764   1.00 29.64 ? 6   LEU A C   1 
ATOM   26   O  O   . LEU A 1 5   ? 4.961   2.046   9.951   1.00 29.29 ? 6   LEU A O   1 
ATOM   27   C  CB  . LEU A 1 5   ? 4.638   -0.034  12.105  1.00 27.33 ? 6   LEU A CB  1 
ATOM   28   C  CG  . LEU A 1 5   ? 3.132   -0.261  12.121  1.00 31.42 ? 6   LEU A CG  1 
ATOM   29   C  CD1 . LEU A 1 5   ? 2.804   -1.667  11.654  1.00 31.06 ? 6   LEU A CD1 1 
ATOM   30   C  CD2 . LEU A 1 5   ? 2.601   -0.019  13.528  1.00 32.34 ? 6   LEU A CD2 1 
ATOM   31   N  N   . TYR A 1 6   ? 4.227   0.314   8.697   1.00 27.95 ? 7   TYR A N   1 
ATOM   32   C  CA  . TYR A 1 6   ? 3.704   1.145   7.624   1.00 26.27 ? 7   TYR A CA  1 
ATOM   33   C  C   . TYR A 1 6   ? 2.312   0.677   7.234   1.00 26.76 ? 7   TYR A C   1 
ATOM   34   O  O   . TYR A 1 6   ? 1.899   -0.444  7.543   1.00 27.22 ? 7   TYR A O   1 
ATOM   35   C  CB  . TYR A 1 6   ? 4.578   1.077   6.368   1.00 29.87 ? 7   TYR A CB  1 
ATOM   36   C  CG  . TYR A 1 6   ? 5.983   1.584   6.552   1.00 31.83 ? 7   TYR A CG  1 
ATOM   37   C  CD1 . TYR A 1 6   ? 6.939   0.799   7.175   1.00 35.81 ? 7   TYR A CD1 1 
ATOM   38   C  CD2 . TYR A 1 6   ? 6.361   2.839   6.087   1.00 32.77 ? 7   TYR A CD2 1 
ATOM   39   C  CE1 . TYR A 1 6   ? 8.227   1.247   7.342   1.00 38.20 ? 7   TYR A CE1 1 
ATOM   40   C  CE2 . TYR A 1 6   ? 7.661   3.300   6.255   1.00 39.21 ? 7   TYR A CE2 1 
ATOM   41   C  CZ  . TYR A 1 6   ? 8.585   2.492   6.887   1.00 38.70 ? 7   TYR A CZ  1 
ATOM   42   O  OH  . TYR A 1 6   ? 9.886   2.912   7.068   1.00 50.51 ? 7   TYR A OH  1 
ATOM   43   N  N   . THR A 1 7   ? 1.598   1.545   6.522   1.00 24.51 ? 8   THR A N   1 
ATOM   44   C  CA  . THR A 1 7   ? 0.311   1.198   5.945   1.00 24.56 ? 8   THR A CA  1 
ATOM   45   C  C   . THR A 1 7   ? 0.330   1.435   4.445   1.00 29.29 ? 8   THR A C   1 
ATOM   46   O  O   . THR A 1 7   ? 1.110   2.246   3.932   1.00 26.13 ? 8   THR A O   1 
ATOM   47   C  CB  . THR A 1 7   ? -0.813  2.030   6.547   1.00 24.77 ? 8   THR A CB  1 
ATOM   48   O  OG1 . THR A 1 7   ? -0.584  3.416   6.250   1.00 30.73 ? 8   THR A OG1 1 
ATOM   49   C  CG2 . THR A 1 7   ? -0.866  1.817   8.049   1.00 27.40 ? 8   THR A CG2 1 
ATOM   50   N  N   . LEU A 1 8   ? -0.527  0.697   3.743   1.00 24.61 ? 9   LEU A N   1 
ATOM   51   C  CA  . LEU A 1 8   ? -0.744  0.898   2.321   1.00 23.15 ? 9   LEU A CA  1 
ATOM   52   C  C   . LEU A 1 8   ? -2.230  0.734   2.056   1.00 23.40 ? 9   LEU A C   1 
ATOM   53   O  O   . LEU A 1 8   ? -2.812  -0.285  2.433   1.00 27.63 ? 9   LEU A O   1 
ATOM   54   C  CB  . LEU A 1 8   ? 0.054   -0.131  1.513   1.00 26.84 ? 9   LEU A CB  1 
ATOM   55   C  CG  . LEU A 1 8   ? 0.033   0.077   0.004   1.00 29.47 ? 9   LEU A CG  1 
ATOM   56   C  CD1 . LEU A 1 8   ? 0.650   1.424   -0.357  1.00 30.47 ? 9   LEU A CD1 1 
ATOM   57   C  CD2 . LEU A 1 8   ? 0.781   -1.057  -0.678  1.00 28.67 ? 9   LEU A CD2 1 
ATOM   58   N  N   . VAL A 1 9   ? -2.838  1.718   1.398   1.00 26.55 ? 10  VAL A N   1 
ATOM   59   C  CA  . VAL A 1 9   ? -4.281  1.743   1.186   1.00 27.01 ? 10  VAL A CA  1 
ATOM   60   C  C   . VAL A 1 9   ? -4.567  1.746   -0.308  1.00 29.87 ? 10  VAL A C   1 
ATOM   61   O  O   . VAL A 1 9   ? -4.087  2.620   -1.037  1.00 25.90 ? 10  VAL A O   1 
ATOM   62   C  CB  . VAL A 1 9   ? -4.936  2.958   1.868   1.00 26.76 ? 10  VAL A CB  1 
ATOM   63   C  CG1 . VAL A 1 9   ? -6.447  2.916   1.659   1.00 28.07 ? 10  VAL A CG1 1 
ATOM   64   C  CG2 . VAL A 1 9   ? -4.596  2.985   3.348   1.00 26.42 ? 10  VAL A CG2 1 
ATOM   65   N  N   . LEU A 1 10  ? -5.360  0.779   -0.754  1.00 28.40 ? 11  LEU A N   1 
ATOM   66   C  CA  . LEU A 1 10  ? -5.759  0.663   -2.150  1.00 27.40 ? 11  LEU A CA  1 
ATOM   67   C  C   . LEU A 1 10  ? -7.227  1.041   -2.252  1.00 30.81 ? 11  LEU A C   1 
ATOM   68   O  O   . LEU A 1 10  ? -8.079  0.379   -1.655  1.00 30.79 ? 11  LEU A O   1 
ATOM   69   C  CB  . LEU A 1 10  ? -5.568  -0.766  -2.657  1.00 31.43 ? 11  LEU A CB  1 
ATOM   70   C  CG  . LEU A 1 10  ? -4.151  -1.247  -2.978  1.00 30.76 ? 11  LEU A CG  1 
ATOM   71   C  CD1 . LEU A 1 10  ? -3.469  -0.291  -3.942  1.00 33.36 ? 11  LEU A CD1 1 
ATOM   72   C  CD2 . LEU A 1 10  ? -3.337  -1.428  -1.709  1.00 33.79 ? 11  LEU A CD2 1 
ATOM   73   N  N   . VAL A 1 11  ? -7.524  2.076   -3.028  1.00 30.39 ? 12  VAL A N   1 
ATOM   74   C  CA  . VAL A 1 11  ? -8.900  2.493   -3.258  1.00 33.13 ? 12  VAL A CA  1 
ATOM   75   C  C   . VAL A 1 11  ? -9.355  1.759   -4.512  1.00 33.44 ? 12  VAL A C   1 
ATOM   76   O  O   . VAL A 1 11  ? -8.924  2.079   -5.623  1.00 31.47 ? 12  VAL A O   1 
ATOM   77   C  CB  . VAL A 1 11  ? -8.985  4.012   -3.446  1.00 34.96 ? 12  VAL A CB  1 
ATOM   78   C  CG1 . VAL A 1 11  ? -10.410 4.435   -3.811  1.00 35.78 ? 12  VAL A CG1 1 
ATOM   79   C  CG2 . VAL A 1 11  ? -8.502  4.731   -2.189  1.00 33.56 ? 12  VAL A CG2 1 
ATOM   80   N  N   . LEU A 1 12  ? -10.254 0.796   -4.339  1.00 34.52 ? 13  LEU A N   1 
ATOM   81   C  CA  . LEU A 1 12  ? -10.543 -0.190  -5.375  1.00 35.79 ? 13  LEU A CA  1 
ATOM   82   C  C   . LEU A 1 12  ? -12.046 -0.227  -5.601  1.00 38.18 ? 13  LEU A C   1 
ATOM   83   O  O   . LEU A 1 12  ? -12.799 -0.641  -4.713  1.00 39.61 ? 13  LEU A O   1 
ATOM   84   C  CB  . LEU A 1 12  ? -10.025 -1.563  -4.949  1.00 36.99 ? 13  LEU A CB  1 
ATOM   85   C  CG  . LEU A 1 12  ? -10.258 -2.737  -5.900  1.00 41.22 ? 13  LEU A CG  1 
ATOM   86   C  CD1 . LEU A 1 12  ? -9.634  -2.449  -7.255  1.00 37.85 ? 13  LEU A CD1 1 
ATOM   87   C  CD2 . LEU A 1 12  ? -9.698  -4.022  -5.304  1.00 42.81 ? 13  LEU A CD2 1 
ATOM   88   N  N   . GLN A 1 13  ? -12.478 0.213   -6.782  1.00 34.10 ? 14  GLN A N   1 
ATOM   89   C  CA  . GLN A 1 13  ? -13.877 0.139   -7.183  1.00 40.74 ? 14  GLN A CA  1 
ATOM   90   C  C   . GLN A 1 13  ? -14.042 -0.987  -8.202  1.00 41.02 ? 14  GLN A C   1 
ATOM   91   O  O   . GLN A 1 13  ? -13.038 -1.596  -8.599  1.00 39.77 ? 14  GLN A O   1 
ATOM   92   C  CB  . GLN A 1 13  ? -14.314 1.516   -7.693  1.00 38.28 ? 14  GLN A CB  1 
ATOM   93   C  CG  . GLN A 1 13  ? -14.053 2.607   -6.660  1.00 40.54 ? 14  GLN A CG  1 
ATOM   94   C  CD  . GLN A 1 13  ? -14.886 3.851   -6.868  1.00 41.22 ? 14  GLN A CD  1 
ATOM   95   O  OE1 . GLN A 1 13  ? -15.180 4.237   -7.999  1.00 40.38 ? 14  GLN A OE1 1 
ATOM   96   N  NE2 . GLN A 1 13  ? -15.272 4.492   -5.768  1.00 42.52 ? 14  GLN A NE2 1 
ATOM   97   N  N   . PRO A 1 14  ? -15.260 -1.293  -8.672  1.00 45.18 ? 15  PRO A N   1 
ATOM   98   C  CA  . PRO A 1 14  ? -15.400 -2.472  -9.548  1.00 43.05 ? 15  PRO A CA  1 
ATOM   99   C  C   . PRO A 1 14  ? -14.581 -2.418  -10.831 1.00 42.80 ? 15  PRO A C   1 
ATOM   100  O  O   . PRO A 1 14  ? -13.955 -3.422  -11.193 1.00 45.60 ? 15  PRO A O   1 
ATOM   101  C  CB  . PRO A 1 14  ? -16.912 -2.539  -9.805  1.00 43.62 ? 15  PRO A CB  1 
ATOM   102  C  CG  . PRO A 1 14  ? -17.509 -1.940  -8.586  1.00 44.06 ? 15  PRO A CG  1 
ATOM   103  C  CD  . PRO A 1 14  ? -16.576 -0.819  -8.198  1.00 42.54 ? 15  PRO A CD  1 
ATOM   104  N  N   . GLN A 1 15  ? -14.605 -1.304  -11.561 1.00 40.59 ? 16  GLN A N   1 
ATOM   105  C  CA  . GLN A 1 15  ? -13.838 -1.199  -12.797 1.00 42.71 ? 16  GLN A CA  1 
ATOM   106  C  C   . GLN A 1 15  ? -12.520 -0.436  -12.694 1.00 39.33 ? 16  GLN A C   1 
ATOM   107  O  O   . GLN A 1 15  ? -11.809 -0.339  -13.700 1.00 34.64 ? 16  GLN A O   1 
ATOM   108  C  CB  . GLN A 1 15  ? -14.698 -0.661  -13.944 1.00 46.07 ? 16  GLN A CB  1 
ATOM   109  C  CG  . GLN A 1 15  ? -15.472 -1.760  -14.652 1.00 53.48 ? 16  GLN A CG  1 
ATOM   110  C  CD  . GLN A 1 15  ? -14.590 -2.951  -14.992 1.00 55.41 ? 16  GLN A CD  1 
ATOM   111  O  OE1 . GLN A 1 15  ? -13.620 -2.827  -15.742 1.00 60.32 ? 16  GLN A OE1 1 
ATOM   112  N  NE2 . GLN A 1 15  ? -14.915 -4.111  -14.428 1.00 53.08 ? 16  GLN A NE2 1 
ATOM   113  N  N   . ARG A 1 16  ? -12.166 0.114   -11.533 1.00 37.48 ? 17  ARG A N   1 
ATOM   114  C  CA  . ARG A 1 16  ? -11.038 1.036   -11.517 1.00 35.79 ? 17  ARG A CA  1 
ATOM   115  C  C   . ARG A 1 16  ? -10.381 1.074   -10.145 1.00 32.45 ? 17  ARG A C   1 
ATOM   116  O  O   . ARG A 1 16  ? -10.969 0.688   -9.132  1.00 31.06 ? 17  ARG A O   1 
ATOM   117  C  CB  . ARG A 1 16  ? -11.466 2.450   -11.925 1.00 35.51 ? 17  ARG A CB  1 
ATOM   118  C  CG  . ARG A 1 16  ? -12.518 3.043   -11.005 1.00 35.84 ? 17  ARG A CG  1 
ATOM   119  C  CD  . ARG A 1 16  ? -12.976 4.416   -11.464 1.00 34.28 ? 17  ARG A CD  1 
ATOM   120  N  NE  . ARG A 1 16  ? -13.902 4.997   -10.497 1.00 35.42 ? 17  ARG A NE  1 
ATOM   121  C  CZ  . ARG A 1 16  ? -14.281 6.269   -10.488 1.00 36.76 ? 17  ARG A CZ  1 
ATOM   122  N  NH1 . ARG A 1 16  ? -13.808 7.110   -11.400 1.00 38.41 ? 17  ARG A NH1 1 
ATOM   123  N  NH2 . ARG A 1 16  ? -15.131 6.701   -9.562  1.00 33.20 ? 17  ARG A NH2 1 
ATOM   124  N  N   . VAL A 1 17  ? -9.145  1.564   -10.133 1.00 31.64 ? 18  VAL A N   1 
ATOM   125  C  CA  . VAL A 1 17  ? -8.375  1.735   -8.910  1.00 30.44 ? 18  VAL A CA  1 
ATOM   126  C  C   . VAL A 1 17  ? -7.769  3.132   -8.919  1.00 30.37 ? 18  VAL A C   1 
ATOM   127  O  O   . VAL A 1 17  ? -7.305  3.617   -9.958  1.00 30.53 ? 18  VAL A O   1 
ATOM   128  C  CB  . VAL A 1 17  ? -7.290  0.645   -8.754  1.00 31.59 ? 18  VAL A CB  1 
ATOM   129  C  CG1 . VAL A 1 17  ? -6.344  0.640   -9.945  1.00 28.42 ? 18  VAL A CG1 1 
ATOM   130  C  CG2 . VAL A 1 17  ? -6.510  0.833   -7.449  1.00 32.19 ? 18  VAL A CG2 1 
ATOM   131  N  N   . LEU A 1 18  ? -7.805  3.789   -7.766  1.00 29.47 ? 19  LEU A N   1 
ATOM   132  C  CA  . LEU A 1 18  ? -7.181  5.090   -7.600  1.00 30.16 ? 19  LEU A CA  1 
ATOM   133  C  C   . LEU A 1 18  ? -5.765  4.874   -7.088  1.00 29.04 ? 19  LEU A C   1 
ATOM   134  O  O   . LEU A 1 18  ? -5.563  4.330   -5.997  1.00 28.37 ? 19  LEU A O   1 
ATOM   135  C  CB  . LEU A 1 18  ? -7.972  5.942   -6.609  1.00 30.95 ? 19  LEU A CB  1 
ATOM   136  C  CG  . LEU A 1 18  ? -7.520  7.399   -6.517  1.00 29.84 ? 19  LEU A CG  1 
ATOM   137  C  CD1 . LEU A 1 18  ? -8.046  8.206   -7.703  1.00 29.01 ? 19  LEU A CD1 1 
ATOM   138  C  CD2 . LEU A 1 18  ? -7.976  8.006   -5.196  1.00 31.76 ? 19  LEU A CD2 1 
ATOM   139  N  N   . LEU A 1 19  ? -4.792  5.288   -7.873  1.00 26.71 ? 20  LEU A N   1 
ATOM   140  C  CA  . LEU A 1 19  ? -3.403  5.238   -7.462  1.00 27.03 ? 20  LEU A CA  1 
ATOM   141  C  C   . LEU A 1 19  ? -2.917  6.663   -7.327  1.00 29.72 ? 20  LEU A C   1 
ATOM   142  O  O   . LEU A 1 19  ? -3.606  7.613   -7.712  1.00 33.54 ? 20  LEU A O   1 
ATOM   143  C  CB  . LEU A 1 19  ? -2.575  4.508   -8.519  1.00 26.23 ? 20  LEU A CB  1 
ATOM   144  C  CG  . LEU A 1 19  ? -3.020  3.075   -8.773  1.00 26.34 ? 20  LEU A CG  1 
ATOM   145  C  CD1 . LEU A 1 19  ? -2.295  2.512   -9.982  1.00 26.60 ? 20  LEU A CD1 1 
ATOM   146  C  CD2 . LEU A 1 19  ? -2.749  2.241   -7.530  1.00 27.77 ? 20  LEU A CD2 1 
ATOM   147  N  N   . GLY A 1 20  ? -1.676  6.823   -6.920  1.00 26.96 ? 21  GLY A N   1 
ATOM   148  C  CA  . GLY A 1 20  ? -1.145  8.168   -6.890  1.00 31.47 ? 21  GLY A CA  1 
ATOM   149  C  C   . GLY A 1 20  ? 0.312   8.184   -7.250  1.00 34.19 ? 21  GLY A C   1 
ATOM   150  O  O   . GLY A 1 20  ? 1.062   7.238   -6.990  1.00 29.90 ? 21  GLY A O   1 
ATOM   151  N  N   . MET A 1 21  ? 0.715   9.316   -7.793  1.00 32.24 ? 22  MET A N   1 
ATOM   152  C  CA  . MET A 1 21  ? 2.002   9.476   -8.430  1.00 33.56 ? 22  MET A CA  1 
ATOM   153  C  C   . MET A 1 21  ? 2.846   10.245  -7.437  1.00 34.50 ? 22  MET A C   1 
ATOM   154  O  O   . MET A 1 21  ? 2.447   11.329  -7.002  1.00 33.78 ? 22  MET A O   1 
ATOM   155  C  CB  . MET A 1 21  ? 1.828   10.280  -9.720  1.00 31.22 ? 22  MET A CB  1 
ATOM   156  C  CG  . MET A 1 21  ? 3.087   10.954  -10.208 1.00 40.18 ? 22  MET A CG  1 
ATOM   157  S  SD  . MET A 1 21  ? 4.396   9.766   -10.506 1.00 45.37 ? 22  MET A SD  1 
ATOM   158  C  CE  . MET A 1 21  ? 3.790   8.959   -11.981 1.00 41.25 ? 22  MET A CE  1 
ATOM   159  N  N   . LYS A 1 22  ? 3.966   9.665   -7.034  1.00 35.40 ? 23  LYS A N   1 
ATOM   160  C  CA  . LYS A 1 22  ? 4.852   10.376  -6.129  1.00 39.29 ? 23  LYS A CA  1 
ATOM   161  C  C   . LYS A 1 22  ? 5.467   11.524  -6.912  1.00 37.95 ? 23  LYS A C   1 
ATOM   162  O  O   . LYS A 1 22  ? 6.102   11.309  -7.951  1.00 39.87 ? 23  LYS A O   1 
ATOM   163  C  CB  . LYS A 1 22  ? 5.926   9.423   -5.613  1.00 39.99 ? 23  LYS A CB  1 
ATOM   164  C  CG  . LYS A 1 22  ? 6.778   9.988   -4.486  1.00 40.08 ? 23  LYS A CG  1 
ATOM   165  C  CD  . LYS A 1 22  ? 5.947   10.282  -3.244  1.00 40.11 ? 23  LYS A CD  1 
ATOM   166  C  CE  . LYS A 1 22  ? 6.822   10.307  -1.994  1.00 47.89 ? 23  LYS A CE  1 
ATOM   167  N  NZ  . LYS A 1 22  ? 8.026   11.171  -2.159  1.00 44.31 ? 23  LYS A NZ  1 
ATOM   168  N  N   . LYS A 1 23  ? 5.264   12.744  -6.424  1.00 38.42 ? 24  LYS A N   1 
ATOM   169  C  CA  . LYS A 1 23  ? 5.593   13.940  -7.187  1.00 41.51 ? 24  LYS A CA  1 
ATOM   170  C  C   . LYS A 1 23  ? 7.036   14.381  -7.015  1.00 44.83 ? 24  LYS A C   1 
ATOM   171  O  O   . LYS A 1 23  ? 7.512   15.199  -7.812  1.00 45.57 ? 24  LYS A O   1 
ATOM   172  C  CB  . LYS A 1 23  ? 4.647   15.090  -6.811  1.00 37.54 ? 24  LYS A CB  1 
ATOM   173  C  CG  . LYS A 1 23  ? 3.246   14.942  -7.387  1.00 37.63 ? 24  LYS A CG  1 
ATOM   174  C  CD  . LYS A 1 23  ? 2.256   15.895  -6.732  1.00 33.84 ? 24  LYS A CD  1 
ATOM   175  C  CE  . LYS A 1 23  ? 2.614   17.349  -6.984  1.00 38.26 ? 24  LYS A CE  1 
ATOM   176  N  NZ  . LYS A 1 23  ? 1.597   18.261  -6.382  1.00 36.49 ? 24  LYS A NZ  1 
ATOM   177  N  N   . ARG A 1 24  ? 7.748   13.829  -6.038  1.00 41.07 ? 25  ARG A N   1 
ATOM   178  C  CA  . ARG A 1 24  ? 9.087   14.282  -5.687  1.00 47.38 ? 25  ARG A CA  1 
ATOM   179  C  C   . ARG A 1 24  ? 9.602   13.378  -4.577  1.00 48.63 ? 25  ARG A C   1 
ATOM   180  O  O   . ARG A 1 24  ? 8.863   12.559  -4.022  1.00 48.79 ? 25  ARG A O   1 
ATOM   181  C  CB  . ARG A 1 24  ? 9.086   15.730  -5.196  1.00 48.57 ? 25  ARG A CB  1 
ATOM   182  C  CG  . ARG A 1 24  ? 8.367   15.933  -3.868  1.00 51.01 ? 25  ARG A CG  1 
ATOM   183  C  CD  . ARG A 1 24  ? 8.408   17.394  -3.454  1.00 52.68 ? 25  ARG A CD  1 
ATOM   184  N  NE  . ARG A 1 24  ? 7.680   17.651  -2.214  1.00 54.14 ? 25  ARG A NE  1 
ATOM   185  C  CZ  . ARG A 1 24  ? 7.476   18.866  -1.715  1.00 54.36 ? 25  ARG A CZ  1 
ATOM   186  N  NH1 . ARG A 1 24  ? 7.942   19.930  -2.356  1.00 54.12 ? 25  ARG A NH1 1 
ATOM   187  N  NH2 . ARG A 1 24  ? 6.801   19.021  -0.583  1.00 50.93 ? 25  ARG A NH2 1 
ATOM   188  N  N   . GLY A 1 25  ? 10.886  13.536  -4.263  1.00 47.10 ? 26  GLY A N   1 
ATOM   189  C  CA  . GLY A 1 25  ? 11.471  12.775  -3.183  1.00 48.92 ? 26  GLY A CA  1 
ATOM   190  C  C   . GLY A 1 25  ? 11.630  11.307  -3.536  1.00 46.07 ? 26  GLY A C   1 
ATOM   191  O  O   . GLY A 1 25  ? 11.809  10.927  -4.698  1.00 43.99 ? 26  GLY A O   1 
ATOM   192  N  N   . PHE A 1 26  ? 11.557  10.471  -2.504  1.00 42.89 ? 27  PHE A N   1 
ATOM   193  C  CA  . PHE A 1 26  ? 11.753  9.039   -2.669  1.00 42.25 ? 27  PHE A CA  1 
ATOM   194  C  C   . PHE A 1 26  ? 10.629  8.437   -3.500  1.00 46.67 ? 27  PHE A C   1 
ATOM   195  O  O   . PHE A 1 26  ? 9.448   8.729   -3.286  1.00 44.25 ? 27  PHE A O   1 
ATOM   196  C  CB  . PHE A 1 26  ? 11.790  8.372   -1.294  1.00 44.24 ? 27  PHE A CB  1 
ATOM   197  C  CG  . PHE A 1 26  ? 12.013  6.891   -1.345  1.00 46.42 ? 27  PHE A CG  1 
ATOM   198  C  CD1 . PHE A 1 26  ? 13.279  6.378   -1.570  1.00 46.51 ? 27  PHE A CD1 1 
ATOM   199  C  CD2 . PHE A 1 26  ? 10.961  6.011   -1.157  1.00 43.78 ? 27  PHE A CD2 1 
ATOM   200  C  CE1 . PHE A 1 26  ? 13.492  5.016   -1.614  1.00 46.51 ? 27  PHE A CE1 1 
ATOM   201  C  CE2 . PHE A 1 26  ? 11.168  4.648   -1.200  1.00 43.75 ? 27  PHE A CE2 1 
ATOM   202  C  CZ  . PHE A 1 26  ? 12.434  4.149   -1.428  1.00 44.80 ? 27  PHE A CZ  1 
ATOM   203  N  N   . GLY A 1 27  ? 11.006  7.590   -4.454  1.00 44.75 ? 28  GLY A N   1 
ATOM   204  C  CA  . GLY A 1 27  ? 10.029  6.917   -5.283  1.00 41.38 ? 28  GLY A CA  1 
ATOM   205  C  C   . GLY A 1 27  ? 9.318   7.806   -6.276  1.00 40.80 ? 28  GLY A C   1 
ATOM   206  O  O   . GLY A 1 27  ? 8.292   7.398   -6.826  1.00 41.88 ? 28  GLY A O   1 
ATOM   207  N  N   . ALA A 1 28  ? 9.832   9.011   -6.520  1.00 39.45 ? 29  ALA A N   1 
ATOM   208  C  CA  . ALA A 1 28  ? 9.200   9.915   -7.470  1.00 40.57 ? 29  ALA A CA  1 
ATOM   209  C  C   . ALA A 1 28  ? 9.094   9.253   -8.839  1.00 38.91 ? 29  ALA A C   1 
ATOM   210  O  O   . ALA A 1 28  ? 9.974   8.495   -9.251  1.00 39.37 ? 29  ALA A O   1 
ATOM   211  C  CB  . ALA A 1 28  ? 10.014  11.206  -7.581  1.00 44.40 ? 29  ALA A CB  1 
ATOM   212  N  N   . GLY A 1 29  ? 7.996   9.533   -9.539  1.00 39.96 ? 30  GLY A N   1 
ATOM   213  C  CA  . GLY A 1 29  ? 7.761   8.956   -10.841 1.00 40.59 ? 30  GLY A CA  1 
ATOM   214  C  C   . GLY A 1 29  ? 7.003   7.648   -10.835 1.00 40.33 ? 30  GLY A C   1 
ATOM   215  O  O   . GLY A 1 29  ? 6.579   7.196   -11.905 1.00 39.72 ? 30  GLY A O   1 
ATOM   216  N  N   . ARG A 1 30  ? 6.803   7.035   -9.672  1.00 37.63 ? 31  ARG A N   1 
ATOM   217  C  CA  . ARG A 1 30  ? 6.103   5.764   -9.564  1.00 35.98 ? 31  ARG A CA  1 
ATOM   218  C  C   . ARG A 1 30  ? 4.699   5.960   -9.007  1.00 33.61 ? 31  ARG A C   1 
ATOM   219  O  O   . ARG A 1 30  ? 4.478   6.807   -8.135  1.00 33.63 ? 31  ARG A O   1 
ATOM   220  C  CB  . ARG A 1 30  ? 6.889   4.784   -8.684  1.00 35.59 ? 31  ARG A CB  1 
ATOM   221  C  CG  . ARG A 1 30  ? 8.013   4.092   -9.434  1.00 36.83 ? 31  ARG A CG  1 
ATOM   222  C  CD  . ARG A 1 30  ? 8.811   3.119   -8.575  1.00 37.86 ? 31  ARG A CD  1 
ATOM   223  N  NE  . ARG A 1 30  ? 9.594   2.229   -9.432  1.00 41.52 ? 31  ARG A NE  1 
ATOM   224  C  CZ  . ARG A 1 30  ? 10.573  1.435   -9.009  1.00 41.73 ? 31  ARG A CZ  1 
ATOM   225  N  NH1 . ARG A 1 30  ? 10.909  1.415   -7.727  1.00 40.98 ? 31  ARG A NH1 1 
ATOM   226  N  NH2 . ARG A 1 30  ? 11.221  0.665   -9.873  1.00 41.30 ? 31  ARG A NH2 1 
ATOM   227  N  N   . TRP A 1 31  ? 3.753   5.178   -9.533  1.00 31.07 ? 32  TRP A N   1 
ATOM   228  C  CA  . TRP A 1 31  ? 2.396   5.101   -9.006  1.00 29.77 ? 32  TRP A CA  1 
ATOM   229  C  C   . TRP A 1 31  ? 2.328   4.045   -7.904  1.00 28.47 ? 32  TRP A C   1 
ATOM   230  O  O   . TRP A 1 31  ? 3.019   3.024   -7.966  1.00 29.16 ? 32  TRP A O   1 
ATOM   231  C  CB  . TRP A 1 31  ? 1.410   4.736   -10.120 1.00 25.91 ? 32  TRP A CB  1 
ATOM   232  C  CG  . TRP A 1 31  ? 1.366   5.723   -11.270 1.00 29.01 ? 32  TRP A CG  1 
ATOM   233  C  CD1 . TRP A 1 31  ? 2.097   5.676   -12.422 1.00 35.30 ? 32  TRP A CD1 1 
ATOM   234  C  CD2 . TRP A 1 31  ? 0.535   6.884   -11.371 1.00 30.24 ? 32  TRP A CD2 1 
ATOM   235  N  NE1 . TRP A 1 31  ? 1.773   6.736   -13.233 1.00 32.76 ? 32  TRP A NE1 1 
ATOM   236  C  CE2 . TRP A 1 31  ? 0.818   7.494   -12.610 1.00 32.92 ? 32  TRP A CE2 1 
ATOM   237  C  CE3 . TRP A 1 31  ? -0.417  7.469   -10.533 1.00 30.76 ? 32  TRP A CE3 1 
ATOM   238  C  CZ2 . TRP A 1 31  ? 0.185   8.660   -13.029 1.00 32.97 ? 32  TRP A CZ2 1 
ATOM   239  C  CZ3 . TRP A 1 31  ? -1.049  8.630   -10.954 1.00 31.20 ? 32  TRP A CZ3 1 
ATOM   240  C  CH2 . TRP A 1 31  ? -0.744  9.211   -12.190 1.00 30.03 ? 32  TRP A CH2 1 
ATOM   241  N  N   . ASN A 1 32  ? 1.501   4.303   -6.891  1.00 28.08 ? 33  ASN A N   1 
ATOM   242  C  CA  . ASN A 1 32  ? 1.420   3.425   -5.728  1.00 28.85 ? 33  ASN A CA  1 
ATOM   243  C  C   . ASN A 1 32  ? 0.057   3.595   -5.070  1.00 27.68 ? 33  ASN A C   1 
ATOM   244  O  O   . ASN A 1 32  ? -0.700  4.515   -5.385  1.00 27.65 ? 33  ASN A O   1 
ATOM   245  C  CB  . ASN A 1 32  ? 2.542   3.721   -4.723  1.00 31.54 ? 33  ASN A CB  1 
ATOM   246  C  CG  . ASN A 1 32  ? 2.885   2.521   -3.842  1.00 35.82 ? 33  ASN A CG  1 
ATOM   247  O  OD1 . ASN A 1 32  ? 2.204   1.488   -3.863  1.00 31.65 ? 33  ASN A OD1 1 
ATOM   248  N  ND2 . ASN A 1 32  ? 3.941   2.664   -3.043  1.00 33.13 ? 33  ASN A ND2 1 
ATOM   249  N  N   . GLY A 1 33  ? -0.264  2.665   -4.181  1.00 24.94 ? 34  GLY A N   1 
ATOM   250  C  CA  . GLY A 1 33  ? -1.299  2.906   -3.202  1.00 25.41 ? 34  GLY A CA  1 
ATOM   251  C  C   . GLY A 1 33  ? -0.887  4.035   -2.276  1.00 27.15 ? 34  GLY A C   1 
ATOM   252  O  O   . GLY A 1 33  ? 0.225   4.557   -2.327  1.00 27.02 ? 34  GLY A O   1 
ATOM   253  N  N   . PHE A 1 34  ? -1.810  4.421   -1.407  1.00 27.58 ? 35  PHE A N   1 
ATOM   254  C  CA  . PHE A 1 34  ? -1.574  5.528   -0.491  1.00 29.53 ? 35  PHE A CA  1 
ATOM   255  C  C   . PHE A 1 34  ? -1.144  4.981   0.864   1.00 30.93 ? 35  PHE A C   1 
ATOM   256  O  O   . PHE A 1 34  ? -1.825  4.130   1.439   1.00 31.23 ? 35  PHE A O   1 
ATOM   257  C  CB  . PHE A 1 34  ? -2.840  6.371   -0.354  1.00 29.05 ? 35  PHE A CB  1 
ATOM   258  C  CG  . PHE A 1 34  ? -3.331  6.917   -1.662  1.00 30.35 ? 35  PHE A CG  1 
ATOM   259  C  CD1 . PHE A 1 34  ? -2.724  8.030   -2.221  1.00 29.43 ? 35  PHE A CD1 1 
ATOM   260  C  CD2 . PHE A 1 34  ? -4.373  6.306   -2.349  1.00 29.09 ? 35  PHE A CD2 1 
ATOM   261  C  CE1 . PHE A 1 34  ? -3.158  8.537   -3.442  1.00 31.34 ? 35  PHE A CE1 1 
ATOM   262  C  CE2 . PHE A 1 34  ? -4.813  6.813   -3.573  1.00 29.78 ? 35  PHE A CE2 1 
ATOM   263  C  CZ  . PHE A 1 34  ? -4.199  7.926   -4.116  1.00 29.01 ? 35  PHE A CZ  1 
ATOM   264  N  N   . GLY A 1 35  ? -0.003  5.439   1.353   1.00 29.81 ? 36  GLY A N   1 
ATOM   265  C  CA  . GLY A 1 35  ? 0.445   4.938   2.633   1.00 34.42 ? 36  GLY A CA  1 
ATOM   266  C  C   . GLY A 1 35  ? 1.667   5.675   3.123   1.00 36.73 ? 36  GLY A C   1 
ATOM   267  O  O   . GLY A 1 35  ? 2.109   6.661   2.530   1.00 31.50 ? 36  GLY A O   1 
ATOM   268  N  N   . GLY A 1 36  ? 2.208   5.170   4.222   1.00 27.73 ? 37  GLY A N   1 
ATOM   269  C  CA  . GLY A 1 36  ? 3.372   5.783   4.818   1.00 34.06 ? 37  GLY A CA  1 
ATOM   270  C  C   . GLY A 1 36  ? 3.631   5.175   6.179   1.00 32.94 ? 37  GLY A C   1 
ATOM   271  O  O   . GLY A 1 36  ? 3.005   4.187   6.569   1.00 26.15 ? 37  GLY A O   1 
ATOM   272  N  N   . LYS A 1 37  ? 4.557   5.798   6.897   1.00 30.48 ? 38  LYS A N   1 
ATOM   273  C  CA  . LYS A 1 37  ? 4.933   5.313   8.215   1.00 31.72 ? 38  LYS A CA  1 
ATOM   274  C  C   . LYS A 1 37  ? 3.825   5.596   9.221   1.00 33.31 ? 38  LYS A C   1 
ATOM   275  O  O   . LYS A 1 37  ? 3.233   6.679   9.231   1.00 33.05 ? 38  LYS A O   1 
ATOM   276  C  CB  . LYS A 1 37  ? 6.221   6.002   8.660   1.00 33.61 ? 38  LYS A CB  1 
ATOM   277  C  CG  . LYS A 1 37  ? 6.839   5.433   9.928   1.00 37.77 ? 38  LYS A CG  1 
ATOM   278  C  CD  . LYS A 1 37  ? 8.176   6.103   10.228  1.00 39.98 ? 38  LYS A CD  1 
ATOM   279  C  CE  . LYS A 1 37  ? 8.869   5.454   11.419  1.00 46.35 ? 38  LYS A CE  1 
ATOM   280  N  NZ  . LYS A 1 37  ? 10.158  6.132   11.751  1.00 49.28 ? 38  LYS A NZ  1 
ATOM   281  N  N   . VAL A 1 38  ? 3.529   4.606   10.055  1.00 31.57 ? 39  VAL A N   1 
ATOM   282  C  CA  . VAL A 1 38  ? 2.637   4.809   11.192  1.00 32.34 ? 39  VAL A CA  1 
ATOM   283  C  C   . VAL A 1 38  ? 3.434   5.547   12.255  1.00 32.49 ? 39  VAL A C   1 
ATOM   284  O  O   . VAL A 1 38  ? 4.506   5.090   12.662  1.00 32.04 ? 39  VAL A O   1 
ATOM   285  C  CB  . VAL A 1 38  ? 2.122   3.469   11.733  1.00 30.04 ? 39  VAL A CB  1 
ATOM   286  C  CG1 . VAL A 1 38  ? 1.289   3.704   12.982  1.00 28.69 ? 39  VAL A CG1 1 
ATOM   287  C  CG2 . VAL A 1 38  ? 1.309   2.745   10.678  1.00 27.98 ? 39  VAL A CG2 1 
ATOM   288  N  N   . GLN A 1 39  ? 2.931   6.692   12.697  1.00 30.09 ? 40  GLN A N   1 
ATOM   289  C  CA  . GLN A 1 39  ? 3.747   7.442   13.634  1.00 34.88 ? 40  GLN A CA  1 
ATOM   290  C  C   . GLN A 1 39  ? 3.509   6.933   15.052  1.00 35.15 ? 40  GLN A C   1 
ATOM   291  O  O   . GLN A 1 39  ? 2.574   6.174   15.324  1.00 34.16 ? 40  GLN A O   1 
ATOM   292  C  CB  . GLN A 1 39  ? 3.398   8.924   13.534  1.00 37.07 ? 40  GLN A CB  1 
ATOM   293  C  CG  . GLN A 1 39  ? 3.444   9.444   12.104  1.00 37.55 ? 40  GLN A CG  1 
ATOM   294  C  CD  . GLN A 1 39  ? 2.938   10.870  11.966  1.00 43.34 ? 40  GLN A CD  1 
ATOM   295  O  OE1 . GLN A 1 39  ? 2.170   11.358  12.797  1.00 44.58 ? 40  GLN A OE1 1 
ATOM   296  N  NE2 . GLN A 1 39  ? 3.364   11.543  10.901  1.00 45.95 ? 40  GLN A NE2 1 
ATOM   297  N  N   . GLU A 1 40  ? 4.308   7.433   15.983  1.00 35.17 ? 41  GLU A N   1 
ATOM   298  C  CA  . GLU A 1 40  ? 4.110   7.068   17.373  1.00 33.11 ? 41  GLU A CA  1 
ATOM   299  C  C   . GLU A 1 40  ? 2.982   7.923   17.923  1.00 36.75 ? 41  GLU A C   1 
ATOM   300  O  O   . GLU A 1 40  ? 2.870   9.107   17.596  1.00 40.59 ? 41  GLU A O   1 
ATOM   301  C  CB  . GLU A 1 40  ? 5.394   7.250   18.183  1.00 34.44 ? 41  GLU A CB  1 
ATOM   302  C  CG  . GLU A 1 40  ? 6.538   6.293   17.819  1.00 37.45 ? 41  GLU A CG  1 
ATOM   303  C  CD  . GLU A 1 40  ? 6.137   4.804   17.753  1.00 36.37 ? 41  GLU A CD  1 
ATOM   304  O  OE1 . GLU A 1 40  ? 6.499   4.139   16.767  1.00 33.35 ? 41  GLU A OE1 1 
ATOM   305  O  OE2 . GLU A 1 40  ? 5.483   4.269   18.672  1.00 41.24 ? 41  GLU A OE2 1 
ATOM   306  N  N   . GLY A 1 41  ? 2.113   7.306   18.713  1.00 33.72 ? 42  GLY A N   1 
ATOM   307  C  CA  . GLY A 1 41  ? 0.919   7.958   19.200  1.00 38.40 ? 42  GLY A CA  1 
ATOM   308  C  C   . GLY A 1 41  ? -0.333  7.712   18.383  1.00 37.25 ? 42  GLY A C   1 
ATOM   309  O  O   . GLY A 1 41  ? -1.411  8.154   18.798  1.00 37.58 ? 42  GLY A O   1 
ATOM   310  N  N   . GLU A 1 42  ? -0.236  7.030   17.239  1.00 37.31 ? 43  GLU A N   1 
ATOM   311  C  CA  . GLU A 1 42  ? -1.402  6.732   16.418  1.00 35.09 ? 43  GLU A CA  1 
ATOM   312  C  C   . GLU A 1 42  ? -1.500  5.235   16.149  1.00 29.62 ? 43  GLU A C   1 
ATOM   313  O  O   . GLU A 1 42  ? -0.488  4.528   16.097  1.00 34.02 ? 43  GLU A O   1 
ATOM   314  C  CB  . GLU A 1 42  ? -1.400  7.518   15.084  1.00 34.02 ? 43  GLU A CB  1 
ATOM   315  C  CG  . GLU A 1 42  ? -0.351  7.072   14.073  1.00 32.62 ? 43  GLU A CG  1 
ATOM   316  C  CD  . GLU A 1 42  ? -0.437  7.833   12.750  1.00 38.03 ? 43  GLU A CD  1 
ATOM   317  O  OE1 . GLU A 1 42  ? -1.409  8.597   12.541  1.00 34.52 ? 43  GLU A OE1 1 
ATOM   318  O  OE2 . GLU A 1 42  ? 0.475   7.665   11.912  1.00 34.48 ? 43  GLU A OE2 1 
ATOM   319  N  N   . THR A 1 43  ? -2.731  4.754   16.006  1.00 28.01 ? 44  THR A N   1 
ATOM   320  C  CA  . THR A 1 43  ? -2.980  3.365   15.652  1.00 31.44 ? 44  THR A CA  1 
ATOM   321  C  C   . THR A 1 43  ? -2.706  3.133   14.167  1.00 33.25 ? 44  THR A C   1 
ATOM   322  O  O   . THR A 1 43  ? -2.681  4.067   13.363  1.00 29.92 ? 44  THR A O   1 
ATOM   323  C  CB  . THR A 1 43  ? -4.422  2.974   15.966  1.00 36.98 ? 44  THR A CB  1 
ATOM   324  O  OG1 . THR A 1 43  ? -5.311  3.798   15.203  1.00 33.41 ? 44  THR A OG1 1 
ATOM   325  C  CG2 . THR A 1 43  ? -4.718  3.145   17.458  1.00 39.23 ? 44  THR A CG2 1 
ATOM   326  N  N   . ILE A 1 44  ? -2.499  1.858   13.811  1.00 32.40 ? 45  ILE A N   1 
ATOM   327  C  CA  . ILE A 1 44  ? -2.303  1.493   12.409  1.00 29.99 ? 45  ILE A CA  1 
ATOM   328  C  C   . ILE A 1 44  ? -3.400  2.094   11.541  1.00 34.71 ? 45  ILE A C   1 
ATOM   329  O  O   . ILE A 1 44  ? -3.126  2.739   10.523  1.00 29.99 ? 45  ILE A O   1 
ATOM   330  C  CB  . ILE A 1 44  ? -2.246  -0.035  12.244  1.00 32.94 ? 45  ILE A CB  1 
ATOM   331  C  CG1 . ILE A 1 44  ? -1.038  -0.611  12.978  1.00 27.04 ? 45  ILE A CG1 1 
ATOM   332  C  CG2 . ILE A 1 44  ? -2.239  -0.401  10.753  1.00 31.20 ? 45  ILE A CG2 1 
ATOM   333  C  CD1 . ILE A 1 44  ? -0.952  -2.115  12.906  1.00 36.26 ? 45  ILE A CD1 1 
ATOM   334  N  N   . GLU A 1 45  ? -4.660  1.907   11.943  1.00 29.86 ? 46  GLU A N   1 
ATOM   335  C  CA  . GLU A 1 45  ? -5.760  2.312   11.075  1.00 37.13 ? 46  GLU A CA  1 
ATOM   336  C  C   . GLU A 1 45  ? -5.924  3.824   11.021  1.00 33.04 ? 46  GLU A C   1 
ATOM   337  O  O   . GLU A 1 45  ? -6.346  4.360   9.990   1.00 33.48 ? 46  GLU A O   1 
ATOM   338  C  CB  . GLU A 1 45  ? -7.051  1.593   11.465  1.00 41.28 ? 46  GLU A CB  1 
ATOM   339  C  CG  . GLU A 1 45  ? -6.991  0.101   11.163  1.00 44.61 ? 46  GLU A CG  1 
ATOM   340  C  CD  . GLU A 1 45  ? -8.316  -0.602  11.360  1.00 46.98 ? 46  GLU A CD  1 
ATOM   341  O  OE1 . GLU A 1 45  ? -9.327  0.089   11.609  1.00 53.97 ? 46  GLU A OE1 1 
ATOM   342  O  OE2 . GLU A 1 45  ? -8.344  -1.848  11.265  1.00 49.56 ? 46  GLU A OE2 1 
ATOM   343  N  N   . ASP A 1 46  ? -5.596  4.530   12.106  1.00 33.24 ? 47  ASP A N   1 
ATOM   344  C  CA  . ASP A 1 46  ? -5.560  5.986   12.030  1.00 37.03 ? 47  ASP A CA  1 
ATOM   345  C  C   . ASP A 1 46  ? -4.455  6.456   11.094  1.00 33.07 ? 47  ASP A C   1 
ATOM   346  O  O   . ASP A 1 46  ? -4.625  7.442   10.369  1.00 33.86 ? 47  ASP A O   1 
ATOM   347  C  CB  . ASP A 1 46  ? -5.386  6.599   13.420  1.00 37.47 ? 47  ASP A CB  1 
ATOM   348  C  CG  . ASP A 1 46  ? -6.673  6.600   14.221  1.00 39.31 ? 47  ASP A CG  1 
ATOM   349  O  OD1 . ASP A 1 46  ? -7.751  6.392   13.624  1.00 43.92 ? 47  ASP A OD1 1 
ATOM   350  O  OD2 . ASP A 1 46  ? -6.606  6.814   15.447  1.00 46.59 ? 47  ASP A OD2 1 
ATOM   351  N  N   . GLY A 1 47  ? -3.314  5.764   11.103  1.00 31.59 ? 48  GLY A N   1 
ATOM   352  C  CA  . GLY A 1 47  ? -2.250  6.110   10.176  1.00 30.61 ? 48  GLY A CA  1 
ATOM   353  C  C   . GLY A 1 47  ? -2.653  5.893   8.731   1.00 28.29 ? 48  GLY A C   1 
ATOM   354  O  O   . GLY A 1 47  ? -2.335  6.702   7.859   1.00 31.58 ? 48  GLY A O   1 
ATOM   355  N  N   . ALA A 1 48  ? -3.359  4.793   8.457   1.00 30.14 ? 49  ALA A N   1 
ATOM   356  C  CA  . ALA A 1 48  ? -3.844  4.541   7.103   1.00 29.87 ? 49  ALA A CA  1 
ATOM   357  C  C   . ALA A 1 48  ? -4.818  5.627   6.664   1.00 33.20 ? 49  ALA A C   1 
ATOM   358  O  O   . ALA A 1 48  ? -4.735  6.140   5.541   1.00 30.26 ? 49  ALA A O   1 
ATOM   359  C  CB  . ALA A 1 48  ? -4.503  3.163   7.032   1.00 27.66 ? 49  ALA A CB  1 
ATOM   360  N  N   . ARG A 1 49  ? -5.754  5.993   7.542   1.00 32.30 ? 50  ARG A N   1 
ATOM   361  C  CA  . ARG A 1 49  ? -6.700  7.048   7.200   1.00 34.83 ? 50  ARG A CA  1 
ATOM   362  C  C   . ARG A 1 49  ? -5.990  8.383   7.012   1.00 34.53 ? 50  ARG A C   1 
ATOM   363  O  O   . ARG A 1 49  ? -6.326  9.148   6.102   1.00 34.27 ? 50  ARG A O   1 
ATOM   364  C  CB  . ARG A 1 49  ? -7.778  7.148   8.281   1.00 34.82 ? 50  ARG A CB  1 
ATOM   365  C  CG  . ARG A 1 49  ? -8.732  5.960   8.318   1.00 33.98 ? 50  ARG A CG  1 
ATOM   366  C  CD  . ARG A 1 49  ? -9.701  6.088   9.489   1.00 40.50 ? 50  ARG A CD  1 
ATOM   367  N  NE  . ARG A 1 49  ? -10.725 5.045   9.514   1.00 39.92 ? 50  ARG A NE  1 
ATOM   368  C  CZ  . ARG A 1 49  ? -11.888 5.128   8.871   1.00 44.67 ? 50  ARG A CZ  1 
ATOM   369  N  NH1 . ARG A 1 49  ? -12.167 6.195   8.134   1.00 43.66 ? 50  ARG A NH1 1 
ATOM   370  N  NH2 . ARG A 1 49  ? -12.770 4.144   8.957   1.00 39.60 ? 50  ARG A NH2 1 
ATOM   371  N  N   . ARG A 1 50  ? -5.000  8.673   7.860   1.00 32.51 ? 51  ARG A N   1 
ATOM   372  C  CA  . ARG A 1 50  ? -4.278  9.937   7.757   1.00 35.60 ? 51  ARG A CA  1 
ATOM   373  C  C   . ARG A 1 50  ? -3.514  10.031  6.444   1.00 37.89 ? 51  ARG A C   1 
ATOM   374  O  O   . ARG A 1 50  ? -3.603  11.040  5.734   1.00 36.52 ? 51  ARG A O   1 
ATOM   375  C  CB  . ARG A 1 50  ? -3.326  10.098  8.944   1.00 36.65 ? 51  ARG A CB  1 
ATOM   376  C  CG  . ARG A 1 50  ? -2.453  11.341  8.860   1.00 36.48 ? 51  ARG A CG  1 
ATOM   377  C  CD  . ARG A 1 50  ? -1.450  11.413  10.009  1.00 41.05 ? 51  ARG A CD  1 
ATOM   378  N  NE  . ARG A 1 50  ? -0.636  10.207  10.096  1.00 38.05 ? 51  ARG A NE  1 
ATOM   379  C  CZ  . ARG A 1 50  ? 0.412   9.955   9.317   1.00 39.53 ? 51  ARG A CZ  1 
ATOM   380  N  NH1 . ARG A 1 50  ? 0.776   10.829  8.388   1.00 38.72 ? 51  ARG A NH1 1 
ATOM   381  N  NH2 . ARG A 1 50  ? 1.091   8.828   9.461   1.00 34.83 ? 51  ARG A NH2 1 
ATOM   382  N  N   . GLU A 1 51  ? -2.760  8.984   6.099   1.00 34.31 ? 52  GLU A N   1 
ATOM   383  C  CA  . GLU A 1 51  ? -2.004  9.016   4.851   1.00 35.92 ? 52  GLU A CA  1 
ATOM   384  C  C   . GLU A 1 51  ? -2.929  9.130   3.643   1.00 34.78 ? 52  GLU A C   1 
ATOM   385  O  O   . GLU A 1 51  ? -2.630  9.864   2.696   1.00 32.67 ? 52  GLU A O   1 
ATOM   386  C  CB  . GLU A 1 51  ? -1.088  7.794   4.741   1.00 37.21 ? 52  GLU A CB  1 
ATOM   387  C  CG  . GLU A 1 51  ? 0.158   7.844   5.639   1.00 39.94 ? 52  GLU A CG  1 
ATOM   388  C  CD  . GLU A 1 51  ? 1.224   8.829   5.159   1.00 39.37 ? 52  GLU A CD  1 
ATOM   389  O  OE1 . GLU A 1 51  ? 0.946   9.636   4.250   1.00 45.47 ? 52  GLU A OE1 1 
ATOM   390  O  OE2 . GLU A 1 51  ? 2.350   8.806   5.702   1.00 46.24 ? 52  GLU A OE2 1 
ATOM   391  N  N   . LEU A 1 52  ? -4.066  8.428   3.664   1.00 32.83 ? 53  LEU A N   1 
ATOM   392  C  CA  . LEU A 1 52  ? -5.018  8.549   2.566   1.00 32.66 ? 53  LEU A CA  1 
ATOM   393  C  C   . LEU A 1 52  ? -5.583  9.959   2.484   1.00 35.56 ? 53  LEU A C   1 
ATOM   394  O  O   . LEU A 1 52  ? -5.696  10.531  1.393   1.00 35.35 ? 53  LEU A O   1 
ATOM   395  C  CB  . LEU A 1 52  ? -6.154  7.541   2.734   1.00 33.24 ? 53  LEU A CB  1 
ATOM   396  C  CG  . LEU A 1 52  ? -7.214  7.609   1.635   1.00 33.02 ? 53  LEU A CG  1 
ATOM   397  C  CD1 . LEU A 1 52  ? -6.649  7.124   0.301   1.00 33.59 ? 53  LEU A CD1 1 
ATOM   398  C  CD2 . LEU A 1 52  ? -8.431  6.799   2.026   1.00 33.84 ? 53  LEU A CD2 1 
ATOM   399  N  N   . GLN A 1 53  ? -5.944  10.536  3.633   1.00 34.90 ? 54  GLN A N   1 
ATOM   400  C  CA  . GLN A 1 53  ? -6.456  11.903  3.649   1.00 36.48 ? 54  GLN A CA  1 
ATOM   401  C  C   . GLN A 1 53  ? -5.403  12.883  3.144   1.00 37.45 ? 54  GLN A C   1 
ATOM   402  O  O   . GLN A 1 53  ? -5.676  13.702  2.261   1.00 38.07 ? 54  GLN A O   1 
ATOM   403  C  CB  . GLN A 1 53  ? -6.925  12.272  5.060   1.00 36.99 ? 54  GLN A CB  1 
ATOM   404  C  CG  . GLN A 1 53  ? -7.814  13.524  5.140   1.00 42.15 ? 54  GLN A CG  1 
ATOM   405  C  CD  . GLN A 1 53  ? -7.066  14.809  4.821   1.00 45.41 ? 54  GLN A CD  1 
ATOM   406  O  OE1 . GLN A 1 53  ? -6.016  15.092  5.403   1.00 49.16 ? 54  GLN A OE1 1 
ATOM   407  N  NE2 . GLN A 1 53  ? -7.593  15.584  3.874   1.00 47.90 ? 54  GLN A NE2 1 
ATOM   408  N  N   . GLU A 1 54  ? -4.188  12.814  3.693   1.00 35.20 ? 55  GLU A N   1 
ATOM   409  C  CA  . GLU A 1 54  ? -3.154  13.763  3.290   1.00 37.64 ? 55  GLU A CA  1 
ATOM   410  C  C   . GLU A 1 54  ? -2.800  13.609  1.816   1.00 34.64 ? 55  GLU A C   1 
ATOM   411  O  O   . GLU A 1 54  ? -2.640  14.604  1.101   1.00 34.60 ? 55  GLU A O   1 
ATOM   412  C  CB  . GLU A 1 54  ? -1.910  13.596  4.165   1.00 39.08 ? 55  GLU A CB  1 
ATOM   413  C  CG  . GLU A 1 54  ? -2.124  13.980  5.622   1.00 35.79 ? 55  GLU A CG  1 
ATOM   414  C  CD  . GLU A 1 54  ? -0.920  13.674  6.495   1.00 43.95 ? 55  GLU A CD  1 
ATOM   415  O  OE1 . GLU A 1 54  ? -0.893  14.134  7.659   1.00 39.01 ? 55  GLU A OE1 1 
ATOM   416  O  OE2 . GLU A 1 54  ? -0.004  12.970  6.021   1.00 43.25 ? 55  GLU A OE2 1 
ATOM   417  N  N   . GLU A 1 55  ? -2.661  12.371  1.346   1.00 33.76 ? 56  GLU A N   1 
ATOM   418  C  CA  . GLU A 1 55  ? -2.195  12.153  -0.018  1.00 32.21 ? 56  GLU A CA  1 
ATOM   419  C  C   . GLU A 1 55  ? -3.298  12.340  -1.063  1.00 36.21 ? 56  GLU A C   1 
ATOM   420  O  O   . GLU A 1 55  ? -3.062  12.954  -2.109  1.00 38.84 ? 56  GLU A O   1 
ATOM   421  C  CB  . GLU A 1 55  ? -1.486  10.796  -0.122  1.00 34.06 ? 56  GLU A CB  1 
ATOM   422  C  CG  . GLU A 1 55  ? -0.245  10.724  0.779   1.00 32.13 ? 56  GLU A CG  1 
ATOM   423  C  CD  . GLU A 1 55  ? 0.350   9.332   0.892   1.00 39.27 ? 56  GLU A CD  1 
ATOM   424  O  OE1 . GLU A 1 55  ? -0.141  8.403   0.224   1.00 35.53 ? 56  GLU A OE1 1 
ATOM   425  O  OE2 . GLU A 1 55  ? 1.319   9.165   1.660   1.00 40.57 ? 56  GLU A OE2 1 
ATOM   426  N  N   . SER A 1 56  ? -4.476  11.746  -0.852  1.00 35.53 ? 57  SER A N   1 
ATOM   427  C  CA  . SER A 1 56  ? -5.573  11.877  -1.810  1.00 36.83 ? 57  SER A CA  1 
ATOM   428  C  C   . SER A 1 56  ? -6.659  12.887  -1.439  1.00 36.85 ? 57  SER A C   1 
ATOM   429  O  O   . SER A 1 56  ? -7.528  13.159  -2.277  1.00 34.95 ? 57  SER A O   1 
ATOM   430  C  CB  . SER A 1 56  ? -6.235  10.516  -2.028  1.00 34.70 ? 57  SER A CB  1 
ATOM   431  O  OG  . SER A 1 56  ? -6.952  10.140  -0.869  1.00 33.92 ? 57  SER A OG  1 
ATOM   432  N  N   . GLY A 1 57  ? -6.628  13.475  -0.246  1.00 36.46 ? 58  GLY A N   1 
ATOM   433  C  CA  . GLY A 1 57  ? -7.773  14.258  0.195   1.00 39.66 ? 58  GLY A CA  1 
ATOM   434  C  C   . GLY A 1 57  ? -9.056  13.487  0.456   1.00 40.23 ? 58  GLY A C   1 
ATOM   435  O  O   . GLY A 1 57  ? -10.119 14.100  0.568   1.00 39.55 ? 58  GLY A O   1 
ATOM   436  N  N   . LEU A 1 58  ? -8.998  12.163  0.592   1.00 36.99 ? 59  LEU A N   1 
ATOM   437  C  CA  . LEU A 1 58  ? -10.197 11.340  0.683   1.00 33.94 ? 59  LEU A CA  1 
ATOM   438  C  C   . LEU A 1 58  ? -10.435 10.846  2.105   1.00 37.90 ? 59  LEU A C   1 
ATOM   439  O  O   . LEU A 1 58  ? -9.496  10.629  2.874   1.00 36.06 ? 59  LEU A O   1 
ATOM   440  C  CB  . LEU A 1 58  ? -10.121 10.134  -0.261  1.00 35.75 ? 59  LEU A CB  1 
ATOM   441  C  CG  . LEU A 1 58  ? -10.193 10.454  -1.754  1.00 36.99 ? 59  LEU A CG  1 
ATOM   442  C  CD1 . LEU A 1 58  ? -10.026 9.191   -2.576  1.00 32.99 ? 59  LEU A CD1 1 
ATOM   443  C  CD2 . LEU A 1 58  ? -11.506 11.149  -2.092  1.00 37.34 ? 59  LEU A CD2 1 
ATOM   444  N  N   . THR A 1 59  ? -11.714 10.695  2.447   1.00 35.22 ? 60  THR A N   1 
ATOM   445  C  CA  . THR A 1 59  ? -12.164 10.045  3.668   1.00 39.96 ? 60  THR A CA  1 
ATOM   446  C  C   . THR A 1 59  ? -12.843 8.732   3.295   1.00 40.03 ? 60  THR A C   1 
ATOM   447  O  O   . THR A 1 59  ? -13.454 8.618   2.229   1.00 41.68 ? 60  THR A O   1 
ATOM   448  C  CB  . THR A 1 59  ? -13.171 10.940  4.407   1.00 39.29 ? 60  THR A CB  1 
ATOM   449  O  OG1 . THR A 1 59  ? -12.594 12.234  4.615   1.00 45.09 ? 60  THR A OG1 1 
ATOM   450  C  CG2 . THR A 1 59  ? -13.548 10.344  5.756   1.00 45.48 ? 60  THR A CG2 1 
ATOM   451  N  N   . VAL A 1 60  ? -12.725 7.732   4.174   1.00 39.86 ? 61  VAL A N   1 
ATOM   452  C  CA  . VAL A 1 60  ? -13.341 6.430   3.953   1.00 44.02 ? 61  VAL A CA  1 
ATOM   453  C  C   . VAL A 1 60  ? -14.215 6.059   5.142   1.00 43.83 ? 61  VAL A C   1 
ATOM   454  O  O   . VAL A 1 60  ? -13.915 6.401   6.289   1.00 41.29 ? 61  VAL A O   1 
ATOM   455  C  CB  . VAL A 1 60  ? -12.310 5.314   3.674   1.00 43.84 ? 61  VAL A CB  1 
ATOM   456  C  CG1 . VAL A 1 60  ? -11.684 5.509   2.309   1.00 43.25 ? 61  VAL A CG1 1 
ATOM   457  C  CG2 . VAL A 1 60  ? -11.246 5.283   4.765   1.00 41.07 ? 61  VAL A CG2 1 
ATOM   458  N  N   . ASP A 1 61  ? -15.305 5.344   4.853   1.00 42.19 ? 62  ASP A N   1 
ATOM   459  C  CA  . ASP A 1 61  ? -16.167 4.834   5.912   1.00 46.70 ? 62  ASP A CA  1 
ATOM   460  C  C   . ASP A 1 61  ? -15.541 3.633   6.610   1.00 42.55 ? 62  ASP A C   1 
ATOM   461  O  O   . ASP A 1 61  ? -15.641 3.503   7.836   1.00 49.09 ? 62  ASP A O   1 
ATOM   462  C  CB  . ASP A 1 61  ? -17.543 4.471   5.349   1.00 49.35 ? 62  ASP A CB  1 
ATOM   463  C  CG  . ASP A 1 61  ? -18.612 5.488   5.716   1.00 55.27 ? 62  ASP A CG  1 
ATOM   464  O  OD1 . ASP A 1 61  ? -18.264 6.670   5.936   1.00 54.05 ? 62  ASP A OD1 1 
ATOM   465  O  OD2 . ASP A 1 61  ? -19.802 5.103   5.789   1.00 55.89 ? 62  ASP A OD2 1 
ATOM   466  N  N   . ALA A 1 62  ? -14.885 2.754   5.854   1.00 39.78 ? 63  ALA A N   1 
ATOM   467  C  CA  . ALA A 1 62  ? -14.238 1.595   6.449   1.00 38.04 ? 63  ALA A CA  1 
ATOM   468  C  C   . ALA A 1 62  ? -13.038 1.176   5.611   1.00 38.92 ? 63  ALA A C   1 
ATOM   469  O  O   . ALA A 1 62  ? -12.976 1.433   4.406   1.00 38.27 ? 63  ALA A O   1 
ATOM   470  C  CB  . ALA A 1 62  ? -15.207 0.417   6.588   1.00 38.06 ? 63  ALA A CB  1 
ATOM   471  N  N   . LEU A 1 63  ? -12.087 0.529   6.280   1.00 31.94 ? 64  LEU A N   1 
ATOM   472  C  CA  . LEU A 1 63  ? -10.936 -0.111  5.659   1.00 35.76 ? 64  LEU A CA  1 
ATOM   473  C  C   . LEU A 1 63  ? -11.047 -1.608  5.902   1.00 36.41 ? 64  LEU A C   1 
ATOM   474  O  O   . LEU A 1 63  ? -11.344 -2.033  7.022   1.00 39.61 ? 64  LEU A O   1 
ATOM   475  C  CB  . LEU A 1 63  ? -9.641  0.383   6.308   1.00 34.17 ? 64  LEU A CB  1 
ATOM   476  C  CG  . LEU A 1 63  ? -9.232  1.839   6.121   1.00 34.15 ? 64  LEU A CG  1 
ATOM   477  C  CD1 . LEU A 1 63  ? -8.560  2.347   7.383   1.00 40.94 ? 64  LEU A CD1 1 
ATOM   478  C  CD2 . LEU A 1 63  ? -8.276  1.945   4.958   1.00 34.47 ? 64  LEU A CD2 1 
ATOM   479  N  N   . HIS A 1 64  ? -10.814 -2.401  4.861   1.00 35.97 ? 65  HIS A N   1 
ATOM   480  C  CA  . HIS A 1 64  ? -10.755 -3.850  4.986   1.00 32.50 ? 65  HIS A CA  1 
ATOM   481  C  C   . HIS A 1 64  ? -9.295  -4.265  5.037   1.00 34.70 ? 65  HIS A C   1 
ATOM   482  O  O   . HIS A 1 64  ? -8.475  -3.757  4.270   1.00 31.52 ? 65  HIS A O   1 
ATOM   483  C  CB  . HIS A 1 64  ? -11.382 -4.536  3.769   1.00 38.44 ? 65  HIS A CB  1 
ATOM   484  C  CG  . HIS A 1 64  ? -12.589 -3.841  3.227   1.00 38.96 ? 65  HIS A CG  1 
ATOM   485  N  ND1 . HIS A 1 64  ? -12.778 -3.627  1.879   1.00 41.29 ? 65  HIS A ND1 1 
ATOM   486  C  CD2 . HIS A 1 64  ? -13.676 -3.323  3.847   1.00 43.11 ? 65  HIS A CD2 1 
ATOM   487  C  CE1 . HIS A 1 64  ? -13.926 -3.001  1.691   1.00 44.73 ? 65  HIS A CE1 1 
ATOM   488  N  NE2 . HIS A 1 64  ? -14.490 -2.804  2.870   1.00 44.03 ? 65  HIS A NE2 1 
ATOM   489  N  N   . LYS A 1 65  ? -8.981  -5.258  5.862   1.00 31.21 ? 66  LYS A N   1 
ATOM   490  C  CA  . LYS A 1 65  ? -7.598  -5.700  5.963   1.00 32.53 ? 66  LYS A CA  1 
ATOM   491  C  C   . LYS A 1 65  ? -7.447  -6.762  4.887   1.00 35.49 ? 66  LYS A C   1 
ATOM   492  O  O   . LYS A 1 65  ? -8.063  -7.830  4.965   1.00 40.25 ? 66  LYS A O   1 
ATOM   493  C  CB  . LYS A 1 65  ? -7.335  -6.297  7.343   1.00 35.36 ? 66  LYS A CB  1 
ATOM   494  C  CG  . LYS A 1 65  ? -7.609  -5.356  8.510   1.00 35.97 ? 66  LYS A CG  1 
ATOM   495  C  CD  . LYS A 1 65  ? -7.541  -6.095  9.848   1.00 39.18 ? 66  LYS A CD  1 
ATOM   496  C  CE  . LYS A 1 65  ? -6.245  -6.890  9.977   1.00 45.49 ? 66  LYS A CE  1 
ATOM   497  N  NZ  . LYS A 1 65  ? -6.050  -7.478  11.335  1.00 48.36 ? 66  LYS A NZ  1 
ATOM   498  N  N   . VAL A 1 66  ? -6.706  -6.424  3.828   1.00 31.39 ? 67  VAL A N   1 
ATOM   499  C  CA  . VAL A 1 66  ? -6.527  -7.330  2.696   1.00 34.88 ? 67  VAL A CA  1 
ATOM   500  C  C   . VAL A 1 66  ? -5.238  -8.132  2.728   1.00 35.40 ? 67  VAL A C   1 
ATOM   501  O  O   . VAL A 1 66  ? -5.103  -9.083  1.942   1.00 34.24 ? 67  VAL A O   1 
ATOM   502  C  CB  . VAL A 1 66  ? -6.693  -6.609  1.341   1.00 35.39 ? 67  VAL A CB  1 
ATOM   503  C  CG1 . VAL A 1 66  ? -8.116  -6.159  1.173   1.00 41.84 ? 67  VAL A CG1 1 
ATOM   504  C  CG2 . VAL A 1 66  ? -5.737  -5.428  1.245   1.00 34.56 ? 67  VAL A CG2 1 
ATOM   505  N  N   . GLY A 1 67  ? -4.299  -7.811  3.599   1.00 33.57 ? 68  GLY A N   1 
ATOM   506  C  CA  . GLY A 1 67  ? -3.030  -8.499  3.525   1.00 34.64 ? 68  GLY A CA  1 
ATOM   507  C  C   . GLY A 1 67  ? -1.932  -7.819  4.309   1.00 31.84 ? 68  GLY A C   1 
ATOM   508  O  O   . GLY A 1 67  ? -2.102  -6.742  4.888   1.00 28.32 ? 68  GLY A O   1 
ATOM   509  N  N   . GLN A 1 68  ? -0.791  -8.498  4.320   1.00 31.37 ? 69  GLN A N   1 
ATOM   510  C  CA  . GLN A 1 68  ? 0.389   -8.070  5.050   1.00 27.73 ? 69  GLN A CA  1 
ATOM   511  C  C   . GLN A 1 68  ? 1.585   -8.328  4.154   1.00 34.00 ? 69  GLN A C   1 
ATOM   512  O  O   . GLN A 1 68  ? 1.705   -9.414  3.581   1.00 32.22 ? 69  GLN A O   1 
ATOM   513  C  CB  . GLN A 1 68  ? 0.547   -8.883  6.341   1.00 35.04 ? 69  GLN A CB  1 
ATOM   514  C  CG  . GLN A 1 68  ? -0.586  -8.694  7.343   1.00 32.41 ? 69  GLN A CG  1 
ATOM   515  C  CD  . GLN A 1 68  ? -0.564  -7.318  7.961   1.00 35.98 ? 69  GLN A CD  1 
ATOM   516  O  OE1 . GLN A 1 68  ? 0.494   -6.689  8.049   1.00 37.67 ? 69  GLN A OE1 1 
ATOM   517  N  NE2 . GLN A 1 68  ? -1.729  -6.832  8.387   1.00 33.82 ? 69  GLN A NE2 1 
ATOM   518  N  N   . ILE A 1 69  ? 2.459   -7.337  4.034   1.00 29.43 ? 70  ILE A N   1 
ATOM   519  C  CA  . ILE A 1 69  ? 3.690   -7.471  3.270   1.00 29.12 ? 70  ILE A CA  1 
ATOM   520  C  C   . ILE A 1 69  ? 4.865   -7.158  4.184   1.00 30.06 ? 70  ILE A C   1 
ATOM   521  O  O   . ILE A 1 69  ? 4.828   -6.185  4.947   1.00 29.96 ? 70  ILE A O   1 
ATOM   522  C  CB  . ILE A 1 69  ? 3.709   -6.547  2.036   1.00 29.31 ? 70  ILE A CB  1 
ATOM   523  C  CG1 . ILE A 1 69  ? 2.452   -6.738  1.187   1.00 31.55 ? 70  ILE A CG1 1 
ATOM   524  C  CG2 . ILE A 1 69  ? 4.942   -6.814  1.198   1.00 32.14 ? 70  ILE A CG2 1 
ATOM   525  C  CD1 . ILE A 1 69  ? 2.456   -5.885  -0.083  1.00 33.35 ? 70  ILE A CD1 1 
ATOM   526  N  N   . VAL A 1 70  ? 5.903   -7.984  4.110   1.00 27.64 ? 71  VAL A N   1 
ATOM   527  C  CA  . VAL A 1 70  ? 7.176   -7.714  4.769   1.00 31.65 ? 71  VAL A CA  1 
ATOM   528  C  C   . VAL A 1 70  ? 8.213   -7.418  3.696   1.00 32.40 ? 71  VAL A C   1 
ATOM   529  O  O   . VAL A 1 70  ? 8.378   -8.201  2.754   1.00 34.06 ? 71  VAL A O   1 
ATOM   530  C  CB  . VAL A 1 70  ? 7.623   -8.899  5.641   1.00 34.31 ? 71  VAL A CB  1 
ATOM   531  C  CG1 . VAL A 1 70  ? 8.908   -8.552  6.366   1.00 33.14 ? 71  VAL A CG1 1 
ATOM   532  C  CG2 . VAL A 1 70  ? 6.529   -9.289  6.625   1.00 35.83 ? 71  VAL A CG2 1 
ATOM   533  N  N   . PHE A 1 71  ? 8.909   -6.292  3.834   1.00 31.13 ? 72  PHE A N   1 
ATOM   534  C  CA  . PHE A 1 71  ? 10.017  -5.940  2.956   1.00 31.95 ? 72  PHE A CA  1 
ATOM   535  C  C   . PHE A 1 71  ? 11.322  -6.118  3.720   1.00 36.11 ? 72  PHE A C   1 
ATOM   536  O  O   . PHE A 1 71  ? 11.444  -5.660  4.860   1.00 29.00 ? 72  PHE A O   1 
ATOM   537  C  CB  . PHE A 1 71  ? 9.926   -4.482  2.502   1.00 34.48 ? 72  PHE A CB  1 
ATOM   538  C  CG  . PHE A 1 71  ? 8.797   -4.196  1.547   1.00 34.24 ? 72  PHE A CG  1 
ATOM   539  C  CD1 . PHE A 1 71  ? 8.345   -5.163  0.662   1.00 36.18 ? 72  PHE A CD1 1 
ATOM   540  C  CD2 . PHE A 1 71  ? 8.197   -2.948  1.533   1.00 32.23 ? 72  PHE A CD2 1 
ATOM   541  C  CE1 . PHE A 1 71  ? 7.315   -4.883  -0.225  1.00 34.35 ? 72  PHE A CE1 1 
ATOM   542  C  CE2 . PHE A 1 71  ? 7.166   -2.662  0.659   1.00 30.99 ? 72  PHE A CE2 1 
ATOM   543  C  CZ  . PHE A 1 71  ? 6.717   -3.633  -0.219  1.00 28.59 ? 72  PHE A CZ  1 
ATOM   544  N  N   . GLU A 1 72  ? 12.294  -6.768  3.088   1.00 36.23 ? 73  GLU A N   1 
ATOM   545  C  CA  . GLU A 1 72  ? 13.661  -6.819  3.587   1.00 40.93 ? 73  GLU A CA  1 
ATOM   546  C  C   . GLU A 1 72  ? 14.584  -6.239  2.526   1.00 43.13 ? 73  GLU A C   1 
ATOM   547  O  O   . GLU A 1 72  ? 14.398  -6.488  1.331   1.00 39.32 ? 73  GLU A O   1 
ATOM   548  C  CB  . GLU A 1 72  ? 14.076  -8.261  3.888   1.00 43.20 ? 73  GLU A CB  1 
ATOM   549  C  CG  . GLU A 1 72  ? 15.455  -8.390  4.512   1.00 47.42 ? 73  GLU A CG  1 
ATOM   550  C  CD  . GLU A 1 72  ? 15.902  -9.832  4.624   1.00 49.67 ? 73  GLU A CD  1 
ATOM   551  O  OE1 . GLU A 1 72  ? 17.124  -10.083 4.534   1.00 51.93 ? 73  GLU A OE1 1 
ATOM   552  O  OE2 . GLU A 1 72  ? 15.033  -10.717 4.795   1.00 46.87 ? 73  GLU A OE2 1 
ATOM   553  N  N   . PHE A 1 73  ? 15.571  -5.458  2.961   1.00 43.60 ? 74  PHE A N   1 
ATOM   554  C  CA  . PHE A 1 73  ? 16.521  -4.816  2.061   1.00 46.82 ? 74  PHE A CA  1 
ATOM   555  C  C   . PHE A 1 73  ? 17.927  -5.268  2.422   1.00 52.67 ? 74  PHE A C   1 
ATOM   556  O  O   . PHE A 1 73  ? 18.301  -5.260  3.599   1.00 53.97 ? 74  PHE A O   1 
ATOM   557  C  CB  . PHE A 1 73  ? 16.424  -3.293  2.170   1.00 46.62 ? 74  PHE A CB  1 
ATOM   558  C  CG  . PHE A 1 73  ? 15.018  -2.784  2.246   1.00 45.22 ? 74  PHE A CG  1 
ATOM   559  C  CD1 . PHE A 1 73  ? 14.227  -2.732  1.113   1.00 42.45 ? 74  PHE A CD1 1 
ATOM   560  C  CD2 . PHE A 1 73  ? 14.482  -2.367  3.453   1.00 45.26 ? 74  PHE A CD2 1 
ATOM   561  C  CE1 . PHE A 1 73  ? 12.928  -2.271  1.181   1.00 40.44 ? 74  PHE A CE1 1 
ATOM   562  C  CE2 . PHE A 1 73  ? 13.184  -1.904  3.527   1.00 41.60 ? 74  PHE A CE2 1 
ATOM   563  C  CZ  . PHE A 1 73  ? 12.406  -1.857  2.386   1.00 40.14 ? 74  PHE A CZ  1 
ATOM   564  N  N   . VAL A 1 74  ? 18.703  -5.664  1.413   1.00 53.76 ? 75  VAL A N   1 
ATOM   565  C  CA  . VAL A 1 74  ? 20.089  -6.050  1.659   1.00 57.62 ? 75  VAL A CA  1 
ATOM   566  C  C   . VAL A 1 74  ? 20.882  -4.828  2.103   1.00 58.23 ? 75  VAL A C   1 
ATOM   567  O  O   . VAL A 1 74  ? 20.865  -3.780  1.442   1.00 58.29 ? 75  VAL A O   1 
ATOM   568  C  CB  . VAL A 1 74  ? 20.703  -6.722  0.421   1.00 57.84 ? 75  VAL A CB  1 
ATOM   569  C  CG1 . VAL A 1 74  ? 20.221  -8.158  0.312   1.00 55.76 ? 75  VAL A CG1 1 
ATOM   570  C  CG2 . VAL A 1 74  ? 20.363  -5.942  -0.842  1.00 56.52 ? 75  VAL A CG2 1 
ATOM   571  N  N   . GLY A 1 75  ? 21.575  -4.957  3.232   1.00 61.09 ? 76  GLY A N   1 
ATOM   572  C  CA  . GLY A 1 75  ? 22.270  -3.847  3.846   1.00 61.79 ? 76  GLY A CA  1 
ATOM   573  C  C   . GLY A 1 75  ? 21.487  -3.136  4.931   1.00 61.97 ? 76  GLY A C   1 
ATOM   574  O  O   . GLY A 1 75  ? 22.063  -2.304  5.642   1.00 64.15 ? 76  GLY A O   1 
ATOM   575  N  N   . GLU A 1 76  ? 20.193  -3.420  5.062   1.00 59.94 ? 77  GLU A N   1 
ATOM   576  C  CA  . GLU A 1 76  ? 19.359  -2.869  6.123   1.00 60.85 ? 77  GLU A CA  1 
ATOM   577  C  C   . GLU A 1 76  ? 18.873  -4.004  7.013   1.00 61.11 ? 77  GLU A C   1 
ATOM   578  O  O   . GLU A 1 76  ? 18.152  -4.896  6.530   1.00 61.58 ? 77  GLU A O   1 
ATOM   579  C  CB  . GLU A 1 76  ? 18.167  -2.112  5.531   1.00 60.51 ? 77  GLU A CB  1 
ATOM   580  C  CG  . GLU A 1 76  ? 18.551  -0.959  4.618   1.00 61.24 ? 77  GLU A CG  1 
ATOM   581  C  CD  . GLU A 1 76  ? 19.197  0.194   5.366   1.00 68.74 ? 77  GLU A CD  1 
ATOM   582  O  OE1 . GLU A 1 76  ? 18.982  0.306   6.594   1.00 65.91 ? 77  GLU A OE1 1 
ATOM   583  O  OE2 . GLU A 1 76  ? 19.922  0.987   4.725   1.00 63.45 ? 77  GLU A OE2 1 
ATOM   584  N  N   . PRO A 1 77  ? 19.244  -4.042  8.296   1.00 60.35 ? 78  PRO A N   1 
ATOM   585  C  CA  . PRO A 1 77  ? 18.747  -5.119  9.164   1.00 60.08 ? 78  PRO A CA  1 
ATOM   586  C  C   . PRO A 1 77  ? 17.268  -5.008  9.504   1.00 58.00 ? 78  PRO A C   1 
ATOM   587  O  O   . PRO A 1 77  ? 16.667  -6.012  9.904   1.00 54.55 ? 78  PRO A O   1 
ATOM   588  C  CB  . PRO A 1 77  ? 19.630  -5.009  10.416  1.00 61.61 ? 78  PRO A CB  1 
ATOM   589  C  CG  . PRO A 1 77  ? 20.193  -3.607  10.392  1.00 64.79 ? 78  PRO A CG  1 
ATOM   590  C  CD  . PRO A 1 77  ? 19.881  -2.961  9.063   1.00 63.69 ? 78  PRO A CD  1 
ATOM   591  N  N   . GLU A 1 78  ? 16.665  -3.831  9.352   1.00 56.36 ? 79  GLU A N   1 
ATOM   592  C  CA  . GLU A 1 78  ? 15.297  -3.599  9.795   1.00 53.25 ? 79  GLU A CA  1 
ATOM   593  C  C   . GLU A 1 78  ? 14.307  -3.850  8.663   1.00 46.61 ? 79  GLU A C   1 
ATOM   594  O  O   . GLU A 1 78  ? 14.464  -3.319  7.558   1.00 43.90 ? 79  GLU A O   1 
ATOM   595  C  CB  . GLU A 1 78  ? 15.145  -2.176  10.333  1.00 52.96 ? 79  GLU A CB  1 
ATOM   596  C  CG  . GLU A 1 78  ? 15.862  -1.956  11.655  1.00 61.21 ? 79  GLU A CG  1 
ATOM   597  C  CD  . GLU A 1 78  ? 16.811  -0.774  11.620  1.00 64.89 ? 79  GLU A CD  1 
ATOM   598  O  OE1 . GLU A 1 78  ? 16.581  0.151   10.809  1.00 66.36 ? 79  GLU A OE1 1 
ATOM   599  O  OE2 . GLU A 1 78  ? 17.788  -0.773  12.401  1.00 67.97 ? 79  GLU A OE2 1 
ATOM   600  N  N   . LEU A 1 79  ? 13.307  -4.678  8.943   1.00 45.41 ? 80  LEU A N   1 
ATOM   601  C  CA  . LEU A 1 79  ? 12.235  -4.997  8.015   1.00 40.80 ? 80  LEU A CA  1 
ATOM   602  C  C   . LEU A 1 79  ? 11.180  -3.895  8.007   1.00 39.59 ? 80  LEU A C   1 
ATOM   603  O  O   . LEU A 1 79  ? 11.030  -3.135  8.966   1.00 36.35 ? 80  LEU A O   1 
ATOM   604  C  CB  . LEU A 1 79  ? 11.577  -6.318  8.411   1.00 42.40 ? 80  LEU A CB  1 
ATOM   605  C  CG  . LEU A 1 79  ? 12.536  -7.482  8.657   1.00 45.54 ? 80  LEU A CG  1 
ATOM   606  C  CD1 . LEU A 1 79  ? 11.762  -8.748  8.978   1.00 45.05 ? 80  LEU A CD1 1 
ATOM   607  C  CD2 . LEU A 1 79  ? 13.428  -7.688  7.452   1.00 46.22 ? 80  LEU A CD2 1 
ATOM   608  N  N   . MET A 1 80  ? 10.444  -3.809  6.902   1.00 35.62 ? 81  MET A N   1 
ATOM   609  C  CA  . MET A 1 80  ? 9.241   -2.993  6.839   1.00 33.60 ? 81  MET A CA  1 
ATOM   610  C  C   . MET A 1 80  ? 8.042   -3.912  7.030   1.00 28.22 ? 81  MET A C   1 
ATOM   611  O  O   . MET A 1 80  ? 7.894   -4.902  6.309   1.00 26.49 ? 81  MET A O   1 
ATOM   612  C  CB  . MET A 1 80  ? 9.137   -2.250  5.504   1.00 34.61 ? 81  MET A CB  1 
ATOM   613  C  CG  . MET A 1 80  ? 10.162  -1.141  5.311   1.00 40.21 ? 81  MET A CG  1 
ATOM   614  S  SD  . MET A 1 80  ? 9.885   -0.181  3.796   1.00 43.90 ? 81  MET A SD  1 
ATOM   615  C  CE  . MET A 1 80  ? 8.163   0.246   3.967   1.00 32.78 ? 81  MET A CE  1 
ATOM   616  N  N   . ASP A 1 81  ? 7.198   -3.597  8.004   1.00 28.36 ? 82  ASP A N   1 
ATOM   617  C  CA  . ASP A 1 81  ? 5.973   -4.349  8.254   1.00 32.11 ? 82  ASP A CA  1 
ATOM   618  C  C   . ASP A 1 81  ? 4.829   -3.510  7.693   1.00 29.81 ? 82  ASP A C   1 
ATOM   619  O  O   . ASP A 1 81  ? 4.400   -2.531  8.314   1.00 27.53 ? 82  ASP A O   1 
ATOM   620  C  CB  . ASP A 1 81  ? 5.842   -4.574  9.763   1.00 30.40 ? 82  ASP A CB  1 
ATOM   621  C  CG  . ASP A 1 81  ? 4.481   -5.092  10.180  1.00 30.92 ? 82  ASP A CG  1 
ATOM   622  O  OD1 . ASP A 1 81  ? 3.744   -5.635  9.335   1.00 26.88 ? 82  ASP A OD1 1 
ATOM   623  O  OD2 . ASP A 1 81  ? 4.154   -4.960  11.381  1.00 31.06 ? 82  ASP A OD2 1 
ATOM   624  N  N   . VAL A 1 82  ? 4.291   -3.935  6.557   1.00 28.35 ? 83  VAL A N   1 
ATOM   625  C  CA  . VAL A 1 82  ? 3.357   -3.129  5.783   1.00 26.62 ? 83  VAL A CA  1 
ATOM   626  C  C   . VAL A 1 82  ? 1.982   -3.762  5.917   1.00 27.34 ? 83  VAL A C   1 
ATOM   627  O  O   . VAL A 1 82  ? 1.751   -4.874  5.425   1.00 26.06 ? 83  VAL A O   1 
ATOM   628  C  CB  . VAL A 1 82  ? 3.772   -3.010  4.309   1.00 30.99 ? 83  VAL A CB  1 
ATOM   629  C  CG1 . VAL A 1 82  ? 2.785   -2.127  3.559   1.00 28.71 ? 83  VAL A CG1 1 
ATOM   630  C  CG2 . VAL A 1 82  ? 5.185   -2.455  4.189   1.00 30.27 ? 83  VAL A CG2 1 
ATOM   631  N  N   . HIS A 1 83  ? 1.074   -3.051  6.581   1.00 24.05 ? 84  HIS A N   1 
ATOM   632  C  CA  . HIS A 1 83  ? -0.317  -3.466  6.697   1.00 25.25 ? 84  HIS A CA  1 
ATOM   633  C  C   . HIS A 1 83  ? -1.091  -2.888  5.518   1.00 27.73 ? 84  HIS A C   1 
ATOM   634  O  O   . HIS A 1 83  ? -1.177  -1.665  5.365   1.00 25.62 ? 84  HIS A O   1 
ATOM   635  C  CB  . HIS A 1 83  ? -0.899  -2.975  8.021   1.00 28.35 ? 84  HIS A CB  1 
ATOM   636  C  CG  . HIS A 1 83  ? -0.346  -3.680  9.219   1.00 28.49 ? 84  HIS A CG  1 
ATOM   637  N  ND1 . HIS A 1 83  ? -1.138  -4.398  10.090  1.00 29.20 ? 84  HIS A ND1 1 
ATOM   638  C  CD2 . HIS A 1 83  ? 0.922   -3.800  9.679   1.00 29.73 ? 84  HIS A CD2 1 
ATOM   639  C  CE1 . HIS A 1 83  ? -0.385  -4.921  11.039  1.00 31.08 ? 84  HIS A CE1 1 
ATOM   640  N  NE2 . HIS A 1 83  ? 0.870   -4.575  10.812  1.00 31.08 ? 84  HIS A NE2 1 
ATOM   641  N  N   . VAL A 1 84  ? -1.651  -3.767  4.690   1.00 26.73 ? 85  VAL A N   1 
ATOM   642  C  CA  . VAL A 1 84  ? -2.302  -3.380  3.447   1.00 23.62 ? 85  VAL A CA  1 
ATOM   643  C  C   . VAL A 1 84  ? -3.804  -3.401  3.666   1.00 28.31 ? 85  VAL A C   1 
ATOM   644  O  O   . VAL A 1 84  ? -4.345  -4.367  4.222   1.00 27.14 ? 85  VAL A O   1 
ATOM   645  C  CB  . VAL A 1 84  ? -1.914  -4.331  2.304   1.00 25.77 ? 85  VAL A CB  1 
ATOM   646  C  CG1 . VAL A 1 84  ? -2.456  -3.809  0.979   1.00 26.46 ? 85  VAL A CG1 1 
ATOM   647  C  CG2 . VAL A 1 84  ? -0.408  -4.491  2.258   1.00 25.91 ? 85  VAL A CG2 1 
ATOM   648  N  N   . PHE A 1 85  ? -4.473  -2.338  3.228   1.00 27.24 ? 86  PHE A N   1 
ATOM   649  C  CA  . PHE A 1 85  ? -5.916  -2.205  3.332   1.00 30.40 ? 86  PHE A CA  1 
ATOM   650  C  C   . PHE A 1 85  ? -6.488  -1.861  1.965   1.00 29.34 ? 86  PHE A C   1 
ATOM   651  O  O   . PHE A 1 85  ? -5.798  -1.316  1.100   1.00 28.26 ? 86  PHE A O   1 
ATOM   652  C  CB  . PHE A 1 85  ? -6.297  -1.071  4.291   1.00 26.49 ? 86  PHE A CB  1 
ATOM   653  C  CG  . PHE A 1 85  ? -5.779  -1.249  5.690   1.00 30.35 ? 86  PHE A CG  1 
ATOM   654  C  CD1 . PHE A 1 85  ? -6.534  -1.918  6.636   1.00 30.89 ? 86  PHE A CD1 1 
ATOM   655  C  CD2 . PHE A 1 85  ? -4.548  -0.729  6.064   1.00 26.86 ? 86  PHE A CD2 1 
ATOM   656  C  CE1 . PHE A 1 85  ? -6.070  -2.082  7.922   1.00 31.23 ? 86  PHE A CE1 1 
ATOM   657  C  CE2 . PHE A 1 85  ? -4.075  -0.894  7.353   1.00 27.57 ? 86  PHE A CE2 1 
ATOM   658  C  CZ  . PHE A 1 85  ? -4.836  -1.565  8.283   1.00 31.21 ? 86  PHE A CZ  1 
ATOM   659  N  N   . CYS A 1 86  ? -7.769  -2.171  1.778   1.00 30.37 ? 87  CYS A N   1 
ATOM   660  C  CA  . CYS A 1 86  ? -8.512  -1.676  0.626   1.00 32.08 ? 87  CYS A CA  1 
ATOM   661  C  C   . CYS A 1 86  ? -9.807  -1.030  1.100   1.00 33.46 ? 87  CYS A C   1 
ATOM   662  O  O   . CYS A 1 86  ? -10.307 -1.324  2.188   1.00 31.19 ? 87  CYS A O   1 
ATOM   663  C  CB  . CYS A 1 86  ? -8.780  -2.768  -0.425  1.00 35.15 ? 87  CYS A CB  1 
ATOM   664  S  SG  . CYS A 1 86  ? -10.251 -3.768  -0.143  1.00 51.99 ? 87  CYS A SG  1 
ATOM   665  N  N   . THR A 1 87  ? -10.326 -0.104  0.289   1.00 35.94 ? 88  THR A N   1 
ATOM   666  C  CA  . THR A 1 87  ? -11.589 0.570   0.584   1.00 37.13 ? 88  THR A CA  1 
ATOM   667  C  C   . THR A 1 87  ? -12.411 0.666   -0.690  1.00 43.20 ? 88  THR A C   1 
ATOM   668  O  O   . THR A 1 87  ? -11.908 1.125   -1.720  1.00 38.15 ? 88  THR A O   1 
ATOM   669  C  CB  . THR A 1 87  ? -11.378 1.992   1.127   1.00 39.06 ? 88  THR A CB  1 
ATOM   670  O  OG1 . THR A 1 87  ? -10.793 2.821   0.112   1.00 40.38 ? 88  THR A OG1 1 
ATOM   671  C  CG2 . THR A 1 87  ? -10.477 1.984   2.329   1.00 43.19 ? 88  THR A CG2 1 
ATOM   672  N  N   . ASP A 1 88  ? -13.661 0.205   -0.620  1.00 46.37 ? 89  ASP A N   1 
ATOM   673  C  CA  . ASP A 1 88  ? -14.612 0.398   -1.709  1.00 49.07 ? 89  ASP A CA  1 
ATOM   674  C  C   . ASP A 1 88  ? -15.272 1.774   -1.665  1.00 51.75 ? 89  ASP A C   1 
ATOM   675  O  O   . ASP A 1 88  ? -15.420 2.427   -2.705  1.00 57.04 ? 89  ASP A O   1 
ATOM   676  C  CB  . ASP A 1 88  ? -15.670 -0.706  -1.672  1.00 47.77 ? 89  ASP A CB  1 
ATOM   677  C  CG  . ASP A 1 88  ? -16.722 -0.542  -2.749  1.00 57.00 ? 89  ASP A CG  1 
ATOM   678  O  OD1 . ASP A 1 88  ? -16.354 -0.189  -3.891  1.00 54.79 ? 89  ASP A OD1 1 
ATOM   679  O  OD2 . ASP A 1 88  ? -17.916 -0.762  -2.448  1.00 56.59 ? 89  ASP A OD2 1 
ATOM   680  N  N   . SER A 1 89  ? -15.668 2.233   -0.477  1.00 50.21 ? 90  SER A N   1 
ATOM   681  C  CA  . SER A 1 89  ? -16.524 3.406   -0.327  1.00 53.17 ? 90  SER A CA  1 
ATOM   682  C  C   . SER A 1 89  ? -15.698 4.602   0.129   1.00 51.58 ? 90  SER A C   1 
ATOM   683  O  O   . SER A 1 89  ? -15.196 4.621   1.259   1.00 49.94 ? 90  SER A O   1 
ATOM   684  C  CB  . SER A 1 89  ? -17.645 3.127   0.676   1.00 55.33 ? 90  SER A CB  1 
ATOM   685  O  OG  . SER A 1 89  ? -18.508 2.098   0.219   1.00 56.46 ? 90  SER A OG  1 
ATOM   686  N  N   . ILE A 1 90  ? -15.596 5.614   -0.730  1.00 47.16 ? 91  ILE A N   1 
ATOM   687  C  CA  . ILE A 1 90  ? -14.809 6.806   -0.454  1.00 45.27 ? 91  ILE A CA  1 
ATOM   688  C  C   . ILE A 1 90  ? -15.725 8.024   -0.454  1.00 45.35 ? 91  ILE A C   1 
ATOM   689  O  O   . ILE A 1 90  ? -16.829 8.004   -1.003  1.00 46.51 ? 91  ILE A O   1 
ATOM   690  C  CB  . ILE A 1 90  ? -13.650 6.988   -1.453  1.00 47.63 ? 91  ILE A CB  1 
ATOM   691  C  CG1 . ILE A 1 90  ? -14.185 7.046   -2.885  1.00 45.15 ? 91  ILE A CG1 1 
ATOM   692  C  CG2 . ILE A 1 90  ? -12.645 5.861   -1.301  1.00 47.20 ? 91  ILE A CG2 1 
ATOM   693  C  CD1 . ILE A 1 90  ? -13.104 7.216   -3.934  1.00 45.66 ? 91  ILE A CD1 1 
ATOM   694  N  N   . GLN A 1 91  ? -15.253 9.090   0.195   1.00 44.78 ? 92  GLN A N   1 
ATOM   695  C  CA  . GLN A 1 91  ? -15.982 10.348  0.310   1.00 44.19 ? 92  GLN A CA  1 
ATOM   696  C  C   . GLN A 1 91  ? -15.037 11.505  0.014   1.00 39.68 ? 92  GLN A C   1 
ATOM   697  O  O   . GLN A 1 91  ? -13.907 11.528  0.509   1.00 38.86 ? 92  GLN A O   1 
ATOM   698  C  CB  . GLN A 1 91  ? -16.592 10.502  1.710   1.00 44.72 ? 92  GLN A CB  1 
ATOM   699  C  CG  . GLN A 1 91  ? -17.760 9.552   1.982   1.00 49.19 ? 92  GLN A CG  1 
ATOM   700  C  CD  . GLN A 1 91  ? -18.137 9.479   3.455   1.00 55.12 ? 92  GLN A CD  1 
ATOM   701  O  OE1 . GLN A 1 91  ? -17.274 9.332   4.325   1.00 52.53 ? 92  GLN A OE1 1 
ATOM   702  N  NE2 . GLN A 1 91  ? -19.430 9.579   3.741   1.00 54.07 ? 92  GLN A NE2 1 
ATOM   703  N  N   . GLY A 1 92  ? -15.502 12.461  -0.783  1.00 40.13 ? 93  GLY A N   1 
ATOM   704  C  CA  . GLY A 1 92  ? -14.700 13.602  -1.186  1.00 41.47 ? 93  GLY A CA  1 
ATOM   705  C  C   . GLY A 1 92  ? -14.224 13.478  -2.620  1.00 39.12 ? 93  GLY A C   1 
ATOM   706  O  O   . GLY A 1 92  ? -14.439 12.471  -3.301  1.00 40.62 ? 93  GLY A O   1 
ATOM   707  N  N   . THR A 1 93  ? -13.567 14.540  -3.089  1.00 37.67 ? 94  THR A N   1 
ATOM   708  C  CA  . THR A 1 93  ? -13.009 14.550  -4.437  1.00 39.62 ? 94  THR A CA  1 
ATOM   709  C  C   . THR A 1 93  ? -11.503 14.385  -4.353  1.00 36.66 ? 94  THR A C   1 
ATOM   710  O  O   . THR A 1 93  ? -10.839 15.172  -3.661  1.00 36.29 ? 94  THR A O   1 
ATOM   711  C  CB  . THR A 1 93  ? -13.356 15.839  -5.187  1.00 43.16 ? 94  THR A CB  1 
ATOM   712  O  OG1 . THR A 1 93  ? -12.510 16.903  -4.734  1.00 50.14 ? 94  THR A OG1 1 
ATOM   713  C  CG2 . THR A 1 93  ? -14.806 16.218  -4.965  1.00 33.01 ? 94  THR A CG2 1 
ATOM   714  N  N   . PRO A 1 94  ? -10.928 13.386  -5.019  1.00 37.27 ? 95  PRO A N   1 
ATOM   715  C  CA  . PRO A 1 94  ? -9.471  13.215  -4.982  1.00 34.45 ? 95  PRO A CA  1 
ATOM   716  C  C   . PRO A 1 94  ? -8.759  14.468  -5.469  1.00 37.84 ? 95  PRO A C   1 
ATOM   717  O  O   . PRO A 1 94  ? -9.090  15.024  -6.520  1.00 37.74 ? 95  PRO A O   1 
ATOM   718  C  CB  . PRO A 1 94  ? -9.234  12.035  -5.929  1.00 34.17 ? 95  PRO A CB  1 
ATOM   719  C  CG  . PRO A 1 94  ? -10.516 11.277  -5.905  1.00 33.63 ? 95  PRO A CG  1 
ATOM   720  C  CD  . PRO A 1 94  ? -11.594 12.310  -5.773  1.00 37.08 ? 95  PRO A CD  1 
ATOM   721  N  N   . VAL A 1 95  ? -7.778  14.908  -4.689  1.00 34.93 ? 96  VAL A N   1 
ATOM   722  C  CA  . VAL A 1 95  ? -6.986  16.092  -5.000  1.00 32.79 ? 96  VAL A CA  1 
ATOM   723  C  C   . VAL A 1 95  ? -5.560  15.826  -4.545  1.00 34.42 ? 96  VAL A C   1 
ATOM   724  O  O   . VAL A 1 95  ? -5.334  15.172  -3.523  1.00 36.61 ? 96  VAL A O   1 
ATOM   725  C  CB  . VAL A 1 95  ? -7.568  17.365  -4.345  1.00 35.56 ? 96  VAL A CB  1 
ATOM   726  C  CG1 . VAL A 1 95  ? -7.547  17.259  -2.822  1.00 32.06 ? 96  VAL A CG1 1 
ATOM   727  C  CG2 . VAL A 1 95  ? -6.821  18.616  -4.818  1.00 33.69 ? 96  VAL A CG2 1 
ATOM   728  N  N   . GLU A 1 96  ? -4.600  16.319  -5.314  1.00 29.96 ? 97  GLU A N   1 
ATOM   729  C  CA  . GLU A 1 96  ? -3.208  16.046  -5.011  1.00 31.16 ? 97  GLU A CA  1 
ATOM   730  C  C   . GLU A 1 96  ? -2.730  16.871  -3.820  1.00 35.24 ? 97  GLU A C   1 
ATOM   731  O  O   . GLU A 1 96  ? -3.285  17.917  -3.481  1.00 34.52 ? 97  GLU A O   1 
ATOM   732  C  CB  . GLU A 1 96  ? -2.331  16.353  -6.220  1.00 32.67 ? 97  GLU A CB  1 
ATOM   733  C  CG  . GLU A 1 96  ? -2.345  17.806  -6.646  1.00 35.56 ? 97  GLU A CG  1 
ATOM   734  C  CD  . GLU A 1 96  ? -1.780  17.986  -8.035  1.00 35.72 ? 97  GLU A CD  1 
ATOM   735  O  OE1 . GLU A 1 96  ? -0.540  18.083  -8.169  1.00 35.81 ? 97  GLU A OE1 1 
ATOM   736  O  OE2 . GLU A 1 96  ? -2.580  17.990  -8.996  1.00 33.11 ? 97  GLU A OE2 1 
ATOM   737  N  N   . SER A 1 97  ? -1.694  16.355  -3.169  1.00 33.11 ? 98  SER A N   1 
ATOM   738  C  CA  . SER A 1 97  ? -0.873  17.078  -2.217  1.00 38.92 ? 98  SER A CA  1 
ATOM   739  C  C   . SER A 1 97  ? 0.439   17.434  -2.907  1.00 38.91 ? 98  SER A C   1 
ATOM   740  O  O   . SER A 1 97  ? 0.617   17.197  -4.104  1.00 37.50 ? 98  SER A O   1 
ATOM   741  C  CB  . SER A 1 97  ? -0.614  16.197  -0.999  1.00 37.32 ? 98  SER A CB  1 
ATOM   742  O  OG  . SER A 1 97  ? 0.311   15.177  -1.334  1.00 36.58 ? 98  SER A OG  1 
ATOM   743  N  N   . ASP A 1 98  ? 1.377   18.016  -2.154  1.00 41.19 ? 99  ASP A N   1 
ATOM   744  C  CA  . ASP A 1 98  ? 2.718   18.200  -2.696  1.00 41.95 ? 99  ASP A CA  1 
ATOM   745  C  C   . ASP A 1 98  ? 3.408   16.865  -2.938  1.00 42.15 ? 99  ASP A C   1 
ATOM   746  O  O   . ASP A 1 98  ? 4.295   16.769  -3.796  1.00 41.83 ? 99  ASP A O   1 
ATOM   747  C  CB  . ASP A 1 98  ? 3.562   19.052  -1.747  1.00 46.66 ? 99  ASP A CB  1 
ATOM   748  C  CG  . ASP A 1 98  ? 2.930   20.395  -1.451  1.00 50.32 ? 99  ASP A CG  1 
ATOM   749  O  OD1 . ASP A 1 98  ? 2.258   20.952  -2.348  1.00 52.03 ? 99  ASP A OD1 1 
ATOM   750  O  OD2 . ASP A 1 98  ? 3.104   20.891  -0.317  1.00 56.99 ? 99  ASP A OD2 1 
ATOM   751  N  N   . GLU A 1 99  ? 3.040   15.837  -2.167  1.00 37.82 ? 100 GLU A N   1 
ATOM   752  C  CA  . GLU A 1 99  ? 3.683   14.530  -2.275  1.00 39.69 ? 100 GLU A CA  1 
ATOM   753  C  C   . GLU A 1 99  ? 3.114   13.672  -3.407  1.00 35.22 ? 100 GLU A C   1 
ATOM   754  O  O   . GLU A 1 99  ? 3.876   13.018  -4.130  1.00 38.31 ? 100 GLU A O   1 
ATOM   755  C  CB  . GLU A 1 99  ? 3.592   13.793  -0.938  1.00 36.61 ? 100 GLU A CB  1 
ATOM   756  N  N   . MET A 1 100 ? 1.792   13.653  -3.573  1.00 32.62 ? 101 MET A N   1 
ATOM   757  C  CA  . MET A 1 100 ? 1.123   12.629  -4.371  1.00 34.41 ? 101 MET A CA  1 
ATOM   758  C  C   . MET A 1 100 ? -0.012  13.236  -5.184  1.00 32.30 ? 101 MET A C   1 
ATOM   759  O  O   . MET A 1 100 ? -0.723  14.122  -4.704  1.00 34.46 ? 101 MET A O   1 
ATOM   760  C  CB  . MET A 1 100 ? 0.532   11.550  -3.452  1.00 34.16 ? 101 MET A CB  1 
ATOM   761  C  CG  . MET A 1 100 ? 1.570   10.689  -2.754  1.00 40.16 ? 101 MET A CG  1 
ATOM   762  S  SD  . MET A 1 100 ? 2.105   9.315   -3.795  1.00 44.44 ? 101 MET A SD  1 
ATOM   763  C  CE  . MET A 1 100 ? 0.863   8.092   -3.372  1.00 37.21 ? 101 MET A CE  1 
ATOM   764  N  N   . ARG A 1 101 ? -0.183  12.750  -6.413  1.00 31.79 ? 102 ARG A N   1 
ATOM   765  C  CA  . ARG A 1 101 ? -1.328  13.113  -7.243  1.00 32.07 ? 102 ARG A CA  1 
ATOM   766  C  C   . ARG A 1 101 ? -2.181  11.881  -7.515  1.00 31.73 ? 102 ARG A C   1 
ATOM   767  O  O   . ARG A 1 101 ? -1.697  10.931  -8.152  1.00 31.32 ? 102 ARG A O   1 
ATOM   768  C  CB  . ARG A 1 101 ? -0.898  13.753  -8.562  1.00 33.67 ? 102 ARG A CB  1 
ATOM   769  C  CG  . ARG A 1 101 ? -2.084  14.122  -9.444  1.00 34.60 ? 102 ARG A CG  1 
ATOM   770  C  CD  . ARG A 1 101 ? -1.654  14.843  -10.704 1.00 36.80 ? 102 ARG A CD  1 
ATOM   771  N  NE  . ARG A 1 101 ? -0.848  16.026  -10.413 1.00 32.47 ? 102 ARG A NE  1 
ATOM   772  C  CZ  . ARG A 1 101 ? 0.466   16.104  -10.603 1.00 36.73 ? 102 ARG A CZ  1 
ATOM   773  N  NH1 . ARG A 1 101 ? 1.134   15.067  -11.091 1.00 36.19 ? 102 ARG A NH1 1 
ATOM   774  N  NH2 . ARG A 1 101 ? 1.113   17.224  -10.310 1.00 35.97 ? 102 ARG A NH2 1 
ATOM   775  N  N   . PRO A 1 102 ? -3.424  11.834  -7.054  1.00 29.71 ? 103 PRO A N   1 
ATOM   776  C  CA  . PRO A 1 102 ? -4.279  10.683  -7.353  1.00 27.95 ? 103 PRO A CA  1 
ATOM   777  C  C   . PRO A 1 102 ? -4.823  10.711  -8.773  1.00 31.35 ? 103 PRO A C   1 
ATOM   778  O  O   . PRO A 1 102 ? -5.161  11.764  -9.324  1.00 27.59 ? 103 PRO A O   1 
ATOM   779  C  CB  . PRO A 1 102 ? -5.420  10.826  -6.340  1.00 30.16 ? 103 PRO A CB  1 
ATOM   780  C  CG  . PRO A 1 102 ? -5.499  12.283  -6.067  1.00 33.11 ? 103 PRO A CG  1 
ATOM   781  C  CD  . PRO A 1 102 ? -4.100  12.826  -6.201  1.00 30.92 ? 103 PRO A CD  1 
ATOM   782  N  N   . CYS A 1 103 ? -4.938  9.516   -9.350  1.00 30.78 ? 104 CYS A N   1 
ATOM   783  C  CA  A CYS A 1 103 ? -5.521  9.333   -10.676 0.50 30.41 ? 104 CYS A CA  1 
ATOM   784  C  CA  B CYS A 1 103 ? -5.588  9.363   -10.638 0.50 30.60 ? 104 CYS A CA  1 
ATOM   785  C  C   . CYS A 1 103 ? -6.233  7.988   -10.710 1.00 31.11 ? 104 CYS A C   1 
ATOM   786  O  O   . CYS A 1 103 ? -5.810  7.042   -10.041 1.00 27.88 ? 104 CYS A O   1 
ATOM   787  C  CB  A CYS A 1 103 ? -4.452  9.324   -11.781 0.50 31.39 ? 104 CYS A CB  1 
ATOM   788  C  CB  B CYS A 1 103 ? -4.617  9.568   -11.803 0.50 31.17 ? 104 CYS A CB  1 
ATOM   789  S  SG  A CYS A 1 103 ? -3.769  10.924  -12.290 0.50 30.81 ? 104 CYS A SG  1 
ATOM   790  S  SG  B CYS A 1 103 ? -5.436  10.164  -13.283 0.50 32.20 ? 104 CYS A SG  1 
ATOM   791  N  N   . TRP A 1 104 ? -7.290  7.898   -11.515 1.00 28.02 ? 105 TRP A N   1 
ATOM   792  C  CA  . TRP A 1 104 ? -8.019  6.648   -11.683 1.00 31.15 ? 105 TRP A CA  1 
ATOM   793  C  C   . TRP A 1 104 ? -7.437  5.851   -12.843 1.00 29.11 ? 105 TRP A C   1 
ATOM   794  O  O   . TRP A 1 104 ? -7.112  6.408   -13.895 1.00 29.82 ? 105 TRP A O   1 
ATOM   795  C  CB  . TRP A 1 104 ? -9.501  6.912   -11.954 1.00 34.04 ? 105 TRP A CB  1 
ATOM   796  C  CG  . TRP A 1 104 ? -10.280 7.365   -10.760 1.00 33.47 ? 105 TRP A CG  1 
ATOM   797  C  CD1 . TRP A 1 104 ? -10.762 8.621   -10.525 1.00 35.58 ? 105 TRP A CD1 1 
ATOM   798  C  CD2 . TRP A 1 104 ? -10.679 6.565   -9.642  1.00 32.53 ? 105 TRP A CD2 1 
ATOM   799  N  NE1 . TRP A 1 104 ? -11.433 8.652   -9.328  1.00 34.54 ? 105 TRP A NE1 1 
ATOM   800  C  CE2 . TRP A 1 104 ? -11.398 7.402   -8.767  1.00 34.54 ? 105 TRP A CE2 1 
ATOM   801  C  CE3 . TRP A 1 104 ? -10.491 5.224   -9.290  1.00 30.71 ? 105 TRP A CE3 1 
ATOM   802  C  CZ2 . TRP A 1 104 ? -11.931 6.941   -7.564  1.00 33.45 ? 105 TRP A CZ2 1 
ATOM   803  C  CZ3 . TRP A 1 104 ? -11.030 4.767   -8.100  1.00 34.12 ? 105 TRP A CZ3 1 
ATOM   804  C  CH2 . TRP A 1 104 ? -11.736 5.624   -7.250  1.00 32.89 ? 105 TRP A CH2 1 
ATOM   805  N  N   . PHE A 1 105 ? -7.328  4.538   -12.649 1.00 28.89 ? 106 PHE A N   1 
ATOM   806  C  CA  . PHE A 1 105 ? -6.845  3.627   -13.677 1.00 31.42 ? 106 PHE A CA  1 
ATOM   807  C  C   . PHE A 1 105 ? -7.844  2.495   -13.842 1.00 32.45 ? 106 PHE A C   1 
ATOM   808  O  O   . PHE A 1 105 ? -8.251  1.872   -12.855 1.00 30.30 ? 106 PHE A O   1 
ATOM   809  C  CB  . PHE A 1 105 ? -5.483  3.035   -13.299 1.00 31.14 ? 106 PHE A CB  1 
ATOM   810  C  CG  . PHE A 1 105 ? -4.370  4.035   -13.282 1.00 31.98 ? 106 PHE A CG  1 
ATOM   811  C  CD1 . PHE A 1 105 ? -4.203  4.889   -12.200 1.00 29.93 ? 106 PHE A CD1 1 
ATOM   812  C  CD2 . PHE A 1 105 ? -3.481  4.116   -14.339 1.00 31.01 ? 106 PHE A CD2 1 
ATOM   813  C  CE1 . PHE A 1 105 ? -3.172  5.809   -12.182 1.00 31.10 ? 106 PHE A CE1 1 
ATOM   814  C  CE2 . PHE A 1 105 ? -2.443  5.042   -14.324 1.00 34.65 ? 106 PHE A CE2 1 
ATOM   815  C  CZ  . PHE A 1 105 ? -2.291  5.884   -13.248 1.00 30.55 ? 106 PHE A CZ  1 
ATOM   816  N  N   . GLN A 1 106 ? -8.243  2.233   -15.083 1.00 30.72 ? 107 GLN A N   1 
ATOM   817  C  CA  . GLN A 1 106 ? -9.032  1.040   -15.361 1.00 35.85 ? 107 GLN A CA  1 
ATOM   818  C  C   . GLN A 1 106 ? -8.221  -0.193  -14.974 1.00 34.83 ? 107 GLN A C   1 
ATOM   819  O  O   . GLN A 1 106 ? -6.995  -0.217  -15.116 1.00 33.49 ? 107 GLN A O   1 
ATOM   820  C  CB  . GLN A 1 106 ? -9.409  0.998   -16.842 1.00 36.11 ? 107 GLN A CB  1 
ATOM   821  C  CG  . GLN A 1 106 ? -10.430 2.062   -17.245 1.00 35.02 ? 107 GLN A CG  1 
ATOM   822  C  CD  . GLN A 1 106 ? -11.814 1.784   -16.688 1.00 36.23 ? 107 GLN A CD  1 
ATOM   823  O  OE1 . GLN A 1 106 ? -12.557 0.964   -17.229 1.00 42.74 ? 107 GLN A OE1 1 
ATOM   824  N  NE2 . GLN A 1 106 ? -12.166 2.461   -15.599 1.00 29.90 ? 107 GLN A NE2 1 
ATOM   825  N  N   . LEU A 1 107 ? -8.911  -1.214  -14.463 1.00 35.77 ? 108 LEU A N   1 
ATOM   826  C  CA  . LEU A 1 107 ? -8.216  -2.336  -13.832 1.00 33.07 ? 108 LEU A CA  1 
ATOM   827  C  C   . LEU A 1 107 ? -7.322  -3.094  -14.807 1.00 39.95 ? 108 LEU A C   1 
ATOM   828  O  O   . LEU A 1 107 ? -6.264  -3.595  -14.412 1.00 39.54 ? 108 LEU A O   1 
ATOM   829  C  CB  . LEU A 1 107 ? -9.219  -3.270  -13.155 1.00 33.71 ? 108 LEU A CB  1 
ATOM   830  C  CG  . LEU A 1 107 ? -9.844  -2.753  -11.857 1.00 39.10 ? 108 LEU A CG  1 
ATOM   831  C  CD1 . LEU A 1 107 ? -10.764 -3.799  -11.245 1.00 37.26 ? 108 LEU A CD1 1 
ATOM   832  C  CD2 . LEU A 1 107 ? -8.771  -2.338  -10.860 1.00 38.42 ? 108 LEU A CD2 1 
ATOM   833  N  N   . ASP A 1 108 ? -7.718  -3.195  -16.075 1.00 39.38 ? 109 ASP A N   1 
ATOM   834  C  CA  . ASP A 1 108 ? -6.854  -3.830  -17.061 1.00 43.44 ? 109 ASP A CA  1 
ATOM   835  C  C   . ASP A 1 108 ? -5.725  -2.924  -17.533 1.00 41.76 ? 109 ASP A C   1 
ATOM   836  O  O   . ASP A 1 108 ? -4.842  -3.390  -18.259 1.00 43.40 ? 109 ASP A O   1 
ATOM   837  C  CB  . ASP A 1 108 ? -7.680  -4.328  -18.253 1.00 45.04 ? 109 ASP A CB  1 
ATOM   838  C  CG  . ASP A 1 108 ? -8.785  -3.365  -18.642 1.00 47.35 ? 109 ASP A CG  1 
ATOM   839  O  OD1 . ASP A 1 108 ? -8.509  -2.153  -18.775 1.00 45.40 ? 109 ASP A OD1 1 
ATOM   840  O  OD2 . ASP A 1 108 ? -9.937  -3.818  -18.804 1.00 55.86 ? 109 ASP A OD2 1 
ATOM   841  N  N   . GLN A 1 109 ? -5.761  -1.639  -17.185 1.00 39.04 ? 110 GLN A N   1 
ATOM   842  C  CA  . GLN A 1 109 ? -4.748  -0.665  -17.577 1.00 37.31 ? 110 GLN A CA  1 
ATOM   843  C  C   . GLN A 1 109 ? -3.697  -0.371  -16.507 1.00 37.45 ? 110 GLN A C   1 
ATOM   844  O  O   . GLN A 1 109 ? -2.906  0.559   -16.688 1.00 38.52 ? 110 GLN A O   1 
ATOM   845  C  CB  . GLN A 1 109 ? -5.398  0.618   -18.101 1.00 38.61 ? 110 GLN A CB  1 
ATOM   846  C  CG  . GLN A 1 109 ? -6.247  0.394   -19.343 1.00 40.14 ? 110 GLN A CG  1 
ATOM   847  C  CD  . GLN A 1 109 ? -5.465  -0.243  -20.475 1.00 40.04 ? 110 GLN A CD  1 
ATOM   848  O  OE1 . GLN A 1 109 ? -4.668  0.416   -21.143 1.00 44.33 ? 110 GLN A OE1 1 
ATOM   849  N  NE2 . GLN A 1 109 ? -5.687  -1.533  -20.695 1.00 46.01 ? 110 GLN A NE2 1 
ATOM   850  N  N   . ILE A 1 110 ? -3.713  -1.075  -15.377 1.00 35.54 ? 111 ILE A N   1 
ATOM   851  C  CA  . ILE A 1 110 ? -2.796  -0.778  -14.272 1.00 33.11 ? 111 ILE A CA  1 
ATOM   852  C  C   . ILE A 1 110 ? -1.351  -0.755  -14.757 1.00 36.67 ? 111 ILE A C   1 
ATOM   853  O  O   . ILE A 1 110 ? -0.887  -1.722  -15.378 1.00 36.39 ? 111 ILE A O   1 
ATOM   854  C  CB  . ILE A 1 110 ? -2.998  -1.745  -13.095 1.00 33.95 ? 111 ILE A CB  1 
ATOM   855  C  CG1 . ILE A 1 110 ? -4.359  -1.505  -12.438 1.00 33.06 ? 111 ILE A CG1 1 
ATOM   856  C  CG2 . ILE A 1 110 ? -1.891  -1.573  -12.071 1.00 35.04 ? 111 ILE A CG2 1 
ATOM   857  C  CD1 . ILE A 1 110 ? -4.668  -2.474  -11.318 1.00 36.28 ? 111 ILE A CD1 1 
ATOM   858  N  N   . PRO A 1 111 ? -0.501  0.468   -14.461 1.00 35.50 ? 112 PRO A N   1 
ATOM   859  C  CA  . PRO A 1 111 ? 0.833   0.671   -15.075 1.00 34.62 ? 112 PRO A CA  1 
ATOM   860  C  C   . PRO A 1 111 ? 1.971   0.055   -14.265 1.00 30.73 ? 112 PRO A C   1 
ATOM   861  O  O   . PRO A 1 111 ? 2.801   0.747   -13.656 1.00 33.50 ? 112 PRO A O   1 
ATOM   862  C  CB  . PRO A 1 111 ? 0.921   2.198   -15.145 1.00 37.12 ? 112 PRO A CB  1 
ATOM   863  C  CG  . PRO A 1 111 ? 0.177   2.646   -13.908 1.00 34.50 ? 112 PRO A CG  1 
ATOM   864  C  CD  . PRO A 1 111 ? -0.921  1.632   -13.658 1.00 34.06 ? 112 PRO A CD  1 
ATOM   865  N  N   . PHE A 1 112 ? 2.035   -1.280  -14.284 1.00 33.15 ? 113 PHE A N   1 
ATOM   866  C  CA  . PHE A 1 112 ? 2.977   -2.007  -13.433 1.00 30.27 ? 113 PHE A CA  1 
ATOM   867  C  C   . PHE A 1 112 ? 4.429   -1.633  -13.705 1.00 34.57 ? 113 PHE A C   1 
ATOM   868  O  O   . PHE A 1 112 ? 5.254   -1.671  -12.788 1.00 33.53 ? 113 PHE A O   1 
ATOM   869  C  CB  . PHE A 1 112 ? 2.783   -3.515  -13.594 1.00 30.26 ? 113 PHE A CB  1 
ATOM   870  C  CG  . PHE A 1 112 ? 1.535   -4.034  -12.949 1.00 33.64 ? 113 PHE A CG  1 
ATOM   871  C  CD1 . PHE A 1 112 ? 1.423   -4.080  -11.569 1.00 34.81 ? 113 PHE A CD1 1 
ATOM   872  C  CD2 . PHE A 1 112 ? 0.470   -4.472  -13.719 1.00 36.95 ? 113 PHE A CD2 1 
ATOM   873  C  CE1 . PHE A 1 112 ? 0.272   -4.550  -10.965 1.00 31.67 ? 113 PHE A CE1 1 
ATOM   874  C  CE2 . PHE A 1 112 ? -0.684  -4.947  -13.122 1.00 33.84 ? 113 PHE A CE2 1 
ATOM   875  C  CZ  . PHE A 1 112 ? -0.782  -4.987  -11.746 1.00 34.32 ? 113 PHE A CZ  1 
ATOM   876  N  N   . LYS A 1 113 ? 4.769   -1.283  -14.947 1.00 34.99 ? 114 LYS A N   1 
ATOM   877  C  CA  . LYS A 1 113 ? 6.145   -0.891  -15.232 1.00 37.02 ? 114 LYS A CA  1 
ATOM   878  C  C   . LYS A 1 113 ? 6.507   0.423   -14.548 1.00 32.38 ? 114 LYS A C   1 
ATOM   879  O  O   . LYS A 1 113 ? 7.691   0.699   -14.312 1.00 36.20 ? 114 LYS A O   1 
ATOM   880  C  CB  . LYS A 1 113 ? 6.368   -0.815  -16.743 1.00 37.16 ? 114 LYS A CB  1 
ATOM   881  C  CG  . LYS A 1 113 ? 5.466   0.169   -17.462 1.00 40.11 ? 114 LYS A CG  1 
ATOM   882  C  CD  . LYS A 1 113 ? 5.648   0.050   -18.971 1.00 46.20 ? 114 LYS A CD  1 
ATOM   883  C  CE  . LYS A 1 113 ? 4.825   1.085   -19.716 1.00 50.76 ? 114 LYS A CE  1 
ATOM   884  N  NZ  . LYS A 1 113 ? 5.013   0.972   -21.192 1.00 57.16 ? 114 LYS A NZ  1 
ATOM   885  N  N   . ASP A 1 114 ? 5.508   1.251   -14.264 1.00 33.67 ? 115 ASP A N   1 
ATOM   886  C  CA  . ASP A 1 114 ? 5.649   2.505   -13.536 1.00 34.90 ? 115 ASP A CA  1 
ATOM   887  C  C   . ASP A 1 114 ? 5.364   2.381   -12.039 1.00 36.14 ? 115 ASP A C   1 
ATOM   888  O  O   . ASP A 1 114 ? 5.204   3.405   -11.369 1.00 38.01 ? 115 ASP A O   1 
ATOM   889  C  CB  . ASP A 1 114 ? 4.828   3.617   -14.193 1.00 34.33 ? 115 ASP A CB  1 
ATOM   890  C  CG  . ASP A 1 114 ? 5.325   3.942   -15.596 1.00 41.00 ? 115 ASP A CG  1 
ATOM   891  O  OD1 . ASP A 1 114 ? 6.541   4.172   -15.752 1.00 46.73 ? 115 ASP A OD1 1 
ATOM   892  O  OD2 . ASP A 1 114 ? 4.515   3.938   -16.548 1.00 43.10 ? 115 ASP A OD2 1 
ATOM   893  N  N   . MET A 1 115 ? 5.193   1.169   -11.522 1.00 35.07 ? 116 MET A N   1 
ATOM   894  C  CA  . MET A 1 115 ? 4.970   0.960   -10.093 1.00 34.06 ? 116 MET A CA  1 
ATOM   895  C  C   . MET A 1 115 ? 6.146   0.202   -9.476  1.00 34.80 ? 116 MET A C   1 
ATOM   896  O  O   . MET A 1 115 ? 7.071   -0.233  -10.168 1.00 39.24 ? 116 MET A O   1 
ATOM   897  C  CB  . MET A 1 115 ? 3.648   0.216   -9.879  1.00 30.30 ? 116 MET A CB  1 
ATOM   898  C  CG  . MET A 1 115 ? 2.457   0.960   -10.438 1.00 28.67 ? 116 MET A CG  1 
ATOM   899  S  SD  . MET A 1 115 ? 1.010   -0.058  -10.772 1.00 29.58 ? 116 MET A SD  1 
ATOM   900  C  CE  . MET A 1 115 ? 0.579   -0.629  -9.134  1.00 33.18 ? 116 MET A CE  1 
ATOM   901  N  N   . TRP A 1 116 ? 6.090   0.017   -8.158  1.00 34.13 ? 117 TRP A N   1 
ATOM   902  C  CA  . TRP A 1 116 ? 7.133   -0.742  -7.484  1.00 33.09 ? 117 TRP A CA  1 
ATOM   903  C  C   . TRP A 1 116 ? 7.052   -2.205  -7.913  1.00 33.70 ? 117 TRP A C   1 
ATOM   904  O  O   . TRP A 1 116 ? 5.964   -2.714  -8.208  1.00 32.10 ? 117 TRP A O   1 
ATOM   905  C  CB  . TRP A 1 116 ? 7.005   -0.623  -5.964  1.00 31.46 ? 117 TRP A CB  1 
ATOM   906  C  CG  . TRP A 1 116 ? 7.353   0.745   -5.425  1.00 34.31 ? 117 TRP A CG  1 
ATOM   907  C  CD1 . TRP A 1 116 ? 6.503   1.800   -5.250  1.00 34.20 ? 117 TRP A CD1 1 
ATOM   908  C  CD2 . TRP A 1 116 ? 8.643   1.195   -4.987  1.00 35.67 ? 117 TRP A CD2 1 
ATOM   909  N  NE1 . TRP A 1 116 ? 7.183   2.877   -4.736  1.00 38.67 ? 117 TRP A NE1 1 
ATOM   910  C  CE2 . TRP A 1 116 ? 8.498   2.531   -4.563  1.00 38.25 ? 117 TRP A CE2 1 
ATOM   911  C  CE3 . TRP A 1 116 ? 9.904   0.597   -4.907  1.00 35.57 ? 117 TRP A CE3 1 
ATOM   912  C  CZ2 . TRP A 1 116 ? 9.568   3.280   -4.076  1.00 38.43 ? 117 TRP A CZ2 1 
ATOM   913  C  CZ3 . TRP A 1 116 ? 10.962  1.341   -4.422  1.00 37.36 ? 117 TRP A CZ3 1 
ATOM   914  C  CH2 . TRP A 1 116 ? 10.788  2.667   -4.015  1.00 36.68 ? 117 TRP A CH2 1 
ATOM   915  N  N   . PRO A 1 117 ? 8.193   -2.897  -7.986  1.00 32.86 ? 118 PRO A N   1 
ATOM   916  C  CA  . PRO A 1 117 ? 8.201   -4.228  -8.612  1.00 31.88 ? 118 PRO A CA  1 
ATOM   917  C  C   . PRO A 1 117 ? 7.385   -5.284  -7.884  1.00 34.91 ? 118 PRO A C   1 
ATOM   918  O  O   . PRO A 1 117 ? 6.917   -6.229  -8.527  1.00 31.59 ? 118 PRO A O   1 
ATOM   919  C  CB  . PRO A 1 117 ? 9.692   -4.591  -8.678  1.00 36.73 ? 118 PRO A CB  1 
ATOM   920  C  CG  . PRO A 1 117 ? 10.357  -3.700  -7.699  1.00 38.90 ? 118 PRO A CG  1 
ATOM   921  C  CD  . PRO A 1 117 ? 9.551   -2.432  -7.660  1.00 37.97 ? 118 PRO A CD  1 
ATOM   922  N  N   . ASP A 1 118 ? 7.198   -5.171  -6.567  1.00 29.36 ? 119 ASP A N   1 
ATOM   923  C  CA  . ASP A 1 118 ? 6.376   -6.166  -5.887  1.00 30.35 ? 119 ASP A CA  1 
ATOM   924  C  C   . ASP A 1 118 ? 4.911   -6.090  -6.303  1.00 27.03 ? 119 ASP A C   1 
ATOM   925  O  O   . ASP A 1 118 ? 4.197   -7.086  -6.174  1.00 27.31 ? 119 ASP A O   1 
ATOM   926  C  CB  . ASP A 1 118 ? 6.502   -6.029  -4.369  1.00 29.26 ? 119 ASP A CB  1 
ATOM   927  C  CG  . ASP A 1 118 ? 6.164   -4.635  -3.884  1.00 32.80 ? 119 ASP A CG  1 
ATOM   928  O  OD1 . ASP A 1 118 ? 6.892   -3.690  -4.253  1.00 29.92 ? 119 ASP A OD1 1 
ATOM   929  O  OD2 . ASP A 1 118 ? 5.185   -4.484  -3.125  1.00 31.74 ? 119 ASP A OD2 1 
ATOM   930  N  N   . ASP A 1 119 ? 4.452   -4.939  -6.800  1.00 27.90 ? 120 ASP A N   1 
ATOM   931  C  CA  . ASP A 1 119 ? 3.032   -4.780  -7.116  1.00 30.13 ? 120 ASP A CA  1 
ATOM   932  C  C   . ASP A 1 119 ? 2.553   -5.808  -8.137  1.00 29.65 ? 120 ASP A C   1 
ATOM   933  O  O   . ASP A 1 119 ? 1.416   -6.282  -8.054  1.00 29.66 ? 120 ASP A O   1 
ATOM   934  C  CB  . ASP A 1 119 ? 2.754   -3.357  -7.596  1.00 29.94 ? 120 ASP A CB  1 
ATOM   935  C  CG  . ASP A 1 119 ? 2.823   -2.345  -6.473  1.00 30.78 ? 120 ASP A CG  1 
ATOM   936  O  OD1 . ASP A 1 119 ? 3.356   -2.681  -5.396  1.00 32.66 ? 120 ASP A OD1 1 
ATOM   937  O  OD2 . ASP A 1 119 ? 2.347   -1.213  -6.665  1.00 35.41 ? 120 ASP A OD2 1 
ATOM   938  N  N   . SER A 1 120 ? 3.402   -6.170  -9.104  1.00 32.70 ? 121 SER A N   1 
ATOM   939  C  CA  . SER A 1 120 ? 3.001   -7.156  -10.108 1.00 29.43 ? 121 SER A CA  1 
ATOM   940  C  C   . SER A 1 120 ? 2.659   -8.501  -9.484  1.00 30.91 ? 121 SER A C   1 
ATOM   941  O  O   . SER A 1 120 ? 1.895   -9.279  -10.066 1.00 32.55 ? 121 SER A O   1 
ATOM   942  C  CB  . SER A 1 120 ? 4.111   -7.342  -11.144 1.00 33.58 ? 121 SER A CB  1 
ATOM   943  O  OG  . SER A 1 120 ? 4.357   -6.140  -11.843 1.00 38.43 ? 121 SER A OG  1 
ATOM   944  N  N   . TYR A 1 121 ? 3.215   -8.794  -8.310  1.00 30.76 ? 122 TYR A N   1 
ATOM   945  C  CA  . TYR A 1 121 ? 2.991   -10.074 -7.643  1.00 31.70 ? 122 TYR A CA  1 
ATOM   946  C  C   . TYR A 1 121 ? 1.644   -10.119 -6.924  1.00 32.20 ? 122 TYR A C   1 
ATOM   947  O  O   . TYR A 1 121 ? 0.806   -10.983 -7.207  1.00 32.94 ? 122 TYR A O   1 
ATOM   948  C  CB  . TYR A 1 121 ? 4.147   -10.378 -6.684  1.00 28.17 ? 122 TYR A CB  1 
ATOM   949  C  CG  . TYR A 1 121 ? 5.475   -10.598 -7.383  1.00 35.85 ? 122 TYR A CG  1 
ATOM   950  C  CD1 . TYR A 1 121 ? 6.203   -9.528  -7.895  1.00 34.87 ? 122 TYR A CD1 1 
ATOM   951  C  CD2 . TYR A 1 121 ? 6.001   -11.873 -7.529  1.00 35.21 ? 122 TYR A CD2 1 
ATOM   952  C  CE1 . TYR A 1 121 ? 7.414   -9.724  -8.534  1.00 39.07 ? 122 TYR A CE1 1 
ATOM   953  C  CE2 . TYR A 1 121 ? 7.211   -12.079 -8.166  1.00 40.14 ? 122 TYR A CE2 1 
ATOM   954  C  CZ  . TYR A 1 121 ? 7.914   -11.004 -8.664  1.00 38.46 ? 122 TYR A CZ  1 
ATOM   955  O  OH  . TYR A 1 121 ? 9.117   -11.209 -9.301  1.00 45.21 ? 122 TYR A OH  1 
ATOM   956  N  N   . TRP A 1 122 ? 1.452   -9.241  -5.934  1.00 29.49 ? 123 TRP A N   1 
ATOM   957  C  CA  . TRP A 1 122 ? 0.261   -9.278  -5.084  1.00 32.97 ? 123 TRP A CA  1 
ATOM   958  C  C   . TRP A 1 122 ? -0.968  -8.562  -5.655  1.00 32.14 ? 123 TRP A C   1 
ATOM   959  O  O   . TRP A 1 122 ? -2.082  -8.838  -5.198  1.00 32.58 ? 123 TRP A O   1 
ATOM   960  C  CB  . TRP A 1 122 ? 0.588   -8.792  -3.666  1.00 31.09 ? 123 TRP A CB  1 
ATOM   961  C  CG  . TRP A 1 122 ? 1.154   -7.412  -3.584  1.00 28.26 ? 123 TRP A CG  1 
ATOM   962  C  CD1 . TRP A 1 122 ? 2.474   -7.066  -3.571  1.00 27.30 ? 123 TRP A CD1 1 
ATOM   963  C  CD2 . TRP A 1 122 ? 0.417   -6.188  -3.477  1.00 31.36 ? 123 TRP A CD2 1 
ATOM   964  N  NE1 . TRP A 1 122 ? 2.607   -5.702  -3.475  1.00 29.16 ? 123 TRP A NE1 1 
ATOM   965  C  CE2 . TRP A 1 122 ? 1.357   -5.140  -3.415  1.00 33.06 ? 123 TRP A CE2 1 
ATOM   966  C  CE3 . TRP A 1 122 ? -0.948  -5.876  -3.429  1.00 31.72 ? 123 TRP A CE3 1 
ATOM   967  C  CZ2 . TRP A 1 122 ? 0.977   -3.803  -3.312  1.00 33.74 ? 123 TRP A CZ2 1 
ATOM   968  C  CZ3 . TRP A 1 122 ? -1.324  -4.544  -3.323  1.00 31.15 ? 123 TRP A CZ3 1 
ATOM   969  C  CH2 . TRP A 1 122 ? -0.364  -3.526  -3.266  1.00 32.80 ? 123 TRP A CH2 1 
ATOM   970  N  N   . PHE A 1 123 ? -0.808  -7.650  -6.614  1.00 32.26 ? 124 PHE A N   1 
ATOM   971  C  CA  . PHE A 1 123 ? -1.982  -7.007  -7.207  1.00 32.12 ? 124 PHE A CA  1 
ATOM   972  C  C   . PHE A 1 123 ? -3.002  -7.985  -7.780  1.00 38.37 ? 124 PHE A C   1 
ATOM   973  O  O   . PHE A 1 123 ? -4.208  -7.759  -7.575  1.00 36.61 ? 124 PHE A O   1 
ATOM   974  C  CB  . PHE A 1 123 ? -1.571  -5.956  -8.247  1.00 35.35 ? 124 PHE A CB  1 
ATOM   975  C  CG  . PHE A 1 123 ? -1.743  -4.538  -7.784  1.00 37.83 ? 124 PHE A CG  1 
ATOM   976  C  CD1 . PHE A 1 123 ? -0.818  -3.957  -6.930  1.00 38.69 ? 124 PHE A CD1 1 
ATOM   977  C  CD2 . PHE A 1 123 ? -2.820  -3.782  -8.216  1.00 36.05 ? 124 PHE A CD2 1 
ATOM   978  C  CE1 . PHE A 1 123 ? -0.973  -2.645  -6.509  1.00 37.85 ? 124 PHE A CE1 1 
ATOM   979  C  CE2 . PHE A 1 123 ? -2.977  -2.472  -7.800  1.00 38.38 ? 124 PHE A CE2 1 
ATOM   980  C  CZ  . PHE A 1 123 ? -2.055  -1.905  -6.948  1.00 37.30 ? 124 PHE A CZ  1 
ATOM   981  N  N   . PRO A 1 124 ? -2.621  -9.050  -8.500  1.00 38.53 ? 125 PRO A N   1 
ATOM   982  C  CA  . PRO A 1 124 ? -3.644  -10.005 -8.962  1.00 40.25 ? 125 PRO A CA  1 
ATOM   983  C  C   . PRO A 1 124 ? -4.486  -10.592 -7.844  1.00 41.82 ? 125 PRO A C   1 
ATOM   984  O  O   . PRO A 1 124 ? -5.693  -10.790 -8.028  1.00 41.12 ? 125 PRO A O   1 
ATOM   985  C  CB  . PRO A 1 124 ? -2.816  -11.073 -9.690  1.00 40.91 ? 125 PRO A CB  1 
ATOM   986  C  CG  . PRO A 1 124 ? -1.639  -10.323 -10.198 1.00 39.14 ? 125 PRO A CG  1 
ATOM   987  C  CD  . PRO A 1 124 ? -1.309  -9.324  -9.118  1.00 37.35 ? 125 PRO A CD  1 
ATOM   988  N  N   . LEU A 1 125 ? -3.886  -10.871 -6.685  1.00 36.08 ? 126 LEU A N   1 
ATOM   989  C  CA  . LEU A 1 125 ? -4.663  -11.389 -5.564  1.00 38.17 ? 126 LEU A CA  1 
ATOM   990  C  C   . LEU A 1 125 ? -5.600  -10.325 -5.012  1.00 39.02 ? 126 LEU A C   1 
ATOM   991  O  O   . LEU A 1 125 ? -6.757  -10.614 -4.688  1.00 39.88 ? 126 LEU A O   1 
ATOM   992  C  CB  . LEU A 1 125 ? -3.732  -11.907 -4.469  1.00 36.09 ? 126 LEU A CB  1 
ATOM   993  C  CG  . LEU A 1 125 ? -2.770  -13.015 -4.896  1.00 38.76 ? 126 LEU A CG  1 
ATOM   994  C  CD1 . LEU A 1 125 ? -1.906  -13.457 -3.726  1.00 39.13 ? 126 LEU A CD1 1 
ATOM   995  C  CD2 . LEU A 1 125 ? -3.549  -14.190 -5.472  1.00 44.80 ? 126 LEU A CD2 1 
ATOM   996  N  N   . LEU A 1 126 ? -5.112  -9.088  -4.899  1.00 38.04 ? 127 LEU A N   1 
ATOM   997  C  CA  . LEU A 1 126 ? -5.962  -7.981  -4.477  1.00 39.07 ? 127 LEU A CA  1 
ATOM   998  C  C   . LEU A 1 126 ? -7.174  -7.851  -5.391  1.00 38.67 ? 127 LEU A C   1 
ATOM   999  O  O   . LEU A 1 126 ? -8.311  -7.735  -4.919  1.00 36.40 ? 127 LEU A O   1 
ATOM   1000 C  CB  . LEU A 1 126 ? -5.149  -6.688  -4.479  1.00 36.95 ? 127 LEU A CB  1 
ATOM   1001 C  CG  . LEU A 1 126 ? -5.856  -5.384  -4.108  1.00 37.42 ? 127 LEU A CG  1 
ATOM   1002 C  CD1 . LEU A 1 126 ? -5.900  -5.207  -2.596  1.00 31.78 ? 127 LEU A CD1 1 
ATOM   1003 C  CD2 . LEU A 1 126 ? -5.172  -4.201  -4.786  1.00 40.05 ? 127 LEU A CD2 1 
ATOM   1004 N  N   . LEU A 1 127 ? -6.949  -7.894  -6.708  1.00 35.37 ? 128 LEU A N   1 
ATOM   1005 C  CA  . LEU A 1 127 ? -8.033  -7.713  -7.669  1.00 38.29 ? 128 LEU A CA  1 
ATOM   1006 C  C   . LEU A 1 127 ? -8.984  -8.903  -7.709  1.00 42.56 ? 128 LEU A C   1 
ATOM   1007 O  O   . LEU A 1 127 ? -10.146 -8.741  -8.098  1.00 41.24 ? 128 LEU A O   1 
ATOM   1008 C  CB  . LEU A 1 127 ? -7.467  -7.431  -9.060  1.00 39.15 ? 128 LEU A CB  1 
ATOM   1009 C  CG  . LEU A 1 127 ? -6.627  -6.154  -9.156  1.00 38.77 ? 128 LEU A CG  1 
ATOM   1010 C  CD1 . LEU A 1 127 ? -6.165  -5.917  -10.581 1.00 39.95 ? 128 LEU A CD1 1 
ATOM   1011 C  CD2 . LEU A 1 127 ? -7.420  -4.966  -8.651  1.00 41.52 ? 128 LEU A CD2 1 
ATOM   1012 N  N   . GLN A 1 128 ? -8.524  -10.081 -7.301  1.00 41.91 ? 129 GLN A N   1 
ATOM   1013 C  CA  . GLN A 1 128 ? -9.383  -11.249 -7.169  1.00 45.48 ? 129 GLN A CA  1 
ATOM   1014 C  C   . GLN A 1 128 ? -10.108 -11.274 -5.832  1.00 44.77 ? 129 GLN A C   1 
ATOM   1015 O  O   . GLN A 1 128 ? -10.810 -12.249 -5.539  1.00 49.48 ? 129 GLN A O   1 
ATOM   1016 C  CB  . GLN A 1 128 ? -8.575  -12.532 -7.384  1.00 44.84 ? 129 GLN A CB  1 
ATOM   1017 C  CG  . GLN A 1 128 ? -8.093  -12.702 -8.817  1.00 44.77 ? 129 GLN A CG  1 
ATOM   1018 C  CD  . GLN A 1 128 ? -6.911  -13.643 -8.937  1.00 46.58 ? 129 GLN A CD  1 
ATOM   1019 O  OE1 . GLN A 1 128 ? -6.652  -14.450 -8.046  1.00 50.58 ? 129 GLN A OE1 1 
ATOM   1020 N  NE2 . GLN A 1 128 ? -6.184  -13.539 -10.042 1.00 47.56 ? 129 GLN A NE2 1 
ATOM   1021 N  N   . LYS A 1 129 ? -9.932  -10.228 -5.019  1.00 41.79 ? 130 LYS A N   1 
ATOM   1022 C  CA  . LYS A 1 129 ? -10.565 -10.087 -3.710  1.00 46.36 ? 130 LYS A CA  1 
ATOM   1023 C  C   . LYS A 1 129 ? -10.084 -11.144 -2.725  1.00 45.07 ? 130 LYS A C   1 
ATOM   1024 O  O   . LYS A 1 129 ? -10.838 -11.589 -1.858  1.00 51.59 ? 130 LYS A O   1 
ATOM   1025 C  CB  . LYS A 1 129 ? -12.098 -10.043 -3.791  1.00 45.37 ? 130 LYS A CB  1 
ATOM   1026 C  CG  . LYS A 1 129 ? -12.655 -9.192  -4.937  1.00 44.80 ? 130 LYS A CG  1 
ATOM   1027 C  CD  . LYS A 1 129 ? -12.255 -7.726  -4.825  1.00 44.88 ? 130 LYS A CD  1 
ATOM   1028 C  CE  . LYS A 1 129 ? -12.878 -7.059  -3.612  1.00 44.58 ? 130 LYS A CE  1 
ATOM   1029 N  NZ  . LYS A 1 129 ? -12.578 -5.599  -3.569  1.00 45.88 ? 130 LYS A NZ  1 
ATOM   1030 N  N   . LYS A 1 130 ? -8.824  -11.543 -2.847  1.00 42.52 ? 131 LYS A N   1 
ATOM   1031 C  CA  . LYS A 1 130 ? -8.235  -12.564 -1.997  1.00 42.52 ? 131 LYS A CA  1 
ATOM   1032 C  C   . LYS A 1 130 ? -7.222  -11.931 -1.054  1.00 44.95 ? 131 LYS A C   1 
ATOM   1033 O  O   . LYS A 1 130 ? -6.440  -11.062 -1.456  1.00 44.59 ? 131 LYS A O   1 
ATOM   1034 C  CB  . LYS A 1 130 ? -7.566  -13.642 -2.851  1.00 45.62 ? 131 LYS A CB  1 
ATOM   1035 C  CG  . LYS A 1 130 ? -8.496  -14.216 -3.917  1.00 48.09 ? 131 LYS A CG  1 
ATOM   1036 C  CD  . LYS A 1 130 ? -8.226  -15.688 -4.166  1.00 53.07 ? 131 LYS A CD  1 
ATOM   1037 C  CE  . LYS A 1 130 ? -7.182  -15.898 -5.243  1.00 49.89 ? 131 LYS A CE  1 
ATOM   1038 N  NZ  . LYS A 1 130 ? -7.795  -15.832 -6.598  1.00 52.18 ? 131 LYS A NZ  1 
ATOM   1039 N  N   . LYS A 1 131 ? -7.258  -12.357 0.206   1.00 43.05 ? 132 LYS A N   1 
ATOM   1040 C  CA  . LYS A 1 131 ? -6.302  -11.903 1.206   1.00 40.25 ? 132 LYS A CA  1 
ATOM   1041 C  C   . LYS A 1 131 ? -4.983  -12.653 1.062   1.00 43.30 ? 132 LYS A C   1 
ATOM   1042 O  O   . LYS A 1 131 ? -4.937  -13.785 0.573   1.00 40.17 ? 132 LYS A O   1 
ATOM   1043 C  CB  . LYS A 1 131 ? -6.882  -12.101 2.604   1.00 40.19 ? 132 LYS A CB  1 
ATOM   1044 C  CG  . LYS A 1 131 ? -8.249  -11.458 2.762   1.00 40.18 ? 132 LYS A CG  1 
ATOM   1045 C  CD  . LYS A 1 131 ? -8.896  -11.801 4.086   1.00 43.83 ? 132 LYS A CD  1 
ATOM   1046 C  CE  . LYS A 1 131 ? -10.326 -11.280 4.140   1.00 42.22 ? 132 LYS A CE  1 
ATOM   1047 N  NZ  . LYS A 1 131 ? -10.998 -11.664 5.413   1.00 42.96 ? 132 LYS A NZ  1 
ATOM   1048 N  N   . PHE A 1 132 ? -3.897  -12.011 1.493   1.00 37.75 ? 133 PHE A N   1 
ATOM   1049 C  CA  . PHE A 1 132 ? -2.576  -12.554 1.215   1.00 37.74 ? 133 PHE A CA  1 
ATOM   1050 C  C   . PHE A 1 132 ? -1.587  -12.157 2.301   1.00 38.53 ? 133 PHE A C   1 
ATOM   1051 O  O   . PHE A 1 132 ? -1.768  -11.167 3.012   1.00 36.99 ? 133 PHE A O   1 
ATOM   1052 C  CB  . PHE A 1 132 ? -2.061  -12.097 -0.158  1.00 38.76 ? 133 PHE A CB  1 
ATOM   1053 C  CG  . PHE A 1 132 ? -1.912  -10.602 -0.291  1.00 36.37 ? 133 PHE A CG  1 
ATOM   1054 C  CD1 . PHE A 1 132 ? -0.732  -9.972  0.079   1.00 37.01 ? 133 PHE A CD1 1 
ATOM   1055 C  CD2 . PHE A 1 132 ? -2.942  -9.832  -0.802  1.00 37.84 ? 133 PHE A CD2 1 
ATOM   1056 C  CE1 . PHE A 1 132 ? -0.592  -8.600  -0.042  1.00 31.65 ? 133 PHE A CE1 1 
ATOM   1057 C  CE2 . PHE A 1 132 ? -2.806  -8.457  -0.935  1.00 35.72 ? 133 PHE A CE2 1 
ATOM   1058 C  CZ  . PHE A 1 132 ? -1.624  -7.843  -0.554  1.00 32.26 ? 133 PHE A CZ  1 
ATOM   1059 N  N   . HIS A 1 133 ? -0.537  -12.961 2.420   1.00 38.72 ? 134 HIS A N   1 
ATOM   1060 C  CA  . HIS A 1 133 ? 0.666   -12.612 3.158   1.00 39.77 ? 134 HIS A CA  1 
ATOM   1061 C  C   . HIS A 1 133 ? 1.824   -12.672 2.177   1.00 39.02 ? 134 HIS A C   1 
ATOM   1062 O  O   . HIS A 1 133 ? 1.921   -13.612 1.385   1.00 39.47 ? 134 HIS A O   1 
ATOM   1063 C  CB  . HIS A 1 133 ? 0.945   -13.615 4.280   1.00 40.98 ? 134 HIS A CB  1 
ATOM   1064 C  CG  . HIS A 1 133 ? 0.072   -13.449 5.485   1.00 45.86 ? 134 HIS A CG  1 
ATOM   1065 N  ND1 . HIS A 1 133 ? -0.809  -12.399 5.634   1.00 43.89 ? 134 HIS A ND1 1 
ATOM   1066 C  CD2 . HIS A 1 133 ? -0.052  -14.204 6.603   1.00 45.12 ? 134 HIS A CD2 1 
ATOM   1067 C  CE1 . HIS A 1 133 ? -1.439  -12.515 6.790   1.00 42.92 ? 134 HIS A CE1 1 
ATOM   1068 N  NE2 . HIS A 1 133 ? -0.998  -13.601 7.397   1.00 46.99 ? 134 HIS A NE2 1 
ATOM   1069 N  N   . GLY A 1 134 ? 2.728   -11.703 2.254   1.00 35.76 ? 135 GLY A N   1 
ATOM   1070 C  CA  . GLY A 1 134 ? 3.816   -11.674 1.299   1.00 36.57 ? 135 GLY A CA  1 
ATOM   1071 C  C   . GLY A 1 134 ? 5.083   -11.102 1.891   1.00 37.30 ? 135 GLY A C   1 
ATOM   1072 O  O   . GLY A 1 134 ? 5.069   -10.349 2.872   1.00 36.78 ? 135 GLY A O   1 
ATOM   1073 N  N   . TYR A 1 135 ? 6.192   -11.483 1.267   1.00 34.79 ? 136 TYR A N   1 
ATOM   1074 C  CA  . TYR A 1 135 ? 7.520   -11.118 1.720   1.00 32.25 ? 136 TYR A CA  1 
ATOM   1075 C  C   . TYR A 1 135 ? 8.359   -10.888 0.479   1.00 36.35 ? 136 TYR A C   1 
ATOM   1076 O  O   . TYR A 1 135 ? 8.322   -11.700 -0.450  1.00 33.99 ? 136 TYR A O   1 
ATOM   1077 C  CB  . TYR A 1 135 ? 8.118   -12.248 2.572   1.00 37.37 ? 136 TYR A CB  1 
ATOM   1078 C  CG  . TYR A 1 135 ? 9.618   -12.178 2.724   1.00 37.77 ? 136 TYR A CG  1 
ATOM   1079 C  CD1 . TYR A 1 135 ? 10.199  -11.389 3.704   1.00 38.04 ? 136 TYR A CD1 1 
ATOM   1080 C  CD2 . TYR A 1 135 ? 10.454  -12.911 1.890   1.00 42.58 ? 136 TYR A CD2 1 
ATOM   1081 C  CE1 . TYR A 1 135 ? 11.568  -11.323 3.845   1.00 41.94 ? 136 TYR A CE1 1 
ATOM   1082 C  CE2 . TYR A 1 135 ? 11.826  -12.849 2.021   1.00 42.35 ? 136 TYR A CE2 1 
ATOM   1083 C  CZ  . TYR A 1 135 ? 12.378  -12.053 3.001   1.00 42.15 ? 136 TYR A CZ  1 
ATOM   1084 O  OH  . TYR A 1 135 ? 13.744  -11.987 3.139   1.00 45.64 ? 136 TYR A OH  1 
ATOM   1085 N  N   . PHE A 1 136 ? 9.113   -9.795  0.459   1.00 36.04 ? 137 PHE A N   1 
ATOM   1086 C  CA  . PHE A 1 136 ? 9.957   -9.479  -0.688  1.00 36.66 ? 137 PHE A CA  1 
ATOM   1087 C  C   . PHE A 1 136 ? 11.315  -9.027  -0.178  1.00 39.20 ? 137 PHE A C   1 
ATOM   1088 O  O   . PHE A 1 136 ? 11.399  -8.112  0.647   1.00 36.80 ? 137 PHE A O   1 
ATOM   1089 C  CB  . PHE A 1 136 ? 9.317   -8.405  -1.573  1.00 34.66 ? 137 PHE A CB  1 
ATOM   1090 C  CG  . PHE A 1 136 ? 7.962   -8.787  -2.104  1.00 33.84 ? 137 PHE A CG  1 
ATOM   1091 C  CD1 . PHE A 1 136 ? 6.823   -8.605  -1.330  1.00 33.66 ? 137 PHE A CD1 1 
ATOM   1092 C  CD2 . PHE A 1 136 ? 7.827   -9.335  -3.367  1.00 34.81 ? 137 PHE A CD2 1 
ATOM   1093 C  CE1 . PHE A 1 136 ? 5.578   -8.962  -1.807  1.00 30.77 ? 137 PHE A CE1 1 
ATOM   1094 C  CE2 . PHE A 1 136 ? 6.581   -9.692  -3.857  1.00 35.50 ? 137 PHE A CE2 1 
ATOM   1095 C  CZ  . PHE A 1 136 ? 5.454   -9.504  -3.076  1.00 33.97 ? 137 PHE A CZ  1 
ATOM   1096 N  N   . LYS A 1 137 ? 12.364  -9.684  -0.660  1.00 39.00 ? 138 LYS A N   1 
ATOM   1097 C  CA  . LYS A 1 137 ? 13.742  -9.330  -0.350  1.00 38.63 ? 138 LYS A CA  1 
ATOM   1098 C  C   . LYS A 1 137 ? 14.264  -8.489  -1.507  1.00 38.73 ? 138 LYS A C   1 
ATOM   1099 O  O   . LYS A 1 137 ? 14.356  -8.976  -2.637  1.00 40.74 ? 138 LYS A O   1 
ATOM   1100 C  CB  . LYS A 1 137 ? 14.569  -10.607 -0.196  1.00 37.60 ? 138 LYS A CB  1 
ATOM   1101 C  CG  . LYS A 1 137 ? 15.880  -10.469 0.560   1.00 46.76 ? 138 LYS A CG  1 
ATOM   1102 C  CD  . LYS A 1 137 ? 16.603  -11.818 0.605   1.00 46.91 ? 138 LYS A CD  1 
ATOM   1103 C  CE  . LYS A 1 137 ? 17.660  -11.872 1.698   1.00 52.23 ? 138 LYS A CE  1 
ATOM   1104 N  NZ  . LYS A 1 137 ? 18.698  -10.820 1.527   1.00 54.32 ? 138 LYS A NZ  1 
ATOM   1105 N  N   . PHE A 1 138 ? 14.603  -7.235  -1.226  1.00 41.63 ? 139 PHE A N   1 
ATOM   1106 C  CA  . PHE A 1 138 ? 14.950  -6.260  -2.249  1.00 40.18 ? 139 PHE A CA  1 
ATOM   1107 C  C   . PHE A 1 138 ? 16.456  -6.030  -2.288  1.00 45.29 ? 139 PHE A C   1 
ATOM   1108 O  O   . PHE A 1 138 ? 17.145  -6.131  -1.271  1.00 45.92 ? 139 PHE A O   1 
ATOM   1109 C  CB  . PHE A 1 138 ? 14.261  -4.921  -1.969  1.00 42.18 ? 139 PHE A CB  1 
ATOM   1110 C  CG  . PHE A 1 138 ? 12.878  -4.805  -2.556  1.00 43.68 ? 139 PHE A CG  1 
ATOM   1111 C  CD1 . PHE A 1 138 ? 11.780  -5.317  -1.886  1.00 43.05 ? 139 PHE A CD1 1 
ATOM   1112 C  CD2 . PHE A 1 138 ? 12.679  -4.171  -3.772  1.00 42.52 ? 139 PHE A CD2 1 
ATOM   1113 C  CE1 . PHE A 1 138 ? 10.506  -5.205  -2.426  1.00 38.13 ? 139 PHE A CE1 1 
ATOM   1114 C  CE2 . PHE A 1 138 ? 11.409  -4.056  -4.315  1.00 43.38 ? 139 PHE A CE2 1 
ATOM   1115 C  CZ  . PHE A 1 138 ? 10.322  -4.576  -3.640  1.00 37.55 ? 139 PHE A CZ  1 
ATOM   1116 N  N   . GLN A 1 139 ? 16.963  -5.752  -3.485  1.00 45.79 ? 140 GLN A N   1 
ATOM   1117 C  CA  . GLN A 1 139 ? 18.289  -5.172  -3.666  1.00 46.88 ? 140 GLN A CA  1 
ATOM   1118 C  C   . GLN A 1 139 ? 18.078  -3.847  -4.381  1.00 44.80 ? 140 GLN A C   1 
ATOM   1119 O  O   . GLN A 1 139 ? 17.716  -3.828  -5.562  1.00 49.43 ? 140 GLN A O   1 
ATOM   1120 C  CB  . GLN A 1 139 ? 19.182  -6.103  -4.486  1.00 46.26 ? 140 GLN A CB  1 
ATOM   1121 C  CG  . GLN A 1 139 ? 20.602  -5.594  -4.672  1.00 50.93 ? 140 GLN A CG  1 
ATOM   1122 C  CD  . GLN A 1 139 ? 21.484  -6.584  -5.409  1.00 53.41 ? 140 GLN A CD  1 
ATOM   1123 O  OE1 . GLN A 1 139 ? 21.953  -7.567  -4.831  1.00 59.42 ? 140 GLN A OE1 1 
ATOM   1124 N  NE2 . GLN A 1 139 ? 21.714  -6.330  -6.693  1.00 50.91 ? 140 GLN A NE2 1 
ATOM   1125 N  N   . GLY A 1 140 ? 18.314  -2.744  -3.680  1.00 42.02 ? 141 GLY A N   1 
ATOM   1126 C  CA  . GLY A 1 140 ? 17.944  -1.487  -4.294  1.00 44.69 ? 141 GLY A CA  1 
ATOM   1127 C  C   . GLY A 1 140 ? 16.430  -1.348  -4.470  1.00 47.51 ? 141 GLY A C   1 
ATOM   1128 O  O   . GLY A 1 140 ? 15.625  -2.094  -3.918  1.00 44.42 ? 141 GLY A O   1 
ATOM   1129 N  N   . GLN A 1 141 ? 16.063  -0.325  -5.242  1.00 46.61 ? 142 GLN A N   1 
ATOM   1130 C  CA  . GLN A 1 141 ? 14.653  -0.049  -5.502  1.00 47.73 ? 142 GLN A CA  1 
ATOM   1131 C  C   . GLN A 1 141 ? 14.057  -0.902  -6.622  1.00 48.49 ? 142 GLN A C   1 
ATOM   1132 O  O   . GLN A 1 141 ? 12.848  -1.167  -6.612  1.00 47.63 ? 142 GLN A O   1 
ATOM   1133 C  CB  . GLN A 1 141 ? 14.448  1.445   -5.748  1.00 43.64 ? 142 GLN A CB  1 
ATOM   1134 C  CG  . GLN A 1 141 ? 14.706  2.287   -4.506  1.00 48.05 ? 142 GLN A CG  1 
ATOM   1135 C  CD  . GLN A 1 141 ? 14.864  3.767   -4.804  1.00 49.98 ? 142 GLN A CD  1 
ATOM   1136 O  OE1 . GLN A 1 141 ? 15.771  4.418   -4.284  1.00 54.07 ? 142 GLN A OE1 1 
ATOM   1137 N  NE2 . GLN A 1 141 ? 13.979  4.307   -5.637  1.00 49.29 ? 142 GLN A NE2 1 
ATOM   1138 N  N   . ASP A 1 142 ? 14.856  -1.295  -7.615  1.00 45.38 ? 143 ASP A N   1 
ATOM   1139 C  CA  . ASP A 1 142 ? 14.336  -1.934  -8.820  1.00 44.47 ? 143 ASP A CA  1 
ATOM   1140 C  C   . ASP A 1 142 ? 14.410  -3.459  -8.828  1.00 48.58 ? 143 ASP A C   1 
ATOM   1141 O  O   . ASP A 1 142 ? 13.913  -4.075  -9.776  1.00 48.85 ? 143 ASP A O   1 
ATOM   1142 C  CB  . ASP A 1 142 ? 15.064  -1.392  -10.055 1.00 49.50 ? 143 ASP A CB  1 
ATOM   1143 C  CG  . ASP A 1 142 ? 14.853  0.091   -10.251 1.00 50.78 ? 143 ASP A CG  1 
ATOM   1144 O  OD1 . ASP A 1 142 ? 13.728  0.570   -9.992  1.00 48.62 ? 143 ASP A OD1 1 
ATOM   1145 O  OD2 . ASP A 1 142 ? 15.812  0.779   -10.664 1.00 55.64 ? 143 ASP A OD2 1 
ATOM   1146 N  N   . THR A 1 143 ? 14.995  -4.094  -7.816  1.00 45.25 ? 144 THR A N   1 
ATOM   1147 C  CA  . THR A 1 143 ? 15.362  -5.504  -7.926  1.00 45.36 ? 144 THR A CA  1 
ATOM   1148 C  C   . THR A 1 143 ? 14.843  -6.291  -6.734  1.00 42.88 ? 144 THR A C   1 
ATOM   1149 O  O   . THR A 1 143 ? 15.157  -5.962  -5.585  1.00 41.46 ? 144 THR A O   1 
ATOM   1150 C  CB  . THR A 1 143 ? 16.880  -5.665  -8.061  1.00 44.08 ? 144 THR A CB  1 
ATOM   1151 O  OG1 . THR A 1 143 ? 17.335  -4.945  -9.211  1.00 48.82 ? 144 THR A OG1 1 
ATOM   1152 C  CG2 . THR A 1 143 ? 17.247  -7.127  -8.224  1.00 44.29 ? 144 THR A CG2 1 
ATOM   1153 N  N   . ILE A 1 144 ? 14.063  -7.332  -7.012  1.00 40.08 ? 145 ILE A N   1 
ATOM   1154 C  CA  . ILE A 1 144 ? 13.601  -8.287  -6.011  1.00 40.59 ? 145 ILE A CA  1 
ATOM   1155 C  C   . ILE A 1 144 ? 14.509  -9.508  -6.080  1.00 42.81 ? 145 ILE A C   1 
ATOM   1156 O  O   . ILE A 1 144 ? 14.638  -10.130 -7.141  1.00 40.55 ? 145 ILE A O   1 
ATOM   1157 C  CB  . ILE A 1 144 ? 12.140  -8.689  -6.267  1.00 42.19 ? 145 ILE A CB  1 
ATOM   1158 C  CG1 . ILE A 1 144 ? 11.201  -7.509  -6.004  1.00 40.86 ? 145 ILE A CG1 1 
ATOM   1159 C  CG2 . ILE A 1 144 ? 11.757  -9.891  -5.416  1.00 39.14 ? 145 ILE A CG2 1 
ATOM   1160 C  CD1 . ILE A 1 144 ? 9.790   -7.752  -6.495  1.00 41.00 ? 145 ILE A CD1 1 
ATOM   1161 N  N   . LEU A 1 145 ? 15.152  -9.851  -4.958  1.00 41.46 ? 146 LEU A N   1 
ATOM   1162 C  CA  . LEU A 1 145 ? 16.020  -11.027 -4.931  1.00 43.02 ? 146 LEU A CA  1 
ATOM   1163 C  C   . LEU A 1 145 ? 15.233  -12.324 -4.757  1.00 44.54 ? 146 LEU A C   1 
ATOM   1164 O  O   . LEU A 1 145 ? 15.519  -13.322 -5.428  1.00 46.24 ? 146 LEU A O   1 
ATOM   1165 C  CB  . LEU A 1 145 ? 17.075  -10.879 -3.833  1.00 47.09 ? 146 LEU A CB  1 
ATOM   1166 C  CG  . LEU A 1 145 ? 18.093  -9.754  -4.029  1.00 47.90 ? 146 LEU A CG  1 
ATOM   1167 C  CD1 . LEU A 1 145 ? 18.919  -9.544  -2.770  1.00 46.60 ? 146 LEU A CD1 1 
ATOM   1168 C  CD2 . LEU A 1 145 ? 18.999  -10.050 -5.220  1.00 48.92 ? 146 LEU A CD2 1 
ATOM   1169 N  N   . ASP A 1 146 ? 14.252  -12.333 -3.858  1.00 39.76 ? 147 ASP A N   1 
ATOM   1170 C  CA  . ASP A 1 146 ? 13.413  -13.502 -3.634  1.00 40.38 ? 147 ASP A CA  1 
ATOM   1171 C  C   . ASP A 1 146 ? 12.108  -13.033 -3.010  1.00 39.14 ? 147 ASP A C   1 
ATOM   1172 O  O   . ASP A 1 146 ? 12.008  -11.906 -2.520  1.00 38.04 ? 147 ASP A O   1 
ATOM   1173 C  CB  . ASP A 1 146 ? 14.099  -14.540 -2.742  1.00 44.38 ? 147 ASP A CB  1 
ATOM   1174 C  CG  . ASP A 1 146 ? 13.381  -15.875 -2.751  1.00 48.16 ? 147 ASP A CG  1 
ATOM   1175 O  OD1 . ASP A 1 146 ? 12.837  -16.244 -3.814  1.00 46.62 ? 147 ASP A OD1 1 
ATOM   1176 O  OD2 . ASP A 1 146 ? 13.349  -16.550 -1.699  1.00 49.68 ? 147 ASP A OD2 1 
ATOM   1177 N  N   . TYR A 1 147 ? 11.100  -13.899 -3.052  1.00 39.96 ? 148 TYR A N   1 
ATOM   1178 C  CA  . TYR A 1 147 ? 9.807   -13.519 -2.502  1.00 39.89 ? 148 TYR A CA  1 
ATOM   1179 C  C   . TYR A 1 147 ? 9.037   -14.757 -2.084  1.00 39.01 ? 148 TYR A C   1 
ATOM   1180 O  O   . TYR A 1 147 ? 9.253   -15.856 -2.597  1.00 39.56 ? 148 TYR A O   1 
ATOM   1181 C  CB  . TYR A 1 147 ? 8.978   -12.736 -3.526  1.00 35.90 ? 148 TYR A CB  1 
ATOM   1182 C  CG  . TYR A 1 147 ? 8.391   -13.617 -4.600  1.00 37.88 ? 148 TYR A CG  1 
ATOM   1183 C  CD1 . TYR A 1 147 ? 9.154   -14.022 -5.685  1.00 38.34 ? 148 TYR A CD1 1 
ATOM   1184 C  CD2 . TYR A 1 147 ? 7.073   -14.056 -4.523  1.00 38.14 ? 148 TYR A CD2 1 
ATOM   1185 C  CE1 . TYR A 1 147 ? 8.624   -14.834 -6.668  1.00 40.87 ? 148 TYR A CE1 1 
ATOM   1186 C  CE2 . TYR A 1 147 ? 6.535   -14.866 -5.500  1.00 36.27 ? 148 TYR A CE2 1 
ATOM   1187 C  CZ  . TYR A 1 147 ? 7.315   -15.254 -6.571  1.00 42.25 ? 148 TYR A CZ  1 
ATOM   1188 O  OH  . TYR A 1 147 ? 6.786   -16.063 -7.551  1.00 45.42 ? 148 TYR A OH  1 
ATOM   1189 N  N   . THR A 1 148 ? 8.103   -14.554 -1.161  1.00 37.44 ? 149 THR A N   1 
ATOM   1190 C  CA  . THR A 1 148 ? 7.098   -15.551 -0.836  1.00 38.34 ? 149 THR A CA  1 
ATOM   1191 C  C   . THR A 1 148 ? 5.750   -14.852 -0.813  1.00 40.43 ? 149 THR A C   1 
ATOM   1192 O  O   . THR A 1 148 ? 5.610   -13.782 -0.212  1.00 39.59 ? 149 THR A O   1 
ATOM   1193 C  CB  . THR A 1 148 ? 7.380   -16.211 0.517   1.00 40.56 ? 149 THR A CB  1 
ATOM   1194 O  OG1 . THR A 1 148 ? 8.634   -16.901 0.453   1.00 42.10 ? 149 THR A OG1 1 
ATOM   1195 C  CG2 . THR A 1 148 ? 6.288   -17.210 0.855   1.00 43.64 ? 149 THR A CG2 1 
ATOM   1196 N  N   . LEU A 1 149 ? 4.773   -15.438 -1.493  1.00 39.09 ? 150 LEU A N   1 
ATOM   1197 C  CA  . LEU A 1 149 ? 3.430   -14.884 -1.520  1.00 35.95 ? 150 LEU A CA  1 
ATOM   1198 C  C   . LEU A 1 149 ? 2.445   -16.031 -1.395  1.00 42.14 ? 150 LEU A C   1 
ATOM   1199 O  O   . LEU A 1 149 ? 2.512   -16.996 -2.161  1.00 43.49 ? 150 LEU A O   1 
ATOM   1200 C  CB  . LEU A 1 149 ? 3.181   -14.117 -2.821  1.00 38.00 ? 150 LEU A CB  1 
ATOM   1201 C  CG  . LEU A 1 149 ? 1.819   -13.439 -2.977  1.00 38.90 ? 150 LEU A CG  1 
ATOM   1202 C  CD1 . LEU A 1 149 ? 1.532   -12.517 -1.796  1.00 39.57 ? 150 LEU A CD1 1 
ATOM   1203 C  CD2 . LEU A 1 149 ? 1.774   -12.668 -4.283  1.00 39.37 ? 150 LEU A CD2 1 
ATOM   1204 N  N   . ARG A 1 150 ? 1.539   -15.924 -0.431  1.00 37.99 ? 151 ARG A N   1 
ATOM   1205 C  CA  . ARG A 1 150 ? 0.544   -16.957 -0.199  1.00 45.45 ? 151 ARG A CA  1 
ATOM   1206 C  C   . ARG A 1 150 ? -0.813  -16.308 0.012   1.00 46.49 ? 151 ARG A C   1 
ATOM   1207 O  O   . ARG A 1 150 ? -0.913  -15.248 0.638   1.00 44.13 ? 151 ARG A O   1 
ATOM   1208 C  CB  . ARG A 1 150 ? 0.899   -17.825 1.016   1.00 43.00 ? 151 ARG A CB  1 
ATOM   1209 C  CG  . ARG A 1 150 ? 1.002   -17.073 2.332   1.00 49.75 ? 151 ARG A CG  1 
ATOM   1210 C  CD  . ARG A 1 150 ? 1.280   -18.023 3.499   1.00 52.04 ? 151 ARG A CD  1 
ATOM   1211 N  NE  . ARG A 1 150 ? 1.334   -17.321 4.782   1.00 54.11 ? 151 ARG A NE  1 
ATOM   1212 N  N   . GLU A 1 151 ? -1.848  -16.941 -0.533  1.00 43.31 ? 152 GLU A N   1 
ATOM   1213 C  CA  . GLU A 1 151 ? -3.211  -16.544 -0.228  1.00 45.01 ? 152 GLU A CA  1 
ATOM   1214 C  C   . GLU A 1 151 ? -3.577  -17.058 1.156   1.00 47.05 ? 152 GLU A C   1 
ATOM   1215 O  O   . GLU A 1 151 ? -3.252  -18.193 1.518   1.00 50.08 ? 152 GLU A O   1 
ATOM   1216 C  CB  . GLU A 1 151 ? -4.183  -17.117 -1.261  1.00 47.77 ? 152 GLU A CB  1 
ATOM   1217 C  CG  . GLU A 1 151 ? -5.644  -16.988 -0.847  1.00 47.51 ? 152 GLU A CG  1 
ATOM   1218 C  CD  . GLU A 1 151 ? -6.616  -17.546 -1.871  1.00 52.45 ? 152 GLU A CD  1 
ATOM   1219 O  OE1 . GLU A 1 151 ? -6.179  -17.959 -2.967  1.00 54.53 ? 152 GLU A OE1 1 
ATOM   1220 O  OE2 . GLU A 1 151 ? -7.831  -17.558 -1.575  1.00 56.39 ? 152 GLU A OE2 1 
ATOM   1221 N  N   . VAL A 1 152 ? -4.243  -16.216 1.937   1.00 42.55 ? 153 VAL A N   1 
ATOM   1222 C  CA  . VAL A 1 152 ? -4.648  -16.575 3.288   1.00 41.87 ? 153 VAL A CA  1 
ATOM   1223 C  C   . VAL A 1 152 ? -6.157  -16.429 3.408   1.00 41.90 ? 153 VAL A C   1 
ATOM   1224 O  O   . VAL A 1 152 ? -6.792  -15.653 2.687   1.00 42.92 ? 153 VAL A O   1 
ATOM   1225 C  CB  . VAL A 1 152 ? -3.920  -15.743 4.368   1.00 45.96 ? 153 VAL A CB  1 
ATOM   1226 C  CG1 . VAL A 1 152 ? -2.414  -15.974 4.290   1.00 44.00 ? 153 VAL A CG1 1 
ATOM   1227 C  CG2 . VAL A 1 152 ? -4.255  -14.266 4.219   1.00 40.06 ? 153 VAL A CG2 1 
ATOM   1228 N  N   . ASP A 1 153 ? -6.732  -17.206 4.326   1.00 47.00 ? 154 ASP A N   1 
ATOM   1229 C  CA  . ASP A 1 153 ? -8.163  -17.132 4.590   1.00 48.09 ? 154 ASP A CA  1 
ATOM   1230 C  C   . ASP A 1 153 ? -8.511  -15.888 5.399   1.00 46.23 ? 154 ASP A C   1 
ATOM   1231 O  O   . ASP A 1 153 ? -9.515  -15.220 5.123   1.00 48.17 ? 154 ASP A O   1 
ATOM   1232 C  CB  . ASP A 1 153 ? -8.603  -18.401 5.324   1.00 50.90 ? 154 ASP A CB  1 
ATOM   1233 C  CG  . ASP A 1 153 ? -10.051 -18.358 5.744   1.00 55.01 ? 154 ASP A CG  1 
ATOM   1234 O  OD1 . ASP A 1 153 ? -10.922 -18.732 4.927   1.00 59.10 ? 154 ASP A OD1 1 
ATOM   1235 O  OD2 . ASP A 1 153 ? -10.318 -17.960 6.898   1.00 60.35 ? 154 ASP A OD2 1 
ATOM   1236 N  N   . THR A 1 154 ? -7.690  -15.565 6.394   1.00 46.83 ? 155 THR A N   1 
ATOM   1237 C  CA  . THR A 1 154 ? -7.864  -14.384 7.224   1.00 42.29 ? 155 THR A CA  1 
ATOM   1238 C  C   . THR A 1 154 ? -6.496  -13.754 7.447   1.00 41.44 ? 155 THR A C   1 
ATOM   1239 O  O   . THR A 1 154 ? -5.491  -14.460 7.555   1.00 41.29 ? 155 THR A O   1 
ATOM   1240 C  CB  . THR A 1 154 ? -8.512  -14.758 8.566   1.00 49.02 ? 155 THR A CB  1 
ATOM   1241 O  OG1 . THR A 1 154 ? -8.462  -13.642 9.467   1.00 50.43 ? 155 THR A OG1 1 
ATOM   1242 C  CG2 . THR A 1 154 ? -7.802  -15.954 9.192   1.00 51.88 ? 155 THR A CG2 1 
ATOM   1243 N  N   . VAL A 1 155 ? -6.456  -12.427 7.490   1.00 40.42 ? 156 VAL A N   1 
ATOM   1244 C  CA  . VAL A 1 155 ? -5.197  -11.718 7.683   1.00 40.51 ? 156 VAL A CA  1 
ATOM   1245 C  C   . VAL A 1 155 ? -4.787  -11.846 9.144   1.00 40.49 ? 156 VAL A C   1 
ATOM   1246 O  O   . VAL A 1 155 ? -5.554  -11.497 10.049  1.00 43.91 ? 156 VAL A O   1 
ATOM   1247 C  CB  . VAL A 1 155 ? -5.318  -10.247 7.259   1.00 38.94 ? 156 VAL A CB  1 
ATOM   1248 C  CG1 . VAL A 1 155 ? -4.059  -9.487  7.625   1.00 41.10 ? 156 VAL A CG1 1 
ATOM   1249 C  CG2 . VAL A 1 155 ? -5.567  -10.151 5.762   1.00 41.95 ? 156 VAL A CG2 1 
ATOM   1250 N  N   . LEU A 1 156 ? -3.583  -12.358 9.376   1.00 39.86 ? 157 LEU A N   1 
ATOM   1251 C  CA  . LEU A 1 156 ? -3.109  -12.583 10.733  1.00 44.05 ? 157 LEU A CA  1 
ATOM   1252 C  C   . LEU A 1 156 ? -2.929  -11.256 11.463  1.00 40.73 ? 157 LEU A C   1 
ATOM   1253 O  O   . LEU A 1 156 ? -2.439  -10.277 10.896  1.00 40.30 ? 157 LEU A O   1 
ATOM   1254 C  CB  . LEU A 1 156 ? -1.790  -13.360 10.703  1.00 45.17 ? 157 LEU A CB  1 
ATOM   1255 C  CG  . LEU A 1 156 ? -1.853  -14.897 10.653  1.00 49.96 ? 157 LEU A CG  1 
ATOM   1256 C  CD1 . LEU A 1 156 ? -2.423  -15.461 11.956  1.00 50.36 ? 157 LEU A CD1 1 
ATOM   1257 C  CD2 . LEU A 1 156 ? -2.640  -15.427 9.448   1.00 49.32 ? 157 LEU A CD2 1 
ATOM   1258 N  N   . GLU A 1 157 ? -3.348  -11.226 12.723  1.00 44.53 ? 158 GLU A N   1 
ATOM   1259 C  CA  . GLU A 1 157 ? -3.303  -10.021 13.543  1.00 38.73 ? 158 GLU A CA  1 
ATOM   1260 C  C   . GLU A 1 157 ? -1.973  -9.979  14.290  1.00 36.34 ? 158 GLU A C   1 
ATOM   1261 O  O   . GLU A 1 157 ? -1.548  -10.987 14.860  1.00 35.26 ? 158 GLU A O   1 
ATOM   1262 C  CB  . GLU A 1 157 ? -4.490  -10.046 14.509  1.00 39.93 ? 158 GLU A CB  1 
ATOM   1263 C  CG  . GLU A 1 157 ? -4.465  -9.055  15.664  1.00 41.82 ? 158 GLU A CG  1 
ATOM   1264 C  CD  . GLU A 1 157 ? -4.519  -7.601  15.229  1.00 45.74 ? 158 GLU A CD  1 
ATOM   1265 O  OE1 . GLU A 1 157 ? -3.763  -6.798  15.815  1.00 38.15 ? 158 GLU A OE1 1 
ATOM   1266 O  OE2 . GLU A 1 157 ? -5.315  -7.261  14.321  1.00 42.65 ? 158 GLU A OE2 1 
ATOM   1267 N  N   . HIS A 1 158 ? -1.291  -8.829  14.239  1.00 32.63 ? 159 HIS A N   1 
ATOM   1268 C  CA  . HIS A 1 158 ? 0.025   -8.680  14.859  1.00 30.20 ? 159 HIS A CA  1 
ATOM   1269 C  C   . HIS A 1 158 ? -0.020  -8.196  16.306  1.00 29.09 ? 159 HIS A C   1 
ATOM   1270 O  O   . HIS A 1 158 ? 1.002   -8.270  16.998  1.00 27.09 ? 159 HIS A O   1 
ATOM   1271 C  CB  . HIS A 1 158 ? 0.885   -7.697  14.048  1.00 31.47 ? 159 HIS A CB  1 
ATOM   1272 C  CG  . HIS A 1 158 ? 1.348   -8.228  12.724  1.00 30.74 ? 159 HIS A CG  1 
ATOM   1273 N  ND1 . HIS A 1 158 ? 1.998   -7.442  11.796  1.00 32.05 ? 159 HIS A ND1 1 
ATOM   1274 C  CD2 . HIS A 1 158 ? 1.266   -9.466  12.178  1.00 33.36 ? 159 HIS A CD2 1 
ATOM   1275 C  CE1 . HIS A 1 158 ? 2.292   -8.170  10.732  1.00 30.72 ? 159 HIS A CE1 1 
ATOM   1276 N  NE2 . HIS A 1 158 ? 1.857   -9.402  10.936  1.00 32.35 ? 159 HIS A NE2 1 
ATOM   1277 N  N   . HIS A 1 159 ? -1.166  -7.709  16.777  1.00 29.80 ? 160 HIS A N   1 
ATOM   1278 C  CA  . HIS A 1 159 ? -1.324  -7.221  18.149  1.00 30.41 ? 160 HIS A CA  1 
ATOM   1279 C  C   . HIS A 1 159 ? -0.270  -6.175  18.526  1.00 32.13 ? 160 HIS A C   1 
ATOM   1280 O  O   . HIS A 1 159 ? 0.401   -6.276  19.554  1.00 29.67 ? 160 HIS A O   1 
ATOM   1281 C  CB  . HIS A 1 159 ? -1.369  -8.382  19.153  1.00 31.62 ? 160 HIS A CB  1 
ATOM   1282 C  CG  . HIS A 1 159 ? -2.419  -9.404  18.839  1.00 34.02 ? 160 HIS A CG  1 
ATOM   1283 N  ND1 . HIS A 1 159 ? -2.144  -10.565 18.145  1.00 36.64 ? 160 HIS A ND1 1 
ATOM   1284 C  CD2 . HIS A 1 159 ? -3.746  -9.428  19.098  1.00 30.28 ? 160 HIS A CD2 1 
ATOM   1285 C  CE1 . HIS A 1 159 ? -3.258  -11.260 17.994  1.00 33.18 ? 160 HIS A CE1 1 
ATOM   1286 N  NE2 . HIS A 1 159 ? -4.244  -10.593 18.563  1.00 34.85 ? 160 HIS A NE2 1 
ATOM   1287 N  N   . HIS A 1 160 ? -0.137  -5.137  17.702  1.00 30.29 ? 161 HIS A N   1 
ATOM   1288 C  CA  . HIS A 1 160 ? 0.763   -4.055  18.074  1.00 32.59 ? 161 HIS A CA  1 
ATOM   1289 C  C   . HIS A 1 160 ? 0.078   -3.247  19.169  1.00 38.08 ? 161 HIS A C   1 
ATOM   1290 O  O   . HIS A 1 160 ? -0.980  -2.653  18.935  1.00 42.37 ? 161 HIS A O   1 
ATOM   1291 C  CB  . HIS A 1 160 ? 1.020   -3.148  16.872  1.00 29.79 ? 161 HIS A CB  1 
ATOM   1292 C  CG  . HIS A 1 160 ? 1.703   -3.822  15.723  1.00 30.33 ? 161 HIS A CG  1 
ATOM   1293 N  ND1 . HIS A 1 160 ? 3.056   -4.088  15.712  1.00 30.35 ? 161 HIS A ND1 1 
ATOM   1294 C  CD2 . HIS A 1 160 ? 1.224   -4.263  14.536  1.00 31.47 ? 161 HIS A CD2 1 
ATOM   1295 C  CE1 . HIS A 1 160 ? 3.377   -4.676  14.573  1.00 27.75 ? 161 HIS A CE1 1 
ATOM   1296 N  NE2 . HIS A 1 160 ? 2.284   -4.791  13.840  1.00 26.64 ? 161 HIS A NE2 1 
ATOM   1297 N  N   . HIS A 1 161 ? 0.688   -3.190  20.349  1.00 36.09 ? 162 HIS A N   1 
ATOM   1298 C  CA  . HIS A 1 161 ? 0.043   -2.531  21.479  1.00 40.98 ? 162 HIS A CA  1 
ATOM   1299 C  C   . HIS A 1 161 ? 0.493   -1.091  21.690  1.00 38.37 ? 162 HIS A C   1 
ATOM   1300 O  O   . HIS A 1 161 ? -0.014  -0.423  22.598  1.00 38.19 ? 162 HIS A O   1 
ATOM   1301 C  CB  . HIS A 1 161 ? 0.140   -3.369  22.761  1.00 40.94 ? 162 HIS A CB  1 
ATOM   1302 C  CG  . HIS A 1 161 ? 1.511   -3.439  23.350  1.00 38.78 ? 162 HIS A CG  1 
ATOM   1303 N  ND1 . HIS A 1 161 ? 2.291   -4.572  23.288  1.00 39.41 ? 162 HIS A ND1 1 
ATOM   1304 C  CD2 . HIS A 1 161 ? 2.232   -2.523  24.038  1.00 37.58 ? 162 HIS A CD2 1 
ATOM   1305 C  CE1 . HIS A 1 161 ? 3.439   -4.346  23.899  1.00 37.37 ? 162 HIS A CE1 1 
ATOM   1306 N  NE2 . HIS A 1 161 ? 3.428   -3.111  24.363  1.00 36.73 ? 162 HIS A NE2 1 
ATOM   1307 N  N   . HIS A 1 162 ? 1.426   -0.599  20.885  1.00 32.71 ? 163 HIS A N   1 
ATOM   1308 C  CA  . HIS A 1 162 ? 1.685   0.830   20.803  1.00 32.78 ? 163 HIS A CA  1 
ATOM   1309 C  C   . HIS A 1 162 ? 0.962   1.486   19.636  1.00 36.10 ? 163 HIS A C   1 
ATOM   1310 O  O   . HIS A 1 162 ? 1.122   2.690   19.418  1.00 32.29 ? 163 HIS A O   1 
ATOM   1311 C  CB  . HIS A 1 162 ? 3.193   1.103   20.744  1.00 31.07 ? 163 HIS A CB  1 
ATOM   1312 C  CG  . HIS A 1 162 ? 3.932   0.606   21.945  1.00 36.04 ? 163 HIS A CG  1 
ATOM   1313 N  ND1 . HIS A 1 162 ? 4.322   1.435   22.976  1.00 37.57 ? 163 HIS A ND1 1 
ATOM   1314 C  CD2 . HIS A 1 162 ? 4.328   -0.640  22.296  1.00 34.06 ? 163 HIS A CD2 1 
ATOM   1315 C  CE1 . HIS A 1 162 ? 4.937   0.722   23.902  1.00 39.50 ? 163 HIS A CE1 1 
ATOM   1316 N  NE2 . HIS A 1 162 ? 4.955   -0.540  23.513  1.00 31.71 ? 163 HIS A NE2 1 
ATOM   1317 N  N   . HIS A 1 163 ? 0.180   0.724   18.877  1.00 35.54 ? 164 HIS A N   1 
ATOM   1318 C  CA  . HIS A 1 163 ? -0.444  1.243   17.667  1.00 35.45 ? 164 HIS A CA  1 
ATOM   1319 C  C   . HIS A 1 163 ? -1.787  0.561   17.420  1.00 38.51 ? 164 HIS A C   1 
ATOM   1320 O  O   . HIS A 1 163 ? -2.172  0.279   16.287  1.00 34.39 ? 164 HIS A O   1 
ATOM   1321 C  CB  . HIS A 1 163 ? 0.492   1.058   16.468  1.00 33.82 ? 164 HIS A CB  1 
ATOM   1322 C  CG  . HIS A 1 163 ? 1.824   1.725   16.634  1.00 31.16 ? 164 HIS A CG  1 
ATOM   1323 N  ND1 . HIS A 1 163 ? 2.021   3.065   16.381  1.00 30.66 ? 164 HIS A ND1 1 
ATOM   1324 C  CD2 . HIS A 1 163 ? 3.020   1.240   17.044  1.00 33.74 ? 164 HIS A CD2 1 
ATOM   1325 C  CE1 . HIS A 1 163 ? 3.283   3.376   16.619  1.00 33.29 ? 164 HIS A CE1 1 
ATOM   1326 N  NE2 . HIS A 1 163 ? 3.911   2.287   17.028  1.00 30.72 ? 164 HIS A NE2 1 
ATOM   1327 O  OXT . HIS A 1 163 ? -2.526  0.275   18.364  1.00 42.84 ? 164 HIS A OXT 1 
HETATM 1328 ZN ZN  . ZN  B 2 .   ? 2.331   -5.439  11.903  1.00 28.94 ? 201 ZN  A ZN  1 
HETATM 1329 ZN ZN  . ZN  C 2 .   ? 5.829   2.412   17.580  1.00 31.85 ? 202 ZN  A ZN  1 
HETATM 1330 C  CAD . MKS D 3 .   ? 4.292   3.243   0.883   1.00 35.43 ? 203 MKS A CAD 1 
HETATM 1331 C  CAS . MKS D 3 .   ? 5.292   2.371   1.663   1.00 37.59 ? 203 MKS A CAS 1 
HETATM 1332 C  CAE . MKS D 3 .   ? 4.845   1.641   2.903   1.00 38.70 ? 203 MKS A CAE 1 
HETATM 1333 C  CAK . MKS D 3 .   ? 6.731   2.223   1.190   1.00 39.20 ? 203 MKS A CAK 1 
HETATM 1334 C  CAO . MKS D 3 .   ? 7.038   2.304   -0.327  1.00 33.88 ? 203 MKS A CAO 1 
HETATM 1335 C  CAX . MKS D 3 .   ? 7.518   1.029   -1.042  1.00 33.36 ? 203 MKS A CAX 1 
HETATM 1336 C  CBD . MKS D 3 .   ? 8.924   0.582   -1.092  1.00 34.77 ? 203 MKS A CBD 1 
HETATM 1337 C  CAZ . MKS D 3 .   ? 10.050  1.205   -0.320  1.00 35.80 ? 203 MKS A CAZ 1 
HETATM 1338 O  OAF . MKS D 3 .   ? 9.896   2.116   0.725   1.00 38.63 ? 203 MKS A OAF 1 
HETATM 1339 C  CBC . MKS D 3 .   ? 11.398  0.633   -0.518  1.00 36.84 ? 203 MKS A CBC 1 
HETATM 1340 C  CAV . MKS D 3 .   ? 12.506  1.183   0.180   1.00 42.24 ? 203 MKS A CAV 1 
HETATM 1341 O  OAI . MKS D 3 .   ? 12.293  2.228   1.061   1.00 39.18 ? 203 MKS A OAI 1 
HETATM 1342 C  CAW . MKS D 3 .   ? 13.812  0.772   -0.150  1.00 40.75 ? 203 MKS A CAW 1 
HETATM 1343 C  CAN . MKS D 3 .   ? 14.995  1.332   0.575   1.00 46.95 ? 203 MKS A CAN 1 
HETATM 1344 C  CAJ . MKS D 3 .   ? 15.687  2.534   -0.041  1.00 47.97 ? 203 MKS A CAJ 1 
HETATM 1345 C  CAR . MKS D 3 .   ? 17.216  2.409   -0.291  1.00 48.97 ? 203 MKS A CAR 1 
HETATM 1346 C  CAC . MKS D 3 .   ? 17.815  2.896   -1.592  1.00 51.46 ? 203 MKS A CAC 1 
HETATM 1347 C  CAB . MKS D 3 .   ? 18.101  1.807   0.750   1.00 51.66 ? 203 MKS A CAB 1 
HETATM 1348 C  CAT . MKS D 3 .   ? 14.016  -0.196  -1.189  1.00 43.17 ? 203 MKS A CAT 1 
HETATM 1349 O  OAG . MKS D 3 .   ? 15.301  -0.597  -1.513  1.00 45.71 ? 203 MKS A OAG 1 
HETATM 1350 C  CAL . MKS D 3 .   ? 12.923  -0.735  -1.878  1.00 38.59 ? 203 MKS A CAL 1 
HETATM 1351 C  CBA . MKS D 3 .   ? 11.597  -0.312  -1.534  1.00 37.59 ? 203 MKS A CBA 1 
HETATM 1352 O  OAQ . MKS D 3 .   ? 10.543  -0.964  -2.073  1.00 34.64 ? 203 MKS A OAQ 1 
HETATM 1353 C  CBB . MKS D 3 .   ? 9.239   -0.574  -1.818  1.00 33.12 ? 203 MKS A CBB 1 
HETATM 1354 C  CAM . MKS D 3 .   ? 8.212   -1.328  -2.512  1.00 31.84 ? 203 MKS A CAM 1 
HETATM 1355 C  CAU . MKS D 3 .   ? 6.873   -0.889  -2.461  1.00 31.59 ? 203 MKS A CAU 1 
HETATM 1356 O  OAH . MKS D 3 .   ? 5.879   -1.630  -3.099  1.00 30.13 ? 203 MKS A OAH 1 
HETATM 1357 C  CAY . MKS D 3 .   ? 6.529   0.287   -1.726  1.00 33.05 ? 203 MKS A CAY 1 
HETATM 1358 O  OAP . MKS D 3 .   ? 5.190   0.560   -1.481  1.00 35.95 ? 203 MKS A OAP 1 
HETATM 1359 C  CAA . MKS D 3 .   ? 4.457   -0.217  -0.568  1.00 31.27 ? 203 MKS A CAA 1 
HETATM 1360 S  S   . SO4 E 4 .   ? 4.292   -2.979  19.198  0.50 32.57 ? 204 SO4 A S   1 
HETATM 1361 O  O1  . SO4 E 4 .   ? 5.610   -2.846  19.811  0.50 33.79 ? 204 SO4 A O1  1 
HETATM 1362 O  O2  . SO4 E 4 .   ? 3.549   -4.049  19.854  0.50 33.66 ? 204 SO4 A O2  1 
HETATM 1363 O  O3  . SO4 E 4 .   ? 3.545   -1.735  19.345  0.50 33.81 ? 204 SO4 A O3  1 
HETATM 1364 O  O4  . SO4 E 4 .   ? 4.462   -3.282  17.782  0.50 33.57 ? 204 SO4 A O4  1 
HETATM 1365 O  O   . HOH F 5 .   ? -4.902  3.174   -3.970  1.00 33.91 ? 301 HOH A O   1 
HETATM 1366 O  O   . HOH F 5 .   ? -3.065  10.156  13.393  1.00 40.54 ? 302 HOH A O   1 
HETATM 1367 O  O   . HOH F 5 .   ? 3.297   -0.894  -3.750  1.00 29.57 ? 303 HOH A O   1 
HETATM 1368 O  O   . HOH F 5 .   ? 15.885  -5.000  5.654   1.00 47.04 ? 304 HOH A O   1 
HETATM 1369 O  O   . HOH F 5 .   ? 3.185   4.581   19.711  1.00 34.22 ? 305 HOH A O   1 
HETATM 1370 O  O   . HOH F 5 .   ? -3.867  -1.614  16.092  1.00 39.11 ? 306 HOH A O   1 
HETATM 1371 O  O   . HOH F 5 .   ? 3.970   1.026   -6.693  1.00 33.89 ? 307 HOH A O   1 
HETATM 1372 O  O   . HOH F 5 .   ? 21.608  -7.508  3.460   1.00 56.07 ? 308 HOH A O   1 
HETATM 1373 O  O   . HOH F 5 .   ? -15.774 1.010   -11.348 1.00 45.42 ? 309 HOH A O   1 
HETATM 1374 O  O   . HOH F 5 .   ? -17.568 4.183   9.470   1.00 50.97 ? 310 HOH A O   1 
HETATM 1375 O  O   . HOH F 5 .   ? 0.721   14.056  1.038   1.00 37.61 ? 311 HOH A O   1 
HETATM 1376 O  O   . HOH F 5 .   ? -8.441  -15.247 0.631   1.00 45.98 ? 312 HOH A O   1 
HETATM 1377 O  O   . HOH F 5 .   ? 6.724   4.600   14.150  1.00 42.11 ? 313 HOH A O   1 
HETATM 1378 O  O   . HOH F 5 .   ? 3.513   -7.460  7.397   1.00 31.36 ? 314 HOH A O   1 
HETATM 1379 O  O   . HOH F 5 .   ? 17.437  -1.980  -7.747  1.00 48.26 ? 315 HOH A O   1 
HETATM 1380 O  O   . HOH F 5 .   ? 2.131   5.830   -0.938  1.00 46.96 ? 316 HOH A O   1 
HETATM 1381 O  O   . HOH F 5 .   ? -4.939  17.023  -8.143  1.00 30.72 ? 317 HOH A O   1 
HETATM 1382 O  O   . HOH F 5 .   ? -7.977  3.412   15.164  1.00 44.17 ? 318 HOH A O   1 
HETATM 1383 O  O   . HOH F 5 .   ? -2.198  -4.613  15.622  1.00 35.13 ? 319 HOH A O   1 
HETATM 1384 O  O   . HOH F 5 .   ? -0.964  1.186   -18.470 1.00 53.60 ? 320 HOH A O   1 
HETATM 1385 O  O   . HOH F 5 .   ? 13.309  11.542  -6.876  1.00 44.89 ? 321 HOH A O   1 
HETATM 1386 O  O   . HOH F 5 .   ? 3.923   6.538   -5.489  1.00 39.66 ? 322 HOH A O   1 
HETATM 1387 O  O   . HOH F 5 .   ? 14.745  -16.414 -5.744  1.00 39.25 ? 323 HOH A O   1 
HETATM 1388 O  O   . HOH F 5 .   ? -8.848  9.085   5.062   1.00 35.72 ? 324 HOH A O   1 
HETATM 1389 O  O   . HOH F 5 .   ? 3.925   8.998   7.962   1.00 41.71 ? 325 HOH A O   1 
HETATM 1390 O  O   . HOH F 5 .   ? 0.509   5.183   8.070   1.00 32.16 ? 326 HOH A O   1 
HETATM 1391 O  O   . HOH F 5 .   ? -8.426  8.144   -15.606 1.00 30.73 ? 327 HOH A O   1 
HETATM 1392 O  O   . HOH F 5 .   ? -15.509 2.512   3.064   1.00 43.72 ? 328 HOH A O   1 
HETATM 1393 O  O   . HOH F 5 .   ? -3.313  -7.265  10.795  1.00 45.56 ? 329 HOH A O   1 
HETATM 1394 O  O   . HOH F 5 .   ? 6.376   8.986   14.915  1.00 45.53 ? 330 HOH A O   1 
HETATM 1395 O  O   . HOH F 5 .   ? 8.018   13.425  -0.498  1.00 53.01 ? 331 HOH A O   1 
HETATM 1396 O  O   . HOH F 5 .   ? -9.424  17.446  -7.886  1.00 34.31 ? 332 HOH A O   1 
HETATM 1397 O  O   . HOH F 5 .   ? -4.685  16.018  -0.927  1.00 36.34 ? 333 HOH A O   1 
HETATM 1398 O  O   . HOH F 5 .   ? 4.943   -3.615  -10.662 1.00 31.32 ? 334 HOH A O   1 
HETATM 1399 O  O   . HOH F 5 .   ? -3.884  -4.698  9.563   1.00 32.86 ? 335 HOH A O   1 
HETATM 1400 O  O   . HOH F 5 .   ? 0.899   -7.117  22.203  1.00 37.77 ? 336 HOH A O   1 
HETATM 1401 O  O   . HOH F 5 .   ? 0.181   20.564  -4.225  1.00 42.54 ? 337 HOH A O   1 
HETATM 1402 O  O   . HOH F 5 .   ? -10.946 4.765   -14.355 1.00 31.65 ? 338 HOH A O   1 
HETATM 1403 O  O   . HOH F 5 .   ? -3.857  -5.343  6.918   1.00 32.47 ? 339 HOH A O   1 
HETATM 1404 O  O   . HOH F 5 .   ? 0.659   12.588  -12.556 1.00 36.84 ? 340 HOH A O   1 
HETATM 1405 O  O   . HOH F 5 .   ? -12.771 13.920  2.228   1.00 61.49 ? 341 HOH A O   1 
HETATM 1406 O  O   . HOH F 5 .   ? -16.943 3.021   -9.998  1.00 46.14 ? 342 HOH A O   1 
HETATM 1407 O  O   . HOH F 5 .   ? 6.147   7.842   5.526   1.00 38.49 ? 343 HOH A O   1 
HETATM 1408 O  O   . HOH F 5 .   ? 13.449  7.315   -6.051  1.00 43.61 ? 344 HOH A O   1 
HETATM 1409 O  O   . HOH F 5 .   ? -6.514  9.503   11.286  1.00 43.59 ? 345 HOH A O   1 
HETATM 1410 O  O   . HOH F 5 .   ? 4.886   17.723  1.244   1.00 51.26 ? 346 HOH A O   1 
HETATM 1411 O  O   . HOH F 5 .   ? 2.018   5.537   -16.337 1.00 46.53 ? 347 HOH A O   1 
HETATM 1412 O  O   . HOH F 5 .   ? -17.704 -3.927  -13.405 1.00 43.60 ? 348 HOH A O   1 
HETATM 1413 O  O   . HOH F 5 .   ? -18.301 12.440  -1.801  1.00 48.27 ? 349 HOH A O   1 
HETATM 1414 O  O   . HOH F 5 .   ? -10.311 0.005   -19.766 1.00 46.00 ? 350 HOH A O   1 
HETATM 1415 O  O   . HOH F 5 .   ? 8.649   -2.275  -11.664 1.00 43.90 ? 351 HOH A O   1 
HETATM 1416 O  O   . HOH F 5 .   ? -10.752 8.373   6.647   1.00 38.54 ? 352 HOH A O   1 
HETATM 1417 O  O   . HOH F 5 .   ? -2.445  -6.386  12.937  1.00 34.51 ? 353 HOH A O   1 
HETATM 1418 O  O   . HOH F 5 .   ? -13.481 10.594  -8.232  1.00 39.23 ? 354 HOH A O   1 
HETATM 1419 O  O   . HOH F 5 .   ? -15.062 9.736   -10.542 1.00 40.08 ? 355 HOH A O   1 
HETATM 1420 O  O   . HOH F 5 .   ? 6.099   5.702   -5.014  1.00 43.04 ? 356 HOH A O   1 
HETATM 1421 O  O   . HOH F 5 .   ? -8.895  13.489  -9.146  1.00 44.00 ? 357 HOH A O   1 
HETATM 1422 O  O   . HOH F 5 .   ? -11.696 -14.661 3.045   1.00 43.18 ? 358 HOH A O   1 
HETATM 1423 O  O   . HOH F 5 .   ? -8.364  10.472  -12.806 1.00 32.24 ? 359 HOH A O   1 
HETATM 1424 O  O   . HOH F 5 .   ? -12.546 0.384   9.336   1.00 45.08 ? 360 HOH A O   1 
HETATM 1425 O  O   . HOH F 5 .   ? 18.139  1.004   -7.132  1.00 46.10 ? 361 HOH A O   1 
HETATM 1426 O  O   . HOH F 5 .   ? 6.088   15.571  -0.543  1.00 48.21 ? 362 HOH A O   1 
HETATM 1427 O  O   . HOH F 5 .   ? -5.418  -2.946  11.529  1.00 39.99 ? 363 HOH A O   1 
HETATM 1428 O  O   . HOH F 5 .   ? 3.043   -1.819  -17.521 1.00 38.39 ? 364 HOH A O   1 
HETATM 1429 O  O   . HOH F 5 .   ? -6.934  18.460  4.973   1.00 50.93 ? 365 HOH A O   1 
HETATM 1430 O  O   . HOH F 5 .   ? -2.760  21.026  -3.553  1.00 44.20 ? 366 HOH A O   1 
HETATM 1431 O  O   . HOH F 5 .   ? 5.171   4.242   24.246  1.00 55.98 ? 367 HOH A O   1 
HETATM 1432 O  O   . HOH F 5 .   ? -12.647 -2.601  -1.941  1.00 42.23 ? 368 HOH A O   1 
HETATM 1433 O  O   . HOH F 5 .   ? -15.768 0.912   -16.631 1.00 48.31 ? 369 HOH A O   1 
HETATM 1434 O  O   . HOH F 5 .   ? -16.599 7.410   -6.421  1.00 41.59 ? 370 HOH A O   1 
HETATM 1435 O  O   . HOH F 5 .   ? 1.267   8.064   -16.273 1.00 42.56 ? 371 HOH A O   1 
HETATM 1436 O  O   . HOH F 5 .   ? -2.719  2.148   21.143  1.00 54.44 ? 372 HOH A O   1 
HETATM 1437 O  O   . HOH F 5 .   ? 8.724   4.994   -13.275 1.00 48.67 ? 373 HOH A O   1 
HETATM 1438 O  O   . HOH F 5 .   ? -3.376  -5.388  -15.966 1.00 49.15 ? 374 HOH A O   1 
HETATM 1439 O  O   . HOH F 5 .   ? 15.604  -8.970  11.142  1.00 60.69 ? 375 HOH A O   1 
HETATM 1440 O  O   . HOH F 5 .   ? -7.329  -11.545 17.339  1.00 53.75 ? 376 HOH A O   1 
HETATM 1441 O  O   . HOH F 5 .   ? 4.149   -17.816 -5.109  1.00 49.61 ? 377 HOH A O   1 
HETATM 1442 O  O   . HOH F 5 .   ? -1.419  4.981   20.428  1.00 55.81 ? 378 HOH A O   1 
HETATM 1443 O  O   . HOH F 5 .   ? -17.192 5.049   -12.390 1.00 44.54 ? 379 HOH A O   1 
HETATM 1444 O  O   . HOH F 5 .   ? -11.416 12.500  -9.516  1.00 40.52 ? 380 HOH A O   1 
HETATM 1445 O  O   . HOH F 5 .   ? -5.696  -13.483 16.035  1.00 52.78 ? 381 HOH A O   1 
HETATM 1446 O  O   . HOH F 5 .   ? -17.667 15.370  -2.965  1.00 54.96 ? 382 HOH A O   1 
# 
